data_3C1T
#
_entry.id   3C1T
#
_cell.length_a   47.231
_cell.length_b   177.958
_cell.length_c   92.597
_cell.angle_alpha   90.00
_cell.angle_beta   104.77
_cell.angle_gamma   90.00
#
_symmetry.space_group_name_H-M   'P 1 21 1'
#
loop_
_entity.id
_entity.type
_entity.pdbx_description
1 polymer 'dihydroflavonol 4-reductase'
2 non-polymer 'NADP NICOTINAMIDE-ADENINE-DINUCLEOTIDE PHOSPHATE'
3 non-polymer 3,5,7-TRIHYDROXY-2-(3,4,5-TRIHYDROXYPHENYL)-4H-CHROMEN-4-ONE
4 water water
#
_entity_poly.entity_id   1
_entity_poly.type   'polypeptide(L)'
_entity_poly.pdbx_seq_one_letter_code
;MGSQSETVCVTGASGFIGSWLVMRLLERGYTVRATVRDPTNVKKVKHLLDLPKAETHLTLWKADLADEGSFDEAIKGCTG
VFHVATPMDFESKDPENEVIKPTIEGMLGIMKSCAAAKTVRRLVFTSSAGTVNIQEHQLPVYDESCWSDMEFCRAKKMTA
WMYFVSKTLAEQAAWKYAKENNIDFITIIPTLVVGPFIMSSMPPSLITALSPITGNEAHYSIIRQGQFVHLDDLCNAHIY
LFENPKAEGRYICSSHDCIILDLAKMLREKYPEYNIPTEFKGVDENLKSVCFSSKKLTDLGFEFKYSLEDMFTGAVDTCR
AKGLLPPSHEKPVDGKT
;
_entity_poly.pdbx_strand_id   A,B,C,D
#
loop_
_chem_comp.id
_chem_comp.type
_chem_comp.name
_chem_comp.formula
MYC non-polymer 3,5,7-TRIHYDROXY-2-(3,4,5-TRIHYDROXYPHENYL)-4H-CHROMEN-4-ONE 'C15 H10 O8'
NAP non-polymer 'NADP NICOTINAMIDE-ADENINE-DINUCLEOTIDE PHOSPHATE' 'C21 H28 N7 O17 P3'
#
# COMPACT_ATOMS: atom_id res chain seq x y z
N GLU A 6 -19.90 4.77 -7.62
CA GLU A 6 -18.81 5.79 -7.48
C GLU A 6 -18.35 6.40 -8.80
N THR A 7 -17.65 7.52 -8.72
CA THR A 7 -17.23 8.21 -9.92
C THR A 7 -15.77 8.01 -10.27
N VAL A 8 -15.56 7.50 -11.48
CA VAL A 8 -14.22 7.29 -12.06
C VAL A 8 -13.99 8.08 -13.38
N CYS A 9 -12.78 8.62 -13.53
CA CYS A 9 -12.31 9.23 -14.76
C CYS A 9 -11.45 8.27 -15.64
N VAL A 10 -11.69 8.34 -16.95
CA VAL A 10 -10.95 7.60 -17.93
C VAL A 10 -10.44 8.58 -18.94
N THR A 11 -9.14 8.74 -19.04
CA THR A 11 -8.54 9.57 -20.08
C THR A 11 -8.40 8.76 -21.39
N GLY A 12 -8.38 9.43 -22.54
CA GLY A 12 -8.24 8.70 -23.79
C GLY A 12 -9.45 7.82 -24.06
N ALA A 13 -10.62 8.28 -23.66
CA ALA A 13 -11.88 7.54 -23.83
C ALA A 13 -12.25 7.31 -25.32
N SER A 14 -11.70 8.14 -26.23
CA SER A 14 -11.95 8.02 -27.65
C SER A 14 -11.17 6.85 -28.30
N GLY A 15 -10.16 6.36 -27.59
CA GLY A 15 -9.28 5.33 -28.07
C GLY A 15 -9.78 3.90 -27.98
N PHE A 16 -8.95 3.01 -28.51
CA PHE A 16 -9.23 1.59 -28.61
C PHE A 16 -9.42 0.97 -27.23
N ILE A 17 -8.45 1.15 -26.34
CA ILE A 17 -8.62 0.65 -24.96
C ILE A 17 -9.58 1.49 -24.12
N GLY A 18 -9.39 2.81 -24.18
CA GLY A 18 -10.22 3.70 -23.40
C GLY A 18 -11.72 3.52 -23.60
N SER A 19 -12.18 3.45 -24.85
CA SER A 19 -13.66 3.34 -25.08
C SER A 19 -14.19 2.02 -24.61
N TRP A 20 -13.37 0.98 -24.71
CA TRP A 20 -13.83 -0.35 -24.26
C TRP A 20 -13.92 -0.41 -22.74
N LEU A 21 -12.97 0.23 -22.08
CA LEU A 21 -12.97 0.33 -20.63
C LEU A 21 -14.16 1.10 -20.08
N VAL A 22 -14.40 2.29 -20.63
CA VAL A 22 -15.62 3.05 -20.32
C VAL A 22 -16.87 2.17 -20.45
N MET A 23 -16.97 1.47 -21.57
CA MET A 23 -18.09 0.56 -21.78
C MET A 23 -18.26 -0.38 -20.59
N ARG A 24 -17.18 -1.09 -20.24
CA ARG A 24 -17.13 -2.03 -19.13
C ARG A 24 -17.38 -1.37 -17.77
N LEU A 25 -16.80 -0.18 -17.54
CA LEU A 25 -17.05 0.51 -16.29
C LEU A 25 -18.52 0.90 -16.17
N LEU A 26 -19.12 1.29 -17.29
CA LEU A 26 -20.56 1.64 -17.33
C LEU A 26 -21.43 0.40 -17.06
N GLU A 27 -21.12 -0.71 -17.73
CA GLU A 27 -21.83 -1.97 -17.49
C GLU A 27 -21.78 -2.49 -16.05
N ARG A 28 -20.70 -2.17 -15.34
CA ARG A 28 -20.48 -2.60 -13.98
C ARG A 28 -21.14 -1.63 -13.00
N GLY A 29 -21.73 -0.56 -13.52
CA GLY A 29 -22.49 0.38 -12.73
C GLY A 29 -21.73 1.56 -12.17
N TYR A 30 -20.55 1.89 -12.72
CA TYR A 30 -19.89 3.14 -12.36
C TYR A 30 -20.53 4.35 -13.08
N THR A 31 -20.27 5.52 -12.53
CA THR A 31 -20.52 6.79 -13.16
C THR A 31 -19.12 7.16 -13.72
N VAL A 32 -19.11 7.42 -15.04
CA VAL A 32 -17.85 7.60 -15.76
C VAL A 32 -17.75 9.02 -16.30
N ARG A 33 -16.59 9.63 -16.09
CA ARG A 33 -16.20 10.84 -16.75
C ARG A 33 -15.13 10.54 -17.82
N ALA A 34 -15.55 10.61 -19.08
CA ALA A 34 -14.70 10.27 -20.18
C ALA A 34 -14.11 11.54 -20.71
N THR A 35 -12.79 11.55 -20.88
CA THR A 35 -12.10 12.74 -21.37
C THR A 35 -11.74 12.54 -22.84
N VAL A 36 -11.86 13.64 -23.60
CA VAL A 36 -11.54 13.70 -25.05
C VAL A 36 -10.91 15.06 -25.27
N ARG A 37 -10.09 15.19 -26.31
CA ARG A 37 -9.45 16.47 -26.62
C ARG A 37 -10.36 17.36 -27.45
N ASP A 38 -11.26 16.71 -28.19
CA ASP A 38 -12.22 17.39 -29.04
C ASP A 38 -13.59 16.72 -28.92
N PRO A 39 -14.44 17.21 -28.03
CA PRO A 39 -15.81 16.72 -28.00
C PRO A 39 -16.71 16.95 -29.21
N THR A 40 -16.35 17.82 -30.15
CA THR A 40 -17.19 17.97 -31.34
C THR A 40 -16.91 16.86 -32.39
N ASN A 41 -15.94 16.00 -32.18
CA ASN A 41 -15.64 14.99 -33.19
C ASN A 41 -16.62 13.83 -33.10
N VAL A 42 -17.62 13.88 -33.95
CA VAL A 42 -18.72 12.92 -33.96
C VAL A 42 -18.26 11.47 -34.13
N LYS A 43 -17.15 11.30 -34.84
CA LYS A 43 -16.71 9.98 -35.24
C LYS A 43 -16.03 9.29 -34.08
N LYS A 44 -15.78 10.06 -33.01
CA LYS A 44 -15.19 9.53 -31.78
C LYS A 44 -16.14 9.58 -30.60
N VAL A 45 -17.04 10.57 -30.53
CA VAL A 45 -17.96 10.65 -29.41
C VAL A 45 -19.27 9.94 -29.65
N LYS A 46 -19.64 9.73 -30.91
CA LYS A 46 -20.85 8.95 -31.19
C LYS A 46 -20.81 7.58 -30.52
N HIS A 47 -19.66 6.91 -30.64
CA HIS A 47 -19.50 5.54 -30.12
CA HIS A 47 -19.58 5.56 -30.13
C HIS A 47 -19.54 5.50 -28.60
N LEU A 48 -19.11 6.59 -27.97
CA LEU A 48 -19.17 6.74 -26.51
C LEU A 48 -20.61 6.95 -26.05
N LEU A 49 -21.30 7.86 -26.73
CA LEU A 49 -22.65 8.25 -26.34
C LEU A 49 -23.68 7.18 -26.68
N ASP A 50 -23.30 6.25 -27.56
CA ASP A 50 -24.09 5.06 -27.85
C ASP A 50 -23.97 3.86 -26.89
N LEU A 51 -23.04 3.92 -25.94
CA LEU A 51 -22.84 2.83 -24.97
C LEU A 51 -23.99 2.77 -23.98
N PRO A 52 -24.33 1.56 -23.51
CA PRO A 52 -25.38 1.42 -22.53
C PRO A 52 -25.14 2.20 -21.25
N LYS A 53 -26.17 2.97 -20.87
CA LYS A 53 -26.18 3.80 -19.68
C LYS A 53 -25.39 5.09 -19.86
N ALA A 54 -24.99 5.40 -21.09
CA ALA A 54 -24.24 6.63 -21.36
C ALA A 54 -25.10 7.84 -21.06
N GLU A 55 -26.40 7.77 -21.39
CA GLU A 55 -27.32 8.88 -21.11
C GLU A 55 -27.31 9.29 -19.66
N THR A 56 -27.29 8.32 -18.75
CA THR A 56 -27.43 8.64 -17.33
C THR A 56 -26.13 8.62 -16.52
N HIS A 57 -25.12 7.90 -17.01
CA HIS A 57 -23.89 7.66 -16.25
C HIS A 57 -22.56 8.04 -16.90
N LEU A 58 -22.62 8.70 -18.04
CA LEU A 58 -21.45 9.12 -18.77
C LEU A 58 -21.51 10.59 -18.97
N THR A 59 -20.45 11.29 -18.61
CA THR A 59 -20.31 12.69 -18.93
C THR A 59 -19.00 12.85 -19.72
N LEU A 60 -18.92 13.89 -20.53
CA LEU A 60 -17.76 14.11 -21.39
C LEU A 60 -16.99 15.35 -20.94
N TRP A 61 -15.68 15.28 -21.05
CA TRP A 61 -14.80 16.31 -20.54
C TRP A 61 -13.63 16.56 -21.48
N LYS A 62 -13.50 17.83 -21.89
CA LYS A 62 -12.46 18.21 -22.83
C LYS A 62 -11.16 18.42 -22.05
N ALA A 63 -10.11 17.70 -22.41
CA ALA A 63 -8.82 17.84 -21.70
C ALA A 63 -7.72 17.41 -22.65
N ASP A 64 -6.52 17.97 -22.48
CA ASP A 64 -5.36 17.68 -23.29
C ASP A 64 -4.16 17.64 -22.34
N LEU A 65 -3.34 16.62 -22.57
CA LEU A 65 -2.19 16.31 -21.72
C LEU A 65 -1.17 17.43 -21.80
N ALA A 66 -1.06 18.09 -22.95
CA ALA A 66 -0.22 19.26 -23.13
C ALA A 66 -0.60 20.47 -22.29
N ASP A 67 -1.87 20.57 -21.91
CA ASP A 67 -2.34 21.72 -21.14
C ASP A 67 -2.34 21.44 -19.67
N GLU A 68 -1.43 22.09 -18.95
CA GLU A 68 -1.26 21.90 -17.50
C GLU A 68 -2.57 22.21 -16.81
N GLY A 69 -2.92 21.40 -15.82
CA GLY A 69 -4.18 21.48 -15.12
C GLY A 69 -5.47 21.06 -15.81
N SER A 70 -5.43 20.63 -17.08
CA SER A 70 -6.70 20.45 -17.80
C SER A 70 -7.56 19.30 -17.31
N PHE A 71 -6.98 18.34 -16.62
CA PHE A 71 -7.71 17.22 -16.05
C PHE A 71 -8.24 17.46 -14.64
N ASP A 72 -8.05 18.69 -14.16
CA ASP A 72 -8.37 19.06 -12.81
C ASP A 72 -9.82 18.86 -12.46
N GLU A 73 -10.71 19.45 -13.25
CA GLU A 73 -12.15 19.42 -12.99
C GLU A 73 -12.74 18.04 -13.21
N ALA A 74 -12.32 17.37 -14.28
CA ALA A 74 -12.76 15.99 -14.53
C ALA A 74 -12.46 15.06 -13.37
N ILE A 75 -11.28 15.21 -12.77
CA ILE A 75 -10.85 14.28 -11.71
C ILE A 75 -11.50 14.65 -10.36
N LYS A 76 -11.68 15.95 -10.11
CA LYS A 76 -12.32 16.41 -8.86
C LYS A 76 -13.66 15.74 -8.59
N GLY A 77 -13.74 15.01 -7.47
CA GLY A 77 -14.91 14.21 -7.10
C GLY A 77 -14.84 12.76 -7.54
N CYS A 78 -13.79 12.42 -8.27
CA CYS A 78 -13.53 11.02 -8.59
C CYS A 78 -12.92 10.24 -7.41
N THR A 79 -13.41 9.02 -7.25
CA THR A 79 -12.77 8.05 -6.38
C THR A 79 -11.64 7.30 -7.11
N GLY A 80 -11.78 7.03 -8.43
CA GLY A 80 -10.71 6.45 -9.29
C GLY A 80 -10.37 7.18 -10.60
N VAL A 81 -9.10 7.15 -11.04
CA VAL A 81 -8.70 7.62 -12.38
C VAL A 81 -8.06 6.46 -13.15
N PHE A 82 -8.44 6.31 -14.42
CA PHE A 82 -7.75 5.40 -15.34
C PHE A 82 -7.10 6.25 -16.41
N HIS A 83 -5.79 6.44 -16.28
CA HIS A 83 -4.98 7.15 -17.25
C HIS A 83 -4.50 6.25 -18.40
N VAL A 84 -5.29 6.23 -19.47
CA VAL A 84 -5.03 5.40 -20.65
C VAL A 84 -4.46 6.23 -21.80
N ALA A 85 -4.77 7.51 -21.84
CA ALA A 85 -4.27 8.33 -22.96
C ALA A 85 -2.74 8.48 -23.00
N THR A 86 -2.19 8.67 -24.20
CA THR A 86 -0.76 8.97 -24.33
C THR A 86 -0.55 9.75 -25.62
N PRO A 87 0.34 10.73 -25.65
CA PRO A 87 0.60 11.46 -26.90
C PRO A 87 1.23 10.59 -27.95
N MET A 88 0.76 10.76 -29.19
CA MET A 88 1.05 9.85 -30.28
C MET A 88 1.69 10.63 -31.44
N LYS A 93 8.49 15.07 -35.67
CA LYS A 93 9.75 15.70 -36.12
C LYS A 93 10.82 15.87 -35.02
N ASP A 94 10.41 16.22 -33.81
CA ASP A 94 11.31 16.23 -32.63
C ASP A 94 10.67 15.49 -31.43
N PRO A 95 10.80 14.14 -31.42
CA PRO A 95 10.11 13.31 -30.43
C PRO A 95 10.41 13.67 -28.99
N GLU A 96 11.65 14.01 -28.71
CA GLU A 96 12.06 14.34 -27.34
C GLU A 96 11.15 15.36 -26.67
N ASN A 97 10.69 16.33 -27.46
CA ASN A 97 9.82 17.39 -26.98
C ASN A 97 8.37 17.23 -27.41
N GLU A 98 8.13 16.64 -28.59
CA GLU A 98 6.76 16.44 -29.09
C GLU A 98 6.04 15.22 -28.47
N VAL A 99 6.80 14.24 -27.97
CA VAL A 99 6.23 12.97 -27.43
C VAL A 99 6.72 12.66 -26.01
N ILE A 100 8.03 12.66 -25.84
CA ILE A 100 8.63 12.25 -24.55
C ILE A 100 8.23 13.11 -23.35
N LYS A 101 8.52 14.42 -23.44
CA LYS A 101 8.27 15.39 -22.37
C LYS A 101 6.78 15.53 -22.08
N PRO A 102 5.98 15.78 -23.11
CA PRO A 102 4.52 15.74 -22.85
C PRO A 102 4.01 14.51 -22.06
N THR A 103 4.51 13.32 -22.37
CA THR A 103 4.01 12.07 -21.76
C THR A 103 4.36 12.05 -20.28
N ILE A 104 5.59 12.43 -19.97
CA ILE A 104 6.02 12.46 -18.57
C ILE A 104 5.21 13.54 -17.83
N GLU A 105 5.21 14.73 -18.41
CA GLU A 105 4.53 15.91 -17.80
C GLU A 105 3.02 15.67 -17.65
N GLY A 106 2.43 15.12 -18.72
CA GLY A 106 1.04 14.66 -18.69
C GLY A 106 0.83 13.72 -17.52
N MET A 107 1.69 12.73 -17.44
CA MET A 107 1.51 11.74 -16.40
C MET A 107 1.50 12.47 -15.08
N LEU A 108 2.58 13.21 -14.78
CA LEU A 108 2.69 13.94 -13.50
C LEU A 108 1.50 14.88 -13.27
N GLY A 109 1.20 15.59 -14.34
CA GLY A 109 -0.02 16.40 -14.49
C GLY A 109 -1.30 15.74 -13.99
N ILE A 110 -1.47 14.44 -14.23
CA ILE A 110 -2.68 13.74 -13.80
C ILE A 110 -2.67 13.22 -12.35
N MET A 111 -1.46 13.01 -11.83
CA MET A 111 -1.28 12.71 -10.40
C MET A 111 -1.38 14.02 -9.59
N LYS A 112 -0.86 15.11 -10.13
CA LYS A 112 -1.05 16.45 -9.53
C LYS A 112 -2.54 16.72 -9.49
N SER A 113 -3.22 16.59 -10.64
CA SER A 113 -4.69 16.72 -10.68
C SER A 113 -5.40 15.80 -9.71
N CYS A 114 -4.92 14.57 -9.51
CA CYS A 114 -5.50 13.63 -8.51
C CYS A 114 -5.34 14.08 -7.05
N ALA A 115 -4.16 14.65 -6.76
CA ALA A 115 -3.83 15.13 -5.41
C ALA A 115 -4.64 16.38 -5.13
N ALA A 116 -4.57 17.33 -6.07
CA ALA A 116 -5.46 18.52 -6.09
C ALA A 116 -6.95 18.19 -5.85
N ALA A 117 -7.38 16.99 -6.23
CA ALA A 117 -8.75 16.53 -6.09
C ALA A 117 -9.09 16.09 -4.68
N LYS A 118 -8.09 15.70 -3.90
CA LYS A 118 -8.29 15.15 -2.53
C LYS A 118 -9.20 13.94 -2.39
N THR A 119 -10.00 13.60 -3.40
CA THR A 119 -10.91 12.43 -3.33
C THR A 119 -10.43 11.14 -4.05
N VAL A 120 -9.27 11.12 -4.72
CA VAL A 120 -8.93 9.89 -5.48
C VAL A 120 -8.33 8.81 -4.55
N ARG A 121 -8.98 7.64 -4.47
CA ARG A 121 -8.42 6.57 -3.64
C ARG A 121 -7.30 5.77 -4.35
N ARG A 122 -7.44 5.60 -5.68
CA ARG A 122 -6.45 4.92 -6.51
C ARG A 122 -6.43 5.45 -7.95
N LEU A 123 -5.21 5.58 -8.50
CA LEU A 123 -4.93 5.96 -9.88
C LEU A 123 -4.35 4.71 -10.57
N VAL A 124 -4.94 4.32 -11.70
CA VAL A 124 -4.49 3.16 -12.46
C VAL A 124 -3.96 3.71 -13.79
N PHE A 125 -2.69 3.46 -14.02
CA PHE A 125 -2.05 3.89 -15.24
C PHE A 125 -1.86 2.69 -16.19
N THR A 126 -2.29 2.85 -17.45
CA THR A 126 -2.02 1.87 -18.51
C THR A 126 -0.61 2.22 -19.01
N SER A 127 0.33 1.31 -18.78
CA SER A 127 1.74 1.46 -19.20
C SER A 127 1.86 0.71 -20.51
N SER A 128 3.03 0.16 -20.76
CA SER A 128 3.32 -0.46 -22.04
C SER A 128 4.43 -1.51 -21.91
N ALA A 129 4.30 -2.55 -22.71
CA ALA A 129 5.28 -3.62 -22.83
C ALA A 129 6.60 -3.01 -23.22
N GLY A 130 6.56 -1.89 -23.96
CA GLY A 130 7.75 -1.11 -24.25
C GLY A 130 8.52 -0.52 -23.07
N THR A 131 7.92 -0.46 -21.91
CA THR A 131 8.66 -0.23 -20.68
C THR A 131 9.41 -1.44 -20.06
N VAL A 132 9.23 -2.65 -20.61
CA VAL A 132 9.66 -3.87 -19.95
C VAL A 132 10.78 -4.57 -20.68
N ASN A 133 10.63 -4.79 -21.97
CA ASN A 133 11.57 -5.62 -22.72
C ASN A 133 12.34 -5.00 -23.87
N ILE A 134 12.62 -3.71 -23.87
CA ILE A 134 13.43 -3.10 -24.95
C ILE A 134 14.89 -3.09 -24.51
N GLN A 135 15.56 -4.21 -24.77
CA GLN A 135 16.98 -4.29 -24.63
C GLN A 135 17.48 -5.16 -25.74
N GLU A 136 18.78 -5.12 -25.98
CA GLU A 136 19.40 -5.89 -27.05
C GLU A 136 19.24 -7.39 -26.89
N HIS A 137 19.50 -7.94 -25.71
CA HIS A 137 19.28 -9.39 -25.48
C HIS A 137 17.91 -9.62 -24.86
N GLN A 138 17.15 -10.56 -25.41
CA GLN A 138 15.84 -10.93 -24.90
C GLN A 138 15.89 -12.09 -23.92
N LEU A 139 15.46 -11.82 -22.69
CA LEU A 139 15.22 -12.84 -21.71
C LEU A 139 14.08 -13.77 -22.20
N PRO A 140 14.05 -15.00 -21.72
CA PRO A 140 12.96 -15.89 -22.08
C PRO A 140 11.65 -15.57 -21.41
N VAL A 141 11.71 -14.96 -20.24
CA VAL A 141 10.52 -14.59 -19.55
C VAL A 141 10.77 -13.19 -18.92
N TYR A 142 9.85 -12.25 -19.16
CA TYR A 142 9.86 -10.93 -18.53
C TYR A 142 8.87 -10.95 -17.38
N ASP A 143 9.23 -10.23 -16.32
CA ASP A 143 8.30 -9.93 -15.28
C ASP A 143 8.36 -8.46 -14.89
N GLU A 144 7.60 -8.07 -13.87
CA GLU A 144 7.47 -6.69 -13.39
C GLU A 144 8.74 -6.04 -12.82
N SER A 145 9.78 -6.81 -12.55
CA SER A 145 11.04 -6.20 -12.10
C SER A 145 11.85 -5.71 -13.30
N CYS A 146 11.41 -6.06 -14.50
CA CYS A 146 12.19 -5.74 -15.68
C CYS A 146 11.86 -4.37 -16.24
N TRP A 147 12.87 -3.63 -16.65
CA TRP A 147 12.68 -2.33 -17.25
C TRP A 147 13.49 -2.21 -18.52
N SER A 148 12.98 -1.44 -19.46
CA SER A 148 13.64 -1.21 -20.74
C SER A 148 14.90 -0.40 -20.61
N ASP A 149 15.74 -0.50 -21.64
CA ASP A 149 17.10 0.03 -21.65
C ASP A 149 17.06 1.30 -22.46
N MET A 150 17.08 2.41 -21.75
CA MET A 150 16.94 3.72 -22.39
C MET A 150 18.08 4.07 -23.36
N GLU A 151 19.31 3.77 -22.98
CA GLU A 151 20.45 4.03 -23.87
C GLU A 151 20.40 3.20 -25.16
N PHE A 152 19.89 1.97 -25.09
CA PHE A 152 19.63 1.15 -26.29
C PHE A 152 18.50 1.75 -27.14
N CYS A 153 17.49 2.34 -26.51
CA CYS A 153 16.46 3.00 -27.30
C CYS A 153 17.07 4.19 -28.05
N ARG A 154 17.74 5.06 -27.34
CA ARG A 154 18.25 6.28 -27.95
C ARG A 154 19.31 6.01 -29.02
N ALA A 155 20.15 5.00 -28.80
CA ALA A 155 21.30 4.73 -29.66
C ALA A 155 20.90 4.00 -30.92
N LYS A 156 19.87 3.16 -30.84
CA LYS A 156 19.49 2.33 -31.98
C LYS A 156 18.34 2.96 -32.79
N LYS A 157 17.43 3.64 -32.10
CA LYS A 157 16.22 4.24 -32.66
C LYS A 157 15.40 3.32 -33.55
N MET A 158 14.93 2.23 -32.97
CA MET A 158 14.07 1.32 -33.71
C MET A 158 12.72 2.02 -33.90
N THR A 159 11.88 1.48 -34.77
CA THR A 159 10.49 1.93 -34.84
C THR A 159 9.95 2.10 -33.39
N ALA A 160 9.13 3.12 -33.17
CA ALA A 160 8.49 3.40 -31.89
C ALA A 160 9.44 3.65 -30.72
N TRP A 161 10.72 3.87 -30.95
CA TRP A 161 11.66 4.09 -29.83
C TRP A 161 11.22 5.17 -28.87
N MET A 162 10.59 6.20 -29.43
CA MET A 162 10.18 7.35 -28.64
C MET A 162 9.01 7.01 -27.71
N TYR A 163 8.24 6.00 -28.06
CA TYR A 163 7.13 5.53 -27.20
C TYR A 163 7.61 4.57 -26.12
N PHE A 164 8.67 3.84 -26.42
CA PHE A 164 9.37 3.04 -25.43
C PHE A 164 9.91 4.00 -24.41
N VAL A 165 10.69 4.97 -24.90
CA VAL A 165 11.33 5.92 -24.03
C VAL A 165 10.33 6.78 -23.27
N SER A 166 9.27 7.24 -23.96
CA SER A 166 8.27 8.11 -23.31
C SER A 166 7.52 7.47 -22.13
N LYS A 167 7.07 6.24 -22.36
CA LYS A 167 6.33 5.48 -21.38
C LYS A 167 7.23 4.95 -20.27
N THR A 168 8.46 4.57 -20.57
CA THR A 168 9.34 4.12 -19.49
C THR A 168 9.58 5.30 -18.53
N LEU A 169 10.03 6.41 -19.11
CA LEU A 169 10.35 7.61 -18.32
C LEU A 169 9.14 8.12 -17.56
N ALA A 170 7.98 8.14 -18.22
CA ALA A 170 6.73 8.57 -17.55
C ALA A 170 6.36 7.64 -16.39
N GLU A 171 6.52 6.33 -16.55
CA GLU A 171 6.11 5.44 -15.48
C GLU A 171 7.08 5.56 -14.29
N GLN A 172 8.36 5.70 -14.58
CA GLN A 172 9.36 5.86 -13.52
C GLN A 172 9.16 7.18 -12.78
N ALA A 173 9.01 8.27 -13.53
CA ALA A 173 8.73 9.58 -12.94
C ALA A 173 7.50 9.53 -12.08
N ALA A 174 6.47 8.84 -12.57
CA ALA A 174 5.23 8.61 -11.81
C ALA A 174 5.36 7.78 -10.53
N TRP A 175 6.15 6.70 -10.56
CA TRP A 175 6.44 5.96 -9.33
C TRP A 175 7.16 6.86 -8.29
N LYS A 176 8.04 7.76 -8.70
CA LYS A 176 8.71 8.62 -7.74
C LYS A 176 7.64 9.35 -6.91
N TYR A 177 6.96 10.27 -7.59
CA TYR A 177 5.72 10.97 -7.15
C TYR A 177 4.70 10.14 -6.35
N ALA A 178 4.30 8.99 -6.84
CA ALA A 178 3.40 8.12 -6.05
C ALA A 178 3.85 7.75 -4.60
N LYS A 179 5.16 7.52 -4.39
CA LYS A 179 5.66 7.13 -3.05
C LYS A 179 5.74 8.38 -2.18
N GLU A 180 6.31 9.44 -2.74
CA GLU A 180 6.32 10.75 -2.09
C GLU A 180 4.96 11.18 -1.51
N ASN A 181 3.90 11.14 -2.31
CA ASN A 181 2.66 11.83 -1.93
C ASN A 181 1.53 10.91 -1.54
N ASN A 182 1.83 9.81 -0.88
CA ASN A 182 0.79 8.81 -0.56
C ASN A 182 -0.29 8.55 -1.63
N ILE A 183 0.03 8.91 -2.88
CA ILE A 183 -0.86 8.64 -4.01
C ILE A 183 -0.74 7.15 -4.19
N ASP A 184 -1.86 6.46 -4.05
CA ASP A 184 -1.93 5.05 -4.24
C ASP A 184 -2.07 4.75 -5.75
N PHE A 185 -0.98 4.23 -6.30
CA PHE A 185 -0.76 4.06 -7.74
C PHE A 185 -0.61 2.59 -8.14
N ILE A 186 -1.33 2.18 -9.17
CA ILE A 186 -1.14 0.87 -9.77
C ILE A 186 -0.71 1.13 -11.22
N THR A 187 0.13 0.25 -11.80
CA THR A 187 0.38 0.27 -13.27
C THR A 187 -0.03 -1.08 -13.87
N ILE A 188 -0.58 -1.03 -15.09
CA ILE A 188 -0.88 -2.26 -15.84
C ILE A 188 -0.13 -2.17 -17.14
N ILE A 189 0.62 -3.22 -17.44
CA ILE A 189 1.45 -3.37 -18.62
C ILE A 189 0.85 -4.42 -19.57
N PRO A 190 0.14 -3.94 -20.62
CA PRO A 190 -0.31 -4.84 -21.66
C PRO A 190 0.76 -5.13 -22.69
N THR A 191 0.62 -6.29 -23.30
CA THR A 191 1.43 -6.58 -24.46
C THR A 191 0.51 -6.14 -25.62
N LEU A 192 0.59 -6.75 -26.79
CA LEU A 192 -0.18 -6.33 -27.94
C LEU A 192 -1.63 -6.63 -27.66
N VAL A 193 -2.44 -5.57 -27.66
CA VAL A 193 -3.86 -5.68 -27.38
C VAL A 193 -4.63 -5.86 -28.71
N VAL A 194 -5.44 -6.92 -28.70
CA VAL A 194 -6.07 -7.45 -29.92
C VAL A 194 -7.46 -7.87 -29.50
N GLY A 195 -8.44 -7.55 -30.33
CA GLY A 195 -9.81 -7.94 -29.99
C GLY A 195 -10.77 -7.24 -30.92
N PRO A 196 -12.05 -7.38 -30.65
CA PRO A 196 -13.03 -6.51 -31.33
C PRO A 196 -12.91 -5.10 -30.74
N PHE A 197 -13.58 -4.12 -31.35
CA PHE A 197 -13.48 -2.73 -30.90
C PHE A 197 -14.71 -1.93 -31.26
N ILE A 198 -14.88 -0.78 -30.62
CA ILE A 198 -16.14 -0.03 -30.77
C ILE A 198 -16.01 1.20 -31.65
N MET A 199 -14.77 1.56 -31.94
CA MET A 199 -14.41 2.72 -32.75
C MET A 199 -14.52 2.34 -34.23
N SER A 200 -14.55 3.35 -35.10
CA SER A 200 -14.65 3.11 -36.54
C SER A 200 -13.36 3.36 -37.24
N SER A 201 -12.37 3.89 -36.54
CA SER A 201 -11.02 3.91 -37.06
C SER A 201 -10.32 2.59 -36.69
N MET A 202 -9.22 2.33 -37.38
CA MET A 202 -8.47 1.08 -37.26
C MET A 202 -7.64 1.16 -36.00
N PRO A 203 -7.87 0.28 -35.01
CA PRO A 203 -6.94 0.42 -33.87
C PRO A 203 -5.45 0.27 -34.25
N PRO A 204 -4.61 1.19 -33.75
CA PRO A 204 -3.21 1.08 -34.05
C PRO A 204 -2.58 -0.29 -33.81
N SER A 205 -2.95 -0.99 -32.72
CA SER A 205 -2.29 -2.25 -32.43
C SER A 205 -2.82 -3.39 -33.35
N LEU A 206 -4.00 -3.16 -33.93
CA LEU A 206 -4.52 -4.07 -34.99
C LEU A 206 -3.82 -3.85 -36.32
N ILE A 207 -3.31 -2.65 -36.58
CA ILE A 207 -2.44 -2.48 -37.74
C ILE A 207 -1.27 -3.46 -37.53
N THR A 208 -0.74 -3.56 -36.30
CA THR A 208 0.40 -4.45 -36.03
C THR A 208 -0.05 -5.91 -36.02
N ALA A 209 -1.14 -6.26 -35.35
CA ALA A 209 -1.52 -7.65 -35.18
C ALA A 209 -1.91 -8.35 -36.48
N LEU A 210 -2.52 -7.62 -37.41
CA LEU A 210 -3.06 -8.24 -38.62
C LEU A 210 -2.08 -8.00 -39.78
N SER A 211 -0.85 -7.57 -39.44
CA SER A 211 0.21 -7.37 -40.41
C SER A 211 0.56 -8.64 -41.24
N PRO A 212 0.53 -9.85 -40.66
CA PRO A 212 0.63 -11.08 -41.44
C PRO A 212 -0.33 -11.14 -42.64
N ILE A 213 -1.57 -10.66 -42.40
CA ILE A 213 -2.61 -10.55 -43.43
C ILE A 213 -2.26 -9.38 -44.39
N THR A 214 -2.22 -8.15 -43.89
CA THR A 214 -1.98 -6.98 -44.75
C THR A 214 -0.59 -6.83 -45.32
N GLY A 215 0.34 -7.69 -44.93
CA GLY A 215 1.66 -7.58 -45.46
C GLY A 215 2.44 -6.37 -45.04
N ASN A 216 2.02 -5.72 -43.95
CA ASN A 216 2.74 -4.53 -43.49
C ASN A 216 4.02 -4.94 -42.73
N GLU A 217 5.03 -5.29 -43.51
CA GLU A 217 6.36 -5.65 -43.02
C GLU A 217 6.83 -4.82 -41.82
N ALA A 218 6.67 -3.50 -41.90
CA ALA A 218 7.18 -2.61 -40.85
C ALA A 218 6.58 -2.83 -39.47
N HIS A 219 5.66 -3.77 -39.34
CA HIS A 219 5.04 -4.16 -38.07
C HIS A 219 5.43 -5.55 -37.58
N TYR A 220 6.27 -6.26 -38.34
CA TYR A 220 6.62 -7.64 -38.03
C TYR A 220 7.55 -7.72 -36.83
N SER A 221 8.46 -6.77 -36.74
CA SER A 221 9.46 -6.80 -35.68
C SER A 221 8.83 -6.94 -34.29
N ILE A 222 7.66 -6.36 -34.08
CA ILE A 222 7.03 -6.34 -32.77
C ILE A 222 6.36 -7.66 -32.46
N ILE A 223 6.05 -8.40 -33.52
CA ILE A 223 5.44 -9.72 -33.35
C ILE A 223 6.38 -10.91 -33.71
N ARG A 224 7.61 -10.60 -34.10
CA ARG A 224 8.67 -11.59 -34.33
C ARG A 224 8.69 -12.55 -33.13
N GLN A 225 8.78 -11.99 -31.91
CA GLN A 225 8.56 -12.74 -30.68
C GLN A 225 7.46 -11.94 -30.00
N GLY A 226 6.22 -12.37 -30.15
CA GLY A 226 5.07 -11.58 -29.72
C GLY A 226 4.45 -12.05 -28.44
N GLN A 227 3.71 -11.14 -27.82
CA GLN A 227 2.93 -11.36 -26.62
C GLN A 227 1.61 -10.65 -26.85
N PHE A 228 0.52 -11.19 -26.31
CA PHE A 228 -0.81 -10.82 -26.67
C PHE A 228 -1.75 -10.85 -25.53
N VAL A 229 -2.67 -9.89 -25.59
CA VAL A 229 -3.74 -9.88 -24.61
C VAL A 229 -5.00 -9.42 -25.32
N HIS A 230 -6.12 -9.98 -24.83
CA HIS A 230 -7.44 -9.68 -25.35
C HIS A 230 -7.95 -8.45 -24.65
N LEU A 231 -8.42 -7.50 -25.47
CA LEU A 231 -8.93 -6.22 -25.02
C LEU A 231 -9.88 -6.33 -23.87
N ASP A 232 -10.76 -7.34 -23.87
CA ASP A 232 -11.73 -7.47 -22.76
C ASP A 232 -11.12 -8.00 -21.47
N ASP A 233 -10.16 -8.91 -21.62
CA ASP A 233 -9.36 -9.37 -20.49
C ASP A 233 -8.59 -8.22 -19.87
N LEU A 234 -8.06 -7.38 -20.73
CA LEU A 234 -7.31 -6.21 -20.29
C LEU A 234 -8.12 -5.18 -19.53
N CYS A 235 -9.28 -4.78 -20.08
CA CYS A 235 -10.16 -3.86 -19.38
C CYS A 235 -10.64 -4.40 -18.05
N ASN A 236 -11.01 -5.66 -18.04
CA ASN A 236 -11.35 -6.35 -16.79
C ASN A 236 -10.21 -6.28 -15.77
N ALA A 237 -9.02 -6.67 -16.23
CA ALA A 237 -7.83 -6.53 -15.40
C ALA A 237 -7.70 -5.14 -14.86
N HIS A 238 -7.93 -4.10 -15.67
CA HIS A 238 -7.93 -2.71 -15.18
C HIS A 238 -8.88 -2.45 -14.01
N ILE A 239 -10.12 -2.91 -14.18
CA ILE A 239 -11.18 -2.71 -13.16
C ILE A 239 -10.89 -3.55 -11.90
N TYR A 240 -10.51 -4.81 -12.13
CA TYR A 240 -10.10 -5.74 -11.07
C TYR A 240 -9.04 -5.15 -10.19
N LEU A 241 -8.01 -4.59 -10.81
CA LEU A 241 -6.91 -4.02 -10.08
C LEU A 241 -7.33 -2.72 -9.42
N PHE A 242 -8.34 -2.05 -9.94
CA PHE A 242 -8.78 -0.82 -9.27
C PHE A 242 -9.45 -1.18 -7.95
N GLU A 243 -10.18 -2.27 -8.00
CA GLU A 243 -11.10 -2.65 -6.96
C GLU A 243 -10.39 -3.43 -5.86
N ASN A 244 -9.84 -4.61 -6.25
CA ASN A 244 -8.98 -5.44 -5.40
C ASN A 244 -7.99 -4.59 -4.60
N PRO A 245 -8.27 -4.34 -3.29
CA PRO A 245 -7.43 -3.41 -2.53
C PRO A 245 -6.08 -4.00 -2.08
N LYS A 246 -5.94 -5.33 -2.24
CA LYS A 246 -4.67 -6.03 -2.09
C LYS A 246 -3.65 -5.66 -3.18
N ALA A 247 -4.14 -5.15 -4.32
CA ALA A 247 -3.28 -4.79 -5.48
C ALA A 247 -2.15 -3.88 -5.11
N GLU A 248 -0.94 -4.23 -5.51
CA GLU A 248 0.19 -3.33 -5.35
C GLU A 248 1.19 -3.56 -6.46
N GLY A 249 1.85 -2.49 -6.83
CA GLY A 249 2.91 -2.47 -7.82
C GLY A 249 2.46 -2.35 -9.26
N ARG A 250 3.35 -2.83 -10.11
CA ARG A 250 3.17 -2.91 -11.53
C ARG A 250 2.58 -4.26 -11.76
N TYR A 251 1.72 -4.39 -12.77
CA TYR A 251 1.15 -5.66 -13.15
C TYR A 251 1.26 -5.82 -14.66
N ILE A 252 1.99 -6.84 -15.10
CA ILE A 252 1.90 -7.29 -16.49
C ILE A 252 0.52 -7.94 -16.72
N CYS A 253 -0.06 -7.58 -17.86
CA CYS A 253 -1.29 -8.19 -18.31
C CYS A 253 -1.09 -8.74 -19.73
N SER A 254 -0.87 -10.05 -19.85
CA SER A 254 -0.52 -10.72 -21.13
C SER A 254 -0.86 -12.20 -21.05
N SER A 255 -1.52 -12.74 -22.07
CA SER A 255 -2.11 -14.09 -21.95
C SER A 255 -1.45 -15.12 -22.85
N HIS A 256 -0.75 -14.66 -23.88
CA HIS A 256 -0.16 -15.50 -24.88
C HIS A 256 1.10 -14.89 -25.35
N ASP A 257 1.96 -15.79 -25.80
CA ASP A 257 3.21 -15.45 -26.45
C ASP A 257 3.46 -16.57 -27.44
N CYS A 258 3.97 -16.17 -28.57
CA CYS A 258 4.41 -17.07 -29.59
C CYS A 258 5.17 -16.20 -30.58
N ILE A 259 6.02 -16.86 -31.35
CA ILE A 259 6.76 -16.23 -32.40
C ILE A 259 5.87 -16.03 -33.66
N ILE A 260 6.38 -15.35 -34.67
CA ILE A 260 5.52 -14.91 -35.77
C ILE A 260 5.02 -16.08 -36.61
N LEU A 261 5.89 -17.08 -36.81
CA LEU A 261 5.55 -18.33 -37.52
C LEU A 261 4.33 -18.97 -36.87
N ASP A 262 4.35 -19.14 -35.56
CA ASP A 262 3.17 -19.67 -34.89
C ASP A 262 1.92 -18.81 -35.03
N LEU A 263 2.08 -17.50 -35.13
CA LEU A 263 0.92 -16.60 -35.22
C LEU A 263 0.30 -16.78 -36.62
N ALA A 264 1.13 -16.51 -37.63
CA ALA A 264 0.81 -16.67 -39.03
C ALA A 264 0.18 -18.04 -39.35
N LYS A 265 0.68 -19.07 -38.68
CA LYS A 265 0.17 -20.42 -38.82
C LYS A 265 -1.19 -20.58 -38.15
N MET A 266 -1.43 -19.90 -37.02
CA MET A 266 -2.79 -19.90 -36.48
C MET A 266 -3.76 -19.24 -37.48
N LEU A 267 -3.26 -18.25 -38.20
CA LEU A 267 -4.10 -17.38 -39.02
C LEU A 267 -4.45 -18.07 -40.32
N ARG A 268 -3.44 -18.64 -40.98
CA ARG A 268 -3.64 -19.36 -42.24
C ARG A 268 -4.78 -20.34 -42.11
N GLU A 269 -4.75 -21.12 -41.04
CA GLU A 269 -5.76 -22.14 -40.78
C GLU A 269 -7.16 -21.58 -40.55
N LYS A 270 -7.22 -20.42 -39.88
CA LYS A 270 -8.49 -19.73 -39.66
C LYS A 270 -8.89 -18.96 -40.90
N TYR A 271 -7.94 -18.43 -41.66
CA TYR A 271 -8.24 -17.54 -42.78
C TYR A 271 -7.53 -17.90 -44.08
N PRO A 272 -7.90 -19.06 -44.66
CA PRO A 272 -7.46 -19.44 -46.00
C PRO A 272 -7.63 -18.31 -47.00
N GLU A 273 -8.71 -17.56 -46.77
CA GLU A 273 -9.15 -16.40 -47.56
C GLU A 273 -8.08 -15.32 -47.78
N TYR A 274 -7.12 -15.22 -46.88
CA TYR A 274 -6.08 -14.19 -46.99
C TYR A 274 -4.76 -14.81 -47.39
N ASN A 275 -3.94 -13.97 -48.03
CA ASN A 275 -2.57 -14.28 -48.47
C ASN A 275 -1.53 -14.17 -47.33
N ILE A 276 -1.63 -15.11 -46.39
CA ILE A 276 -0.84 -15.12 -45.16
C ILE A 276 0.45 -15.91 -45.43
N PRO A 277 1.63 -15.22 -45.41
CA PRO A 277 2.88 -15.86 -45.84
C PRO A 277 3.27 -17.03 -44.92
N THR A 278 4.19 -17.86 -45.43
CA THR A 278 4.54 -19.11 -44.74
C THR A 278 5.84 -18.93 -43.95
N GLU A 279 6.75 -18.12 -44.48
CA GLU A 279 8.03 -17.90 -43.87
C GLU A 279 8.24 -16.41 -43.74
N PHE A 280 9.07 -16.05 -42.78
CA PHE A 280 9.41 -14.66 -42.50
C PHE A 280 10.93 -14.54 -42.39
N LYS A 281 11.44 -13.42 -42.91
CA LYS A 281 12.87 -13.15 -42.96
C LYS A 281 13.48 -13.08 -41.57
N GLY A 282 14.50 -13.90 -41.32
CA GLY A 282 15.28 -13.81 -40.09
C GLY A 282 14.56 -14.45 -38.93
N VAL A 283 13.88 -15.54 -39.20
CA VAL A 283 13.06 -16.18 -38.19
C VAL A 283 13.05 -17.70 -38.36
N ASP A 284 13.89 -18.36 -37.57
CA ASP A 284 14.05 -19.81 -37.60
C ASP A 284 12.95 -20.33 -36.69
N GLU A 285 12.58 -21.60 -36.84
CA GLU A 285 11.67 -22.23 -35.88
C GLU A 285 12.37 -22.50 -34.53
N ASN A 286 13.68 -22.27 -34.48
CA ASN A 286 14.49 -22.32 -33.27
C ASN A 286 14.47 -20.97 -32.52
N LEU A 287 13.74 -19.99 -33.07
CA LEU A 287 13.59 -18.72 -32.38
C LEU A 287 12.73 -18.99 -31.17
N LYS A 288 13.25 -18.66 -29.99
CA LYS A 288 12.48 -18.87 -28.79
C LYS A 288 11.39 -17.79 -28.67
N SER A 289 10.26 -18.16 -28.07
CA SER A 289 9.20 -17.24 -27.76
C SER A 289 9.57 -16.53 -26.44
N VAL A 290 9.21 -15.24 -26.32
CA VAL A 290 9.48 -14.48 -25.09
C VAL A 290 8.13 -14.34 -24.44
N CYS A 291 8.05 -14.84 -23.22
CA CYS A 291 6.84 -14.80 -22.46
C CYS A 291 6.87 -13.60 -21.52
N PHE A 292 5.71 -12.97 -21.36
CA PHE A 292 5.49 -11.92 -20.36
C PHE A 292 4.66 -12.62 -19.31
N SER A 293 5.21 -12.75 -18.11
CA SER A 293 4.53 -13.55 -17.10
C SER A 293 3.51 -12.72 -16.37
N SER A 294 2.26 -13.13 -16.44
CA SER A 294 1.17 -12.50 -15.71
C SER A 294 0.85 -13.19 -14.38
N LYS A 295 1.84 -13.88 -13.82
CA LYS A 295 1.66 -14.59 -12.55
C LYS A 295 1.29 -13.70 -11.41
N LYS A 296 1.94 -12.55 -11.31
CA LYS A 296 1.62 -11.63 -10.22
C LYS A 296 0.13 -11.26 -10.20
N LEU A 297 -0.43 -11.11 -11.40
CA LEU A 297 -1.82 -10.70 -11.56
C LEU A 297 -2.77 -11.87 -11.23
N THR A 298 -2.46 -13.05 -11.74
CA THR A 298 -3.26 -14.24 -11.48
C THR A 298 -3.18 -14.73 -10.02
N ASP A 299 -2.03 -14.53 -9.38
CA ASP A 299 -1.89 -14.90 -7.98
C ASP A 299 -2.81 -14.08 -7.07
N LEU A 300 -3.05 -12.82 -7.42
CA LEU A 300 -4.09 -12.04 -6.74
C LEU A 300 -5.48 -12.71 -6.83
N GLY A 301 -5.70 -13.47 -7.89
CA GLY A 301 -7.01 -14.09 -8.16
C GLY A 301 -7.56 -13.88 -9.56
N PHE A 302 -6.98 -12.96 -10.34
CA PHE A 302 -7.59 -12.56 -11.61
C PHE A 302 -7.41 -13.70 -12.59
N GLU A 303 -8.41 -13.90 -13.46
CA GLU A 303 -8.35 -14.95 -14.47
C GLU A 303 -8.63 -14.39 -15.85
N PHE A 304 -7.93 -14.93 -16.84
CA PHE A 304 -8.05 -14.57 -18.22
C PHE A 304 -9.15 -15.39 -18.83
N LYS A 305 -10.11 -14.76 -19.51
CA LYS A 305 -11.21 -15.48 -20.10
C LYS A 305 -11.06 -15.81 -21.57
N TYR A 306 -10.05 -15.30 -22.29
CA TYR A 306 -9.99 -15.46 -23.77
C TYR A 306 -8.71 -16.08 -24.28
N SER A 307 -8.67 -16.40 -25.57
CA SER A 307 -7.62 -17.16 -26.22
C SER A 307 -7.05 -16.42 -27.42
N LEU A 308 -5.88 -16.82 -27.89
CA LEU A 308 -5.33 -16.10 -29.01
C LEU A 308 -6.34 -16.12 -30.14
N GLU A 309 -7.09 -17.22 -30.27
CA GLU A 309 -7.98 -17.35 -31.42
C GLU A 309 -9.12 -16.33 -31.32
N ASP A 310 -9.78 -16.28 -30.17
CA ASP A 310 -10.76 -15.22 -29.82
C ASP A 310 -10.35 -13.81 -30.17
N MET A 311 -9.10 -13.46 -29.85
CA MET A 311 -8.57 -12.12 -30.10
C MET A 311 -8.64 -11.77 -31.54
N PHE A 312 -8.08 -12.66 -32.35
CA PHE A 312 -7.92 -12.36 -33.77
C PHE A 312 -9.24 -12.55 -34.52
N THR A 313 -10.13 -13.41 -34.01
N THR A 313 -10.14 -13.38 -33.98
CA THR A 313 -11.47 -13.55 -34.60
CA THR A 313 -11.47 -13.55 -34.60
C THR A 313 -12.26 -12.24 -34.38
C THR A 313 -12.30 -12.27 -34.38
N GLY A 314 -12.43 -11.87 -33.12
CA GLY A 314 -13.03 -10.57 -32.75
C GLY A 314 -12.45 -9.43 -33.59
N ALA A 315 -11.15 -9.44 -33.78
CA ALA A 315 -10.51 -8.38 -34.57
C ALA A 315 -10.88 -8.37 -36.04
N VAL A 316 -10.82 -9.54 -36.67
CA VAL A 316 -10.93 -9.63 -38.15
C VAL A 316 -12.41 -9.42 -38.51
N ASP A 317 -13.29 -10.00 -37.71
CA ASP A 317 -14.71 -9.79 -37.85
C ASP A 317 -15.13 -8.34 -37.72
N THR A 318 -14.73 -7.68 -36.64
CA THR A 318 -14.98 -6.24 -36.49
C THR A 318 -14.35 -5.45 -37.65
N CYS A 319 -13.11 -5.75 -38.02
CA CYS A 319 -12.49 -5.00 -39.11
C CYS A 319 -13.17 -5.06 -40.47
N ARG A 320 -13.64 -6.25 -40.84
CA ARG A 320 -14.37 -6.38 -42.10
C ARG A 320 -15.75 -5.71 -41.96
N ALA A 321 -16.51 -6.08 -40.92
CA ALA A 321 -17.80 -5.45 -40.67
C ALA A 321 -17.70 -3.95 -40.87
N LYS A 322 -16.60 -3.34 -40.45
CA LYS A 322 -16.40 -1.88 -40.58
C LYS A 322 -15.74 -1.50 -41.89
N GLY A 323 -15.49 -2.47 -42.74
CA GLY A 323 -14.77 -2.23 -43.98
C GLY A 323 -13.34 -1.77 -43.84
N LEU A 324 -12.66 -2.22 -42.77
CA LEU A 324 -11.25 -1.83 -42.55
C LEU A 324 -10.31 -2.92 -43.14
N LEU A 325 -10.81 -4.15 -43.16
CA LEU A 325 -10.15 -5.24 -43.85
C LEU A 325 -11.03 -5.61 -45.05
N PRO A 326 -10.42 -5.82 -46.24
CA PRO A 326 -11.10 -6.61 -47.30
C PRO A 326 -11.54 -8.00 -46.82
N PRO A 327 -12.60 -8.58 -47.40
CA PRO A 327 -13.05 -9.91 -46.89
C PRO A 327 -12.19 -11.10 -47.36
N SER A 328 -11.44 -10.91 -48.45
CA SER A 328 -10.44 -11.86 -48.93
C SER A 328 -9.40 -11.12 -49.78
N HIS A 329 -8.32 -11.80 -50.19
CA HIS A 329 -7.37 -11.16 -51.12
C HIS A 329 -7.32 -11.84 -52.51
N MET B 1 -40.06 31.18 -17.85
CA MET B 1 -39.99 29.70 -18.00
C MET B 1 -41.39 29.05 -18.02
N GLY B 2 -42.33 29.56 -17.22
CA GLY B 2 -43.63 28.88 -17.07
C GLY B 2 -43.49 27.45 -16.55
N SER B 3 -42.47 27.23 -15.74
CA SER B 3 -42.19 25.93 -15.13
C SER B 3 -43.31 25.56 -14.14
N GLN B 4 -43.69 24.28 -14.14
CA GLN B 4 -44.74 23.79 -13.22
C GLN B 4 -44.23 23.71 -11.78
N SER B 5 -45.00 24.19 -10.82
CA SER B 5 -44.79 23.88 -9.41
C SER B 5 -44.48 22.39 -9.25
N GLU B 6 -43.41 22.03 -8.54
CA GLU B 6 -43.15 20.59 -8.34
C GLU B 6 -43.78 20.06 -7.05
N THR B 7 -44.02 18.76 -7.05
CA THR B 7 -44.77 18.12 -5.96
C THR B 7 -43.85 17.32 -5.05
N VAL B 8 -43.93 17.64 -3.77
CA VAL B 8 -43.17 16.91 -2.77
C VAL B 8 -44.07 16.40 -1.65
N CYS B 9 -43.57 15.39 -0.94
CA CYS B 9 -44.30 14.79 0.14
C CYS B 9 -43.54 15.02 1.44
N VAL B 10 -44.26 15.39 2.48
CA VAL B 10 -43.72 15.53 3.81
C VAL B 10 -44.54 14.62 4.75
N THR B 11 -43.86 13.64 5.35
CA THR B 11 -44.44 12.75 6.36
C THR B 11 -44.32 13.42 7.72
N GLY B 12 -45.28 13.20 8.61
CA GLY B 12 -45.17 13.76 9.96
C GLY B 12 -45.46 15.24 9.96
N ALA B 13 -46.26 15.66 9.00
CA ALA B 13 -46.52 17.09 8.73
C ALA B 13 -47.20 17.80 9.86
N SER B 14 -47.87 17.05 10.73
CA SER B 14 -48.50 17.62 11.90
C SER B 14 -47.48 18.05 12.97
N GLY B 15 -46.23 17.64 12.80
CA GLY B 15 -45.28 17.69 13.91
C GLY B 15 -44.60 19.04 14.04
N PHE B 16 -43.74 19.15 15.03
CA PHE B 16 -42.94 20.38 15.22
C PHE B 16 -42.13 20.66 13.93
N ILE B 17 -41.34 19.69 13.49
CA ILE B 17 -40.44 19.95 12.35
C ILE B 17 -41.27 19.92 11.07
N GLY B 18 -42.13 18.92 10.91
CA GLY B 18 -42.87 18.73 9.66
C GLY B 18 -43.78 19.85 9.23
N SER B 19 -44.54 20.39 10.16
CA SER B 19 -45.44 21.51 9.84
C SER B 19 -44.66 22.74 9.40
N TRP B 20 -43.50 22.96 10.03
CA TRP B 20 -42.70 24.14 9.70
C TRP B 20 -42.12 23.96 8.29
N LEU B 21 -41.67 22.74 7.98
CA LEU B 21 -41.14 22.45 6.62
C LEU B 21 -42.18 22.61 5.54
N VAL B 22 -43.38 22.10 5.78
CA VAL B 22 -44.46 22.27 4.82
C VAL B 22 -44.71 23.76 4.61
N MET B 23 -44.74 24.51 5.70
CA MET B 23 -44.88 25.95 5.61
C MET B 23 -43.80 26.57 4.74
N ARG B 24 -42.54 26.23 4.98
CA ARG B 24 -41.49 26.80 4.15
C ARG B 24 -41.60 26.32 2.73
N LEU B 25 -41.92 25.03 2.53
CA LEU B 25 -42.09 24.48 1.19
C LEU B 25 -43.20 25.16 0.41
N LEU B 26 -44.35 25.38 1.05
CA LEU B 26 -45.41 26.21 0.46
C LEU B 26 -44.98 27.66 0.15
N GLU B 27 -44.31 28.33 1.08
CA GLU B 27 -43.79 29.68 0.81
C GLU B 27 -42.81 29.74 -0.35
N ARG B 28 -42.14 28.62 -0.63
CA ARG B 28 -41.18 28.53 -1.72
C ARG B 28 -41.77 28.12 -3.08
N GLY B 29 -43.09 27.97 -3.13
CA GLY B 29 -43.78 27.64 -4.37
C GLY B 29 -43.90 26.17 -4.70
N TYR B 30 -43.71 25.30 -3.69
CA TYR B 30 -43.92 23.88 -3.90
C TYR B 30 -45.39 23.46 -3.80
N THR B 31 -45.72 22.34 -4.43
CA THR B 31 -46.99 21.68 -4.17
C THR B 31 -46.63 20.58 -3.17
N VAL B 32 -47.34 20.56 -2.04
CA VAL B 32 -47.01 19.65 -0.94
C VAL B 32 -48.14 18.64 -0.64
N ARG B 33 -47.76 17.38 -0.50
CA ARG B 33 -48.62 16.32 -0.02
C ARG B 33 -48.23 15.98 1.43
N ALA B 34 -49.01 16.48 2.39
CA ALA B 34 -48.67 16.36 3.79
C ALA B 34 -49.35 15.09 4.37
N THR B 35 -48.59 14.18 4.93
CA THR B 35 -49.18 12.96 5.51
C THR B 35 -49.41 13.13 7.01
N VAL B 36 -50.54 12.58 7.49
CA VAL B 36 -50.98 12.64 8.91
C VAL B 36 -51.57 11.28 9.24
N ARG B 37 -51.46 10.82 10.48
CA ARG B 37 -52.07 9.53 10.84
C ARG B 37 -53.57 9.61 10.93
N ASP B 38 -54.09 10.76 11.37
CA ASP B 38 -55.52 10.96 11.58
C ASP B 38 -55.94 12.34 11.12
N PRO B 39 -56.45 12.44 9.88
CA PRO B 39 -56.88 13.77 9.36
C PRO B 39 -58.10 14.43 10.03
N THR B 40 -58.76 13.74 10.95
CA THR B 40 -59.89 14.34 11.69
C THR B 40 -59.43 15.09 12.94
N ASN B 41 -58.14 14.99 13.29
CA ASN B 41 -57.67 15.66 14.49
C ASN B 41 -57.46 17.12 14.16
N VAL B 42 -58.45 17.89 14.56
CA VAL B 42 -58.51 19.35 14.38
C VAL B 42 -57.26 20.05 14.91
N LYS B 43 -56.75 19.58 16.04
CA LYS B 43 -55.60 20.16 16.73
C LYS B 43 -54.31 19.92 15.95
N LYS B 44 -54.33 18.90 15.09
CA LYS B 44 -53.19 18.51 14.31
C LYS B 44 -53.33 18.79 12.82
N VAL B 45 -54.48 19.30 12.37
CA VAL B 45 -54.63 19.69 10.96
C VAL B 45 -55.02 21.15 10.75
N LYS B 46 -55.64 21.79 11.73
CA LYS B 46 -56.02 23.19 11.60
C LYS B 46 -54.80 24.03 11.24
N HIS B 47 -53.66 23.76 11.87
CA HIS B 47 -52.44 24.56 11.74
CA HIS B 47 -52.53 24.66 11.68
C HIS B 47 -51.81 24.45 10.35
N LEU B 48 -52.07 23.32 9.70
CA LEU B 48 -51.60 23.07 8.35
C LEU B 48 -52.47 23.76 7.30
N LEU B 49 -53.78 23.69 7.52
CA LEU B 49 -54.76 24.25 6.60
C LEU B 49 -54.77 25.76 6.77
N ASP B 50 -54.26 26.27 7.90
CA ASP B 50 -54.11 27.72 8.02
C ASP B 50 -52.85 28.30 7.35
N LEU B 51 -51.95 27.45 6.87
CA LEU B 51 -50.73 27.95 6.22
C LEU B 51 -51.00 28.64 4.88
N PRO B 52 -50.23 29.70 4.59
CA PRO B 52 -50.36 30.39 3.32
C PRO B 52 -50.19 29.46 2.13
N LYS B 53 -51.16 29.50 1.22
CA LYS B 53 -51.20 28.69 0.01
C LYS B 53 -51.70 27.25 0.21
N ALA B 54 -52.21 26.94 1.40
CA ALA B 54 -52.77 25.61 1.70
C ALA B 54 -53.97 25.30 0.81
N GLU B 55 -54.92 26.22 0.73
CA GLU B 55 -56.09 26.08 -0.15
C GLU B 55 -55.79 25.41 -1.49
N THR B 56 -54.81 25.91 -2.24
CA THR B 56 -54.52 25.38 -3.59
C THR B 56 -53.26 24.55 -3.80
N HIS B 57 -52.37 24.54 -2.81
CA HIS B 57 -51.08 23.82 -2.94
C HIS B 57 -50.84 22.65 -1.96
N LEU B 58 -51.66 22.57 -0.92
CA LEU B 58 -51.60 21.49 0.06
C LEU B 58 -52.77 20.52 -0.04
N THR B 59 -52.45 19.24 -0.04
CA THR B 59 -53.39 18.15 0.16
C THR B 59 -52.95 17.32 1.36
N LEU B 60 -53.90 16.57 1.93
CA LEU B 60 -53.67 15.75 3.13
C LEU B 60 -53.88 14.28 2.78
N TRP B 61 -52.98 13.47 3.33
CA TRP B 61 -52.96 12.07 3.05
C TRP B 61 -52.81 11.28 4.35
N LYS B 62 -53.68 10.28 4.53
CA LYS B 62 -53.68 9.46 5.74
C LYS B 62 -52.67 8.34 5.57
N ALA B 63 -51.68 8.24 6.46
CA ALA B 63 -50.69 7.18 6.37
C ALA B 63 -50.15 6.91 7.75
N ASP B 64 -49.70 5.68 7.99
CA ASP B 64 -49.09 5.22 9.25
C ASP B 64 -47.90 4.33 8.90
N LEU B 65 -46.79 4.60 9.57
CA LEU B 65 -45.57 3.84 9.36
C LEU B 65 -45.73 2.36 9.67
N ALA B 66 -46.67 2.01 10.56
CA ALA B 66 -46.92 0.60 10.87
C ALA B 66 -47.71 -0.13 9.77
N ASP B 67 -48.30 0.57 8.81
CA ASP B 67 -49.10 -0.04 7.76
C ASP B 67 -48.29 -0.03 6.46
N GLU B 68 -48.01 -1.23 5.93
CA GLU B 68 -47.21 -1.41 4.73
C GLU B 68 -47.88 -0.79 3.52
N GLY B 69 -47.08 -0.13 2.70
CA GLY B 69 -47.53 0.58 1.51
C GLY B 69 -48.43 1.77 1.73
N SER B 70 -48.56 2.24 2.97
CA SER B 70 -49.53 3.30 3.25
C SER B 70 -49.11 4.65 2.70
N PHE B 71 -47.83 4.80 2.34
CA PHE B 71 -47.31 6.02 1.73
C PHE B 71 -47.21 6.01 0.21
N ASP B 72 -47.54 4.85 -0.38
CA ASP B 72 -47.57 4.63 -1.81
C ASP B 72 -48.25 5.71 -2.63
N GLU B 73 -49.50 6.00 -2.28
CA GLU B 73 -50.31 6.96 -3.02
C GLU B 73 -49.77 8.35 -2.85
N ALA B 74 -49.44 8.71 -1.62
CA ALA B 74 -48.98 10.05 -1.33
C ALA B 74 -47.68 10.34 -2.09
N ILE B 75 -46.81 9.35 -2.19
CA ILE B 75 -45.48 9.49 -2.79
C ILE B 75 -45.58 9.48 -4.32
N LYS B 76 -46.51 8.71 -4.89
CA LYS B 76 -46.75 8.65 -6.35
C LYS B 76 -46.89 10.04 -7.00
N GLY B 77 -46.02 10.34 -7.95
CA GLY B 77 -46.00 11.63 -8.64
C GLY B 77 -45.25 12.76 -7.96
N CYS B 78 -44.60 12.48 -6.84
CA CYS B 78 -43.69 13.45 -6.21
C CYS B 78 -42.29 13.43 -6.84
N THR B 79 -41.64 14.58 -6.93
CA THR B 79 -40.20 14.61 -7.29
C THR B 79 -39.31 14.49 -6.05
N GLY B 80 -39.85 14.77 -4.87
CA GLY B 80 -39.08 14.58 -3.65
C GLY B 80 -39.93 14.14 -2.48
N VAL B 81 -39.30 13.49 -1.51
CA VAL B 81 -39.96 13.08 -0.27
C VAL B 81 -39.08 13.57 0.87
N PHE B 82 -39.72 14.14 1.89
CA PHE B 82 -39.10 14.46 3.17
C PHE B 82 -39.77 13.56 4.22
N HIS B 83 -39.02 12.59 4.71
CA HIS B 83 -39.44 11.67 5.75
C HIS B 83 -38.95 12.17 7.09
N VAL B 84 -39.87 12.85 7.76
CA VAL B 84 -39.71 13.47 9.09
C VAL B 84 -40.37 12.65 10.21
N ALA B 85 -41.50 12.01 9.94
CA ALA B 85 -42.17 11.14 10.94
C ALA B 85 -41.35 10.05 11.54
N THR B 86 -41.65 9.74 12.80
CA THR B 86 -41.07 8.51 13.39
C THR B 86 -41.99 8.13 14.55
N PRO B 87 -42.11 6.84 14.84
CA PRO B 87 -42.89 6.38 16.00
C PRO B 87 -42.32 6.97 17.28
N MET B 88 -42.95 8.06 17.72
CA MET B 88 -42.47 8.86 18.86
C MET B 88 -43.56 9.80 19.34
N SER B 92 -45.25 2.71 26.32
CA SER B 92 -44.82 1.68 25.36
C SER B 92 -44.06 0.53 26.04
N LYS B 93 -44.75 -0.59 26.26
CA LYS B 93 -44.22 -1.72 27.05
C LYS B 93 -43.27 -2.68 26.32
N ASP B 94 -43.27 -2.67 24.98
CA ASP B 94 -42.29 -3.46 24.21
C ASP B 94 -41.63 -2.63 23.08
N PRO B 95 -40.51 -1.92 23.41
CA PRO B 95 -39.91 -0.96 22.46
C PRO B 95 -39.36 -1.56 21.18
N GLU B 96 -38.73 -2.72 21.26
CA GLU B 96 -38.20 -3.40 20.07
C GLU B 96 -39.23 -3.59 18.98
N ASN B 97 -40.41 -4.06 19.39
CA ASN B 97 -41.46 -4.34 18.44
C ASN B 97 -42.35 -3.13 18.16
N GLU B 98 -42.53 -2.23 19.12
CA GLU B 98 -43.47 -1.10 18.94
C GLU B 98 -42.88 0.26 18.51
N VAL B 99 -41.56 0.40 18.60
CA VAL B 99 -40.84 1.59 18.13
C VAL B 99 -39.76 1.24 17.11
N ILE B 100 -38.85 0.36 17.52
CA ILE B 100 -37.68 0.05 16.70
C ILE B 100 -38.07 -0.51 15.34
N LYS B 101 -38.81 -1.62 15.31
CA LYS B 101 -39.16 -2.30 14.05
C LYS B 101 -40.00 -1.46 13.06
N PRO B 102 -41.09 -0.86 13.53
CA PRO B 102 -41.82 0.02 12.63
C PRO B 102 -40.97 1.20 12.17
N THR B 103 -40.01 1.66 12.99
CA THR B 103 -39.11 2.72 12.53
C THR B 103 -38.28 2.21 11.36
N ILE B 104 -37.71 1.03 11.52
CA ILE B 104 -36.91 0.49 10.45
C ILE B 104 -37.72 0.14 9.21
N GLU B 105 -38.84 -0.53 9.41
CA GLU B 105 -39.62 -1.04 8.28
C GLU B 105 -40.36 0.09 7.56
N GLY B 106 -40.83 1.08 8.31
CA GLY B 106 -41.45 2.25 7.72
C GLY B 106 -40.51 2.99 6.78
N MET B 107 -39.29 3.24 7.27
CA MET B 107 -38.17 3.80 6.50
C MET B 107 -37.96 3.06 5.20
N LEU B 108 -37.66 1.78 5.32
CA LEU B 108 -37.51 0.92 4.13
C LEU B 108 -38.76 0.90 3.25
N GLY B 109 -39.91 0.87 3.91
CA GLY B 109 -41.21 1.09 3.29
C GLY B 109 -41.20 2.31 2.42
N ILE B 110 -40.82 3.46 2.99
CA ILE B 110 -40.88 4.71 2.23
C ILE B 110 -39.90 4.74 1.05
N MET B 111 -38.71 4.21 1.24
CA MET B 111 -37.75 4.10 0.13
C MET B 111 -38.29 3.23 -1.01
N LYS B 112 -38.90 2.09 -0.70
CA LYS B 112 -39.49 1.23 -1.73
C LYS B 112 -40.56 2.01 -2.50
N SER B 113 -41.48 2.65 -1.76
CA SER B 113 -42.50 3.53 -2.36
C SER B 113 -41.91 4.60 -3.27
N CYS B 114 -40.74 5.12 -2.93
CA CYS B 114 -40.02 6.10 -3.77
C CYS B 114 -39.46 5.46 -5.04
N ALA B 115 -39.09 4.18 -4.94
CA ALA B 115 -38.65 3.37 -6.08
C ALA B 115 -39.80 3.13 -7.06
N ALA B 116 -40.85 2.45 -6.61
CA ALA B 116 -42.06 2.29 -7.41
C ALA B 116 -42.52 3.57 -8.09
N ALA B 117 -42.49 4.70 -7.39
CA ALA B 117 -43.07 5.92 -7.93
C ALA B 117 -42.34 6.41 -9.18
N LYS B 118 -41.06 6.03 -9.30
CA LYS B 118 -40.22 6.40 -10.46
C LYS B 118 -40.01 7.90 -10.73
N THR B 119 -40.80 8.77 -10.09
CA THR B 119 -40.65 10.21 -10.23
C THR B 119 -39.77 10.87 -9.16
N VAL B 120 -39.52 10.16 -8.05
CA VAL B 120 -38.74 10.76 -6.94
C VAL B 120 -37.27 10.89 -7.37
N ARG B 121 -36.77 12.11 -7.50
CA ARG B 121 -35.38 12.22 -7.81
C ARG B 121 -34.54 12.09 -6.55
N ARG B 122 -35.04 12.63 -5.43
CA ARG B 122 -34.30 12.63 -4.15
C ARG B 122 -35.20 12.44 -2.90
N LEU B 123 -34.77 11.59 -1.98
CA LEU B 123 -35.41 11.30 -0.70
C LEU B 123 -34.52 11.83 0.42
N VAL B 124 -35.08 12.73 1.21
CA VAL B 124 -34.35 13.38 2.31
C VAL B 124 -34.96 12.82 3.59
N PHE B 125 -34.13 12.15 4.37
CA PHE B 125 -34.53 11.61 5.69
C PHE B 125 -34.04 12.50 6.83
N THR B 126 -34.98 12.87 7.71
CA THR B 126 -34.64 13.49 8.98
C THR B 126 -34.23 12.41 9.98
N SER B 127 -32.95 12.42 10.35
CA SER B 127 -32.42 11.48 11.30
C SER B 127 -32.34 12.20 12.64
N SER B 128 -31.32 11.89 13.43
CA SER B 128 -31.28 12.33 14.82
C SER B 128 -29.85 12.27 15.30
N ALA B 129 -29.53 13.13 16.26
CA ALA B 129 -28.19 13.23 16.82
C ALA B 129 -27.97 11.99 17.62
N GLY B 130 -29.09 11.38 18.08
CA GLY B 130 -29.09 10.05 18.71
C GLY B 130 -28.49 8.90 17.94
N THR B 131 -28.33 9.09 16.63
CA THR B 131 -27.56 8.12 15.82
C THR B 131 -26.05 8.49 15.76
N VAL B 132 -25.62 9.59 16.39
CA VAL B 132 -24.22 10.04 16.23
C VAL B 132 -23.35 9.88 17.48
N ASN B 133 -23.80 10.38 18.64
CA ASN B 133 -22.92 10.40 19.82
C ASN B 133 -23.41 9.64 21.06
N ILE B 134 -24.22 8.60 20.91
CA ILE B 134 -24.57 7.75 22.05
C ILE B 134 -23.54 6.64 22.16
N GLN B 135 -22.53 6.95 22.97
CA GLN B 135 -21.55 5.97 23.40
C GLN B 135 -21.05 6.43 24.76
N GLU B 136 -20.42 5.55 25.52
CA GLU B 136 -20.01 5.95 26.89
C GLU B 136 -19.00 7.09 26.97
N HIS B 137 -18.02 7.08 26.08
CA HIS B 137 -17.06 8.17 26.03
C HIS B 137 -17.44 9.15 24.94
N GLN B 138 -17.54 10.42 25.30
CA GLN B 138 -17.86 11.53 24.40
C GLN B 138 -16.65 12.24 23.76
N LEU B 139 -16.50 12.16 22.44
CA LEU B 139 -15.50 12.94 21.70
C LEU B 139 -15.78 14.45 21.83
N PRO B 140 -14.75 15.29 21.69
CA PRO B 140 -15.01 16.71 21.77
C PRO B 140 -15.76 17.29 20.60
N VAL B 141 -15.69 16.63 19.45
CA VAL B 141 -16.36 17.09 18.25
C VAL B 141 -16.85 15.85 17.51
N TYR B 142 -18.14 15.79 17.17
CA TYR B 142 -18.70 14.75 16.29
C TYR B 142 -18.82 15.20 14.83
N ASP B 143 -18.69 14.27 13.89
CA ASP B 143 -18.98 14.59 12.51
C ASP B 143 -19.78 13.43 11.93
N GLU B 144 -20.04 13.44 10.62
CA GLU B 144 -20.92 12.45 9.93
C GLU B 144 -20.38 11.02 9.86
N SER B 145 -19.10 10.83 10.16
CA SER B 145 -18.47 9.52 10.17
C SER B 145 -18.78 8.73 11.43
N CYS B 146 -19.33 9.43 12.41
CA CYS B 146 -19.64 8.91 13.73
C CYS B 146 -21.08 8.31 13.83
N TRP B 147 -21.16 7.18 14.55
CA TRP B 147 -22.37 6.45 14.77
C TRP B 147 -22.50 5.99 16.24
N SER B 148 -23.72 6.03 16.74
CA SER B 148 -23.96 5.63 18.12
C SER B 148 -23.62 4.15 18.32
N ASP B 149 -23.41 3.83 19.59
CA ASP B 149 -22.97 2.51 20.03
C ASP B 149 -24.22 1.80 20.56
N MET B 150 -24.63 0.81 19.81
CA MET B 150 -25.89 0.12 19.99
C MET B 150 -25.87 -0.86 21.16
N GLU B 151 -24.73 -1.51 21.38
CA GLU B 151 -24.55 -2.38 22.51
C GLU B 151 -24.60 -1.52 23.73
N PHE B 152 -23.92 -0.38 23.69
CA PHE B 152 -24.05 0.57 24.79
C PHE B 152 -25.50 1.04 25.09
N CYS B 153 -26.30 1.28 24.05
CA CYS B 153 -27.67 1.80 24.26
C CYS B 153 -28.51 0.72 24.90
N ARG B 154 -28.39 -0.50 24.41
CA ARG B 154 -29.13 -1.67 24.90
C ARG B 154 -28.71 -2.10 26.31
N ALA B 155 -27.40 -2.25 26.51
CA ALA B 155 -26.88 -2.60 27.82
C ALA B 155 -27.19 -1.54 28.89
N LYS B 156 -27.28 -0.26 28.53
CA LYS B 156 -27.49 0.78 29.53
C LYS B 156 -28.96 1.24 29.65
N LYS B 157 -29.73 1.03 28.57
CA LYS B 157 -31.12 1.51 28.49
C LYS B 157 -31.36 2.89 29.14
N MET B 158 -30.58 3.89 28.77
CA MET B 158 -30.82 5.26 29.23
C MET B 158 -32.13 5.78 28.65
N THR B 159 -32.51 6.98 29.09
CA THR B 159 -33.70 7.63 28.59
C THR B 159 -33.63 7.89 27.08
N ALA B 160 -34.72 7.58 26.38
CA ALA B 160 -34.80 7.58 24.93
C ALA B 160 -33.96 6.49 24.24
N TRP B 161 -33.48 5.48 24.95
CA TRP B 161 -32.58 4.50 24.34
C TRP B 161 -33.12 3.85 23.09
N MET B 162 -34.46 3.64 23.07
CA MET B 162 -35.12 2.93 21.97
C MET B 162 -35.22 3.81 20.72
N TYR B 163 -35.23 5.12 20.94
CA TYR B 163 -35.16 6.14 19.90
C TYR B 163 -33.77 6.29 19.29
N PHE B 164 -32.73 6.14 20.12
CA PHE B 164 -31.37 6.05 19.59
C PHE B 164 -31.21 4.84 18.72
N VAL B 165 -31.60 3.68 19.25
CA VAL B 165 -31.50 2.42 18.51
C VAL B 165 -32.30 2.47 17.20
N SER B 166 -33.50 3.04 17.26
CA SER B 166 -34.44 2.97 16.13
C SER B 166 -34.00 3.83 14.93
N LYS B 167 -33.56 5.05 15.23
CA LYS B 167 -33.08 5.97 14.20
C LYS B 167 -31.75 5.49 13.64
N THR B 168 -30.91 4.92 14.48
CA THR B 168 -29.58 4.42 14.06
C THR B 168 -29.77 3.27 13.10
N LEU B 169 -30.49 2.24 13.57
CA LEU B 169 -30.77 1.08 12.73
C LEU B 169 -31.59 1.42 11.48
N ALA B 170 -32.58 2.30 11.61
CA ALA B 170 -33.33 2.76 10.41
C ALA B 170 -32.41 3.44 9.41
N GLU B 171 -31.58 4.37 9.88
CA GLU B 171 -30.71 5.10 8.92
C GLU B 171 -29.70 4.20 8.23
N GLN B 172 -29.10 3.30 8.99
CA GLN B 172 -28.12 2.37 8.41
C GLN B 172 -28.78 1.39 7.46
N ALA B 173 -29.98 0.91 7.78
CA ALA B 173 -30.75 0.07 6.86
C ALA B 173 -31.06 0.87 5.60
N ALA B 174 -31.45 2.13 5.75
CA ALA B 174 -31.76 3.01 4.64
C ALA B 174 -30.56 3.20 3.72
N TRP B 175 -29.38 3.33 4.29
CA TRP B 175 -28.16 3.42 3.49
C TRP B 175 -27.85 2.12 2.74
N LYS B 176 -28.01 0.97 3.38
CA LYS B 176 -27.82 -0.31 2.71
C LYS B 176 -28.73 -0.39 1.47
N TYR B 177 -30.04 -0.28 1.69
CA TYR B 177 -31.05 -0.28 0.61
C TYR B 177 -30.81 0.71 -0.52
N ALA B 178 -30.44 1.95 -0.18
CA ALA B 178 -30.18 3.03 -1.16
C ALA B 178 -29.07 2.67 -2.15
N LYS B 179 -27.94 2.16 -1.65
CA LYS B 179 -26.83 1.79 -2.53
C LYS B 179 -27.23 0.65 -3.48
N GLU B 180 -27.89 -0.35 -2.91
CA GLU B 180 -28.42 -1.48 -3.65
C GLU B 180 -29.35 -1.06 -4.77
N ASN B 181 -30.23 -0.11 -4.50
CA ASN B 181 -31.27 0.23 -5.47
C ASN B 181 -31.03 1.57 -6.17
N ASN B 182 -29.80 2.03 -6.12
CA ASN B 182 -29.44 3.38 -6.60
C ASN B 182 -30.52 4.44 -6.35
N ILE B 183 -30.79 4.65 -5.06
CA ILE B 183 -31.71 5.68 -4.61
C ILE B 183 -30.83 6.83 -4.17
N ASP B 184 -31.13 8.01 -4.68
CA ASP B 184 -30.49 9.24 -4.29
C ASP B 184 -31.13 9.60 -2.93
N PHE B 185 -30.37 9.36 -1.88
CA PHE B 185 -30.80 9.47 -0.47
C PHE B 185 -29.87 10.41 0.24
N ILE B 186 -30.44 11.35 1.00
CA ILE B 186 -29.67 12.26 1.83
C ILE B 186 -30.28 12.12 3.21
N THR B 187 -29.43 12.08 4.23
CA THR B 187 -29.91 12.20 5.61
C THR B 187 -29.42 13.51 6.26
N ILE B 188 -30.25 14.10 7.11
CA ILE B 188 -29.92 15.31 7.88
C ILE B 188 -30.12 14.95 9.32
N ILE B 189 -29.09 15.28 10.11
CA ILE B 189 -28.96 14.96 11.52
C ILE B 189 -29.07 16.24 12.32
N PRO B 190 -30.28 16.55 12.83
CA PRO B 190 -30.38 17.71 13.69
C PRO B 190 -29.93 17.39 15.10
N THR B 191 -29.47 18.40 15.81
CA THR B 191 -29.20 18.28 17.25
C THR B 191 -30.51 18.75 17.91
N LEU B 192 -30.51 19.38 19.09
CA LEU B 192 -31.79 19.75 19.69
C LEU B 192 -32.38 20.91 18.93
N VAL B 193 -33.61 20.72 18.44
CA VAL B 193 -34.27 21.72 17.57
C VAL B 193 -35.11 22.66 18.42
N VAL B 194 -34.82 23.96 18.29
CA VAL B 194 -35.44 24.94 19.18
C VAL B 194 -35.81 26.12 18.29
N GLY B 195 -36.96 26.72 18.61
CA GLY B 195 -37.41 27.92 17.91
C GLY B 195 -38.88 28.15 18.19
N PRO B 196 -39.50 29.03 17.41
CA PRO B 196 -40.95 29.19 17.41
C PRO B 196 -41.63 28.01 16.70
N PHE B 197 -42.96 27.96 16.72
CA PHE B 197 -43.70 26.85 16.13
C PHE B 197 -45.15 27.15 15.90
N ILE B 198 -45.73 26.41 14.95
CA ILE B 198 -47.11 26.68 14.48
C ILE B 198 -48.16 25.77 15.10
N MET B 199 -47.68 24.68 15.68
CA MET B 199 -48.53 23.71 16.36
C MET B 199 -49.07 24.29 17.65
N SER B 200 -50.09 23.61 18.17
CA SER B 200 -50.86 24.02 19.35
C SER B 200 -50.32 23.38 20.60
N SER B 201 -49.77 22.18 20.49
CA SER B 201 -49.22 21.48 21.65
C SER B 201 -47.73 21.80 21.78
N MET B 202 -47.17 21.44 22.93
CA MET B 202 -45.78 21.77 23.25
C MET B 202 -44.86 20.84 22.46
N PRO B 203 -43.92 21.37 21.66
CA PRO B 203 -42.95 20.43 21.03
C PRO B 203 -42.19 19.55 22.02
N PRO B 204 -42.06 18.24 21.76
CA PRO B 204 -41.27 17.40 22.64
C PRO B 204 -39.88 17.99 22.93
N SER B 205 -39.24 18.57 21.90
CA SER B 205 -37.86 19.02 22.01
C SER B 205 -37.76 20.30 22.85
N LEU B 206 -38.83 21.10 22.90
CA LEU B 206 -38.87 22.24 23.81
C LEU B 206 -39.15 21.81 25.24
N ILE B 207 -39.79 20.65 25.44
CA ILE B 207 -39.86 20.14 26.81
C ILE B 207 -38.41 20.03 27.34
N THR B 208 -37.54 19.42 26.53
CA THR B 208 -36.14 19.20 26.89
C THR B 208 -35.44 20.51 26.96
N ALA B 209 -35.65 21.36 25.96
CA ALA B 209 -34.84 22.55 25.85
C ALA B 209 -35.11 23.53 27.03
N LEU B 210 -36.39 23.64 27.39
CA LEU B 210 -36.82 24.51 28.47
C LEU B 210 -36.84 23.82 29.86
N SER B 211 -36.40 22.56 29.96
CA SER B 211 -36.22 21.87 31.23
C SER B 211 -35.53 22.64 32.37
N PRO B 212 -34.55 23.49 32.03
CA PRO B 212 -33.95 24.33 33.09
C PRO B 212 -34.88 25.40 33.65
N ILE B 213 -35.86 25.83 32.87
CA ILE B 213 -36.89 26.73 33.39
C ILE B 213 -37.97 25.97 34.17
N THR B 214 -38.42 24.84 33.64
CA THR B 214 -39.51 24.08 34.25
C THR B 214 -39.05 23.16 35.34
N GLY B 215 -37.73 23.05 35.49
CA GLY B 215 -37.13 22.09 36.41
C GLY B 215 -37.37 20.63 36.07
N ASN B 216 -37.52 20.29 34.80
CA ASN B 216 -37.79 18.89 34.45
C ASN B 216 -36.47 18.11 34.30
N GLU B 217 -36.02 17.57 35.43
CA GLU B 217 -34.71 16.95 35.59
C GLU B 217 -34.48 15.72 34.72
N ALA B 218 -35.56 15.03 34.37
CA ALA B 218 -35.45 13.87 33.49
C ALA B 218 -34.86 14.22 32.13
N HIS B 219 -34.83 15.52 31.79
CA HIS B 219 -34.39 16.02 30.48
C HIS B 219 -32.98 16.61 30.47
N TYR B 220 -32.46 16.92 31.65
CA TYR B 220 -31.13 17.56 31.78
C TYR B 220 -30.02 16.74 31.12
N SER B 221 -30.11 15.42 31.26
CA SER B 221 -29.11 14.53 30.73
C SER B 221 -28.75 14.84 29.28
N ILE B 222 -29.76 15.24 28.48
CA ILE B 222 -29.57 15.46 27.05
C ILE B 222 -28.89 16.78 26.78
N ILE B 223 -29.06 17.74 27.69
CA ILE B 223 -28.55 19.10 27.51
C ILE B 223 -27.31 19.39 28.37
N ARG B 224 -26.82 18.38 29.07
CA ARG B 224 -25.62 18.52 29.94
C ARG B 224 -24.48 19.07 29.09
N GLN B 225 -24.24 18.35 27.99
CA GLN B 225 -23.37 18.78 26.87
C GLN B 225 -24.30 18.83 25.64
N GLY B 226 -24.99 19.96 25.50
CA GLY B 226 -26.02 20.16 24.48
C GLY B 226 -25.51 20.79 23.20
N GLN B 227 -26.24 20.49 22.13
CA GLN B 227 -26.02 21.01 20.80
C GLN B 227 -27.42 21.37 20.35
N PHE B 228 -27.52 22.46 19.59
CA PHE B 228 -28.79 23.10 19.29
C PHE B 228 -28.84 23.60 17.86
N VAL B 229 -30.05 23.70 17.33
CA VAL B 229 -30.23 24.20 15.97
C VAL B 229 -31.60 24.87 15.91
N HIS B 230 -31.72 25.94 15.12
CA HIS B 230 -32.96 26.68 15.08
C HIS B 230 -33.85 25.96 14.09
N LEU B 231 -35.10 25.75 14.51
CA LEU B 231 -36.15 25.13 13.70
C LEU B 231 -36.13 25.64 12.27
N ASP B 232 -36.10 26.95 12.10
CA ASP B 232 -36.16 27.53 10.75
C ASP B 232 -34.91 27.28 9.89
N ASP B 233 -33.72 27.41 10.52
CA ASP B 233 -32.47 26.95 9.92
C ASP B 233 -32.50 25.46 9.52
N LEU B 234 -33.00 24.61 10.40
CA LEU B 234 -33.14 23.18 10.11
C LEU B 234 -34.04 22.96 8.88
N CYS B 235 -35.16 23.67 8.87
CA CYS B 235 -36.11 23.47 7.79
C CYS B 235 -35.52 23.92 6.46
N ASN B 236 -34.85 25.08 6.46
CA ASN B 236 -34.19 25.59 5.25
C ASN B 236 -33.07 24.68 4.74
N ALA B 237 -32.32 24.09 5.65
CA ALA B 237 -31.32 23.07 5.32
C ALA B 237 -31.91 21.86 4.67
N HIS B 238 -33.08 21.43 5.11
CA HIS B 238 -33.80 20.37 4.42
C HIS B 238 -34.05 20.69 2.96
N ILE B 239 -34.59 21.86 2.71
CA ILE B 239 -34.89 22.31 1.33
C ILE B 239 -33.58 22.47 0.56
N TYR B 240 -32.59 23.14 1.15
CA TYR B 240 -31.29 23.32 0.50
C TYR B 240 -30.69 21.98 0.10
N LEU B 241 -30.72 20.98 0.98
CA LEU B 241 -30.10 19.72 0.62
C LEU B 241 -30.92 18.97 -0.42
N PHE B 242 -32.24 19.17 -0.40
CA PHE B 242 -33.08 18.54 -1.41
C PHE B 242 -32.71 19.13 -2.76
N GLU B 243 -32.54 20.43 -2.82
CA GLU B 243 -32.30 21.12 -4.09
C GLU B 243 -30.86 21.03 -4.61
N ASN B 244 -29.88 21.25 -3.73
CA ASN B 244 -28.47 21.19 -4.11
C ASN B 244 -28.04 19.84 -4.68
N PRO B 245 -27.77 19.77 -6.01
CA PRO B 245 -27.48 18.48 -6.65
C PRO B 245 -26.14 17.84 -6.25
N LYS B 246 -25.22 18.64 -5.72
CA LYS B 246 -23.95 18.10 -5.23
C LYS B 246 -24.09 17.45 -3.85
N ALA B 247 -25.23 17.64 -3.18
CA ALA B 247 -25.41 17.04 -1.84
C ALA B 247 -25.29 15.53 -1.91
N GLU B 248 -24.52 14.97 -0.99
CA GLU B 248 -24.40 13.53 -0.85
C GLU B 248 -24.11 13.10 0.60
N GLY B 249 -24.62 11.91 0.94
CA GLY B 249 -24.47 11.33 2.27
C GLY B 249 -25.29 12.01 3.35
N ARG B 250 -24.69 11.99 4.54
CA ARG B 250 -25.21 12.54 5.77
C ARG B 250 -24.75 13.98 6.02
N TYR B 251 -25.62 14.78 6.60
CA TYR B 251 -25.30 16.13 6.98
C TYR B 251 -25.74 16.46 8.37
N ILE B 252 -24.79 16.73 9.24
CA ILE B 252 -25.12 17.24 10.55
C ILE B 252 -25.65 18.65 10.36
N CYS B 253 -26.71 18.99 11.08
CA CYS B 253 -27.22 20.36 11.09
C CYS B 253 -27.32 20.81 12.56
N SER B 254 -26.33 21.57 13.00
CA SER B 254 -26.18 21.99 14.37
C SER B 254 -25.38 23.26 14.35
N SER B 255 -25.95 24.31 14.94
CA SER B 255 -25.34 25.65 14.93
C SER B 255 -24.67 26.02 16.27
N HIS B 256 -24.98 25.35 17.36
CA HIS B 256 -24.49 25.80 18.65
C HIS B 256 -24.31 24.57 19.52
N ASP B 257 -23.40 24.74 20.49
CA ASP B 257 -23.09 23.72 21.48
C ASP B 257 -22.60 24.52 22.67
N CYS B 258 -22.95 24.06 23.86
CA CYS B 258 -22.40 24.60 25.10
C CYS B 258 -22.92 23.67 26.20
N ILE B 259 -22.32 23.76 27.37
CA ILE B 259 -22.74 22.88 28.47
C ILE B 259 -23.97 23.43 29.21
N ILE B 260 -24.63 22.61 30.02
CA ILE B 260 -25.90 23.11 30.57
C ILE B 260 -25.69 24.39 31.38
N LEU B 261 -24.55 24.48 32.08
CA LEU B 261 -24.30 25.63 32.95
C LEU B 261 -24.29 26.90 32.12
N ASP B 262 -23.75 26.84 30.89
CA ASP B 262 -23.84 27.98 29.95
C ASP B 262 -25.25 28.27 29.45
N LEU B 263 -26.00 27.22 29.12
CA LEU B 263 -27.40 27.38 28.71
C LEU B 263 -28.12 28.16 29.81
N ALA B 264 -28.05 27.65 31.04
CA ALA B 264 -28.60 28.34 32.22
C ALA B 264 -28.27 29.85 32.25
N LYS B 265 -26.98 30.19 32.24
CA LYS B 265 -26.61 31.59 32.39
C LYS B 265 -27.35 32.46 31.37
N MET B 266 -27.46 31.94 30.15
CA MET B 266 -28.08 32.70 29.07
C MET B 266 -29.57 32.89 29.32
N LEU B 267 -30.20 31.86 29.89
CA LEU B 267 -31.65 31.87 30.06
C LEU B 267 -31.95 32.81 31.22
N ARG B 268 -31.44 32.48 32.41
CA ARG B 268 -31.40 33.40 33.56
C ARG B 268 -31.27 34.86 33.10
N GLU B 269 -30.14 35.22 32.52
CA GLU B 269 -29.91 36.63 32.19
C GLU B 269 -31.02 37.15 31.26
N LYS B 270 -31.49 36.31 30.34
CA LYS B 270 -32.59 36.71 29.45
C LYS B 270 -33.95 36.62 30.12
N TYR B 271 -34.14 35.68 31.05
CA TYR B 271 -35.44 35.46 31.74
C TYR B 271 -35.33 35.39 33.27
N PRO B 272 -35.08 36.54 33.92
CA PRO B 272 -35.11 36.65 35.39
C PRO B 272 -36.44 36.22 36.05
N GLU B 273 -37.57 36.50 35.38
CA GLU B 273 -38.91 36.10 35.85
C GLU B 273 -38.98 34.64 36.36
N TYR B 274 -38.18 33.76 35.75
CA TYR B 274 -38.24 32.34 36.08
C TYR B 274 -37.18 31.93 37.07
N ASN B 275 -37.47 30.88 37.83
CA ASN B 275 -36.56 30.39 38.87
C ASN B 275 -35.55 29.38 38.27
N ILE B 276 -34.72 29.88 37.36
CA ILE B 276 -33.74 29.07 36.62
C ILE B 276 -32.53 28.72 37.52
N PRO B 277 -32.31 27.42 37.84
CA PRO B 277 -31.22 27.03 38.72
C PRO B 277 -29.83 27.52 38.29
N THR B 278 -28.97 27.66 39.27
CA THR B 278 -27.67 28.28 39.09
C THR B 278 -26.57 27.24 38.91
N GLU B 279 -26.75 26.08 39.57
CA GLU B 279 -25.82 24.96 39.55
C GLU B 279 -26.62 23.68 39.26
N PHE B 280 -25.92 22.67 38.74
CA PHE B 280 -26.54 21.41 38.35
C PHE B 280 -25.69 20.23 38.80
N LYS B 281 -26.34 19.26 39.43
CA LYS B 281 -25.66 18.11 39.99
C LYS B 281 -24.81 17.37 38.97
N GLY B 282 -23.50 17.45 39.14
CA GLY B 282 -22.56 16.64 38.38
C GLY B 282 -21.94 17.37 37.22
N VAL B 283 -22.16 18.68 37.15
CA VAL B 283 -21.57 19.49 36.08
C VAL B 283 -20.61 20.52 36.69
N ASP B 284 -19.35 20.45 36.27
CA ASP B 284 -18.34 21.41 36.70
C ASP B 284 -18.14 22.33 35.51
N GLU B 285 -17.62 23.52 35.76
CA GLU B 285 -17.30 24.42 34.65
C GLU B 285 -16.11 23.88 33.82
N ASN B 286 -15.48 22.84 34.33
CA ASN B 286 -14.40 22.11 33.63
C ASN B 286 -14.94 21.12 32.57
N LEU B 287 -16.24 20.85 32.58
CA LEU B 287 -16.87 19.97 31.58
C LEU B 287 -16.70 20.57 30.18
N LYS B 288 -16.02 19.79 29.36
CA LYS B 288 -15.93 19.99 27.92
C LYS B 288 -17.36 20.08 27.29
N SER B 289 -17.56 21.07 26.44
CA SER B 289 -18.73 21.12 25.56
C SER B 289 -18.41 20.17 24.39
N VAL B 290 -19.42 19.40 23.94
CA VAL B 290 -19.28 18.48 22.83
C VAL B 290 -19.97 19.11 21.62
N CYS B 291 -19.17 19.40 20.59
CA CYS B 291 -19.66 20.03 19.35
C CYS B 291 -20.01 18.98 18.28
N PHE B 292 -21.11 19.18 17.56
CA PHE B 292 -21.44 18.45 16.34
C PHE B 292 -20.99 19.38 15.23
N SER B 293 -20.12 18.92 14.34
CA SER B 293 -19.63 19.84 13.31
C SER B 293 -20.53 19.83 12.10
N SER B 294 -21.01 21.02 11.72
CA SER B 294 -21.81 21.23 10.51
C SER B 294 -20.95 21.77 9.37
N LYS B 295 -19.67 21.42 9.37
CA LYS B 295 -18.75 21.87 8.35
C LYS B 295 -19.06 21.31 7.01
N LYS B 296 -19.46 20.04 6.96
CA LYS B 296 -19.85 19.43 5.68
C LYS B 296 -20.97 20.23 5.03
N LEU B 297 -21.94 20.67 5.82
CA LEU B 297 -23.12 21.42 5.29
C LEU B 297 -22.69 22.85 4.91
N THR B 298 -21.95 23.50 5.79
CA THR B 298 -21.58 24.86 5.49
C THR B 298 -20.58 24.97 4.33
N ASP B 299 -19.85 23.90 4.04
CA ASP B 299 -18.93 23.85 2.91
C ASP B 299 -19.59 23.73 1.56
N LEU B 300 -20.77 23.11 1.53
CA LEU B 300 -21.64 23.09 0.34
C LEU B 300 -22.06 24.50 -0.03
N GLY B 301 -22.17 25.38 0.96
CA GLY B 301 -22.60 26.77 0.78
C GLY B 301 -23.76 27.21 1.67
N PHE B 302 -24.30 26.29 2.48
CA PHE B 302 -25.50 26.59 3.27
C PHE B 302 -25.03 27.49 4.41
N GLU B 303 -25.83 28.50 4.78
CA GLU B 303 -25.54 29.34 5.96
C GLU B 303 -26.65 29.42 7.00
N PHE B 304 -26.27 29.37 8.25
CA PHE B 304 -27.21 29.46 9.35
C PHE B 304 -27.49 30.92 9.58
N LYS B 305 -28.76 31.26 9.74
CA LYS B 305 -29.17 32.63 9.98
C LYS B 305 -29.43 32.92 11.45
N TYR B 306 -29.51 31.92 12.33
CA TYR B 306 -29.97 32.16 13.72
C TYR B 306 -29.01 31.78 14.83
N SER B 307 -29.23 32.41 15.99
CA SER B 307 -28.34 32.33 17.14
C SER B 307 -29.03 31.56 18.26
N LEU B 308 -28.29 31.19 19.28
CA LEU B 308 -28.88 30.45 20.38
C LEU B 308 -29.91 31.27 21.17
N GLU B 309 -29.80 32.61 21.12
CA GLU B 309 -30.74 33.46 21.83
C GLU B 309 -32.05 33.57 21.01
N ASP B 310 -31.96 33.79 19.70
CA ASP B 310 -33.11 33.61 18.79
C ASP B 310 -33.92 32.32 19.08
N MET B 311 -33.29 31.15 18.95
CA MET B 311 -33.99 29.89 19.22
C MET B 311 -34.87 30.04 20.43
N PHE B 312 -34.22 30.40 21.53
CA PHE B 312 -34.82 30.33 22.85
C PHE B 312 -35.81 31.43 23.15
N THR B 313 -35.65 32.59 22.51
N THR B 313 -35.68 32.57 22.47
CA THR B 313 -36.65 33.63 22.58
CA THR B 313 -36.65 33.66 22.60
C THR B 313 -37.89 33.03 21.95
C THR B 313 -37.94 33.27 21.86
N GLY B 314 -37.80 32.76 20.64
CA GLY B 314 -38.91 32.24 19.84
C GLY B 314 -39.69 31.11 20.47
N ALA B 315 -38.96 30.22 21.12
CA ALA B 315 -39.52 29.12 21.90
C ALA B 315 -40.34 29.54 23.12
N VAL B 316 -39.77 30.45 23.90
CA VAL B 316 -40.39 30.85 25.17
C VAL B 316 -41.59 31.77 24.86
N ASP B 317 -41.41 32.68 23.92
CA ASP B 317 -42.49 33.56 23.45
C ASP B 317 -43.67 32.76 22.97
N THR B 318 -43.44 31.90 21.96
CA THR B 318 -44.51 31.05 21.44
C THR B 318 -45.23 30.27 22.51
N CYS B 319 -44.48 29.66 23.43
CA CYS B 319 -45.07 28.89 24.53
C CYS B 319 -45.94 29.73 25.49
N ARG B 320 -45.53 31.00 25.63
CA ARG B 320 -46.27 32.01 26.40
C ARG B 320 -47.61 32.32 25.73
N ALA B 321 -47.54 32.69 24.46
CA ALA B 321 -48.71 33.07 23.69
C ALA B 321 -49.70 31.93 23.52
N LYS B 322 -49.23 30.69 23.68
CA LYS B 322 -50.07 29.50 23.52
C LYS B 322 -50.52 28.95 24.88
N GLY B 323 -50.16 29.67 25.93
CA GLY B 323 -50.50 29.24 27.29
C GLY B 323 -49.89 27.90 27.68
N LEU B 324 -48.69 27.61 27.18
CA LEU B 324 -47.96 26.37 27.50
C LEU B 324 -46.86 26.60 28.56
N LEU B 325 -46.53 27.88 28.76
CA LEU B 325 -45.51 28.25 29.72
C LEU B 325 -46.03 29.47 30.48
N PRO B 326 -45.92 29.50 31.83
CA PRO B 326 -46.28 30.64 32.66
C PRO B 326 -45.52 31.87 32.23
N PRO B 327 -46.05 33.07 32.49
CA PRO B 327 -45.25 34.24 32.07
C PRO B 327 -44.13 34.53 33.08
N SER B 328 -44.23 33.94 34.27
CA SER B 328 -43.21 34.00 35.33
C SER B 328 -43.59 33.02 36.43
N HIS B 329 -42.70 32.80 37.40
CA HIS B 329 -42.93 31.73 38.40
C HIS B 329 -43.61 32.21 39.69
N GLU C 6 45.55 -35.92 -27.51
CA GLU C 6 46.21 -34.64 -27.11
C GLU C 6 46.10 -34.39 -25.61
N THR C 7 46.90 -33.44 -25.14
CA THR C 7 47.10 -33.13 -23.72
C THR C 7 46.35 -31.91 -23.16
N VAL C 8 45.58 -32.15 -22.10
CA VAL C 8 44.83 -31.11 -21.40
C VAL C 8 45.09 -31.13 -19.90
N CYS C 9 44.94 -29.98 -19.29
CA CYS C 9 45.10 -29.81 -17.86
C CYS C 9 43.73 -29.72 -17.19
N VAL C 10 43.58 -30.35 -16.01
CA VAL C 10 42.40 -30.20 -15.21
C VAL C 10 42.87 -29.75 -13.82
N THR C 11 42.44 -28.56 -13.37
CA THR C 11 42.70 -28.12 -12.00
C THR C 11 41.65 -28.66 -10.99
N GLY C 12 41.99 -28.81 -9.71
CA GLY C 12 41.03 -29.40 -8.79
C GLY C 12 40.54 -30.81 -9.13
N ALA C 13 41.45 -31.62 -9.67
CA ALA C 13 41.19 -33.00 -10.10
C ALA C 13 40.80 -33.92 -8.95
N SER C 14 41.15 -33.56 -7.71
CA SER C 14 40.74 -34.36 -6.55
C SER C 14 39.24 -34.27 -6.28
N GLY C 15 38.61 -33.21 -6.77
CA GLY C 15 37.24 -32.95 -6.37
C GLY C 15 36.20 -33.73 -7.09
N PHE C 16 34.97 -33.38 -6.73
CA PHE C 16 33.77 -34.03 -7.20
C PHE C 16 33.65 -33.93 -8.74
N ILE C 17 33.67 -32.71 -9.24
CA ILE C 17 33.54 -32.45 -10.71
C ILE C 17 34.82 -32.83 -11.41
N GLY C 18 35.94 -32.29 -10.93
CA GLY C 18 37.24 -32.51 -11.53
C GLY C 18 37.65 -33.98 -11.70
N SER C 19 37.40 -34.83 -10.70
CA SER C 19 37.80 -36.23 -10.79
C SER C 19 36.99 -36.97 -11.85
N TRP C 20 35.70 -36.65 -11.96
CA TRP C 20 34.85 -37.31 -12.98
C TRP C 20 35.24 -36.79 -14.35
N LEU C 21 35.59 -35.52 -14.40
CA LEU C 21 36.00 -34.95 -15.68
C LEU C 21 37.26 -35.66 -16.16
N VAL C 22 38.26 -35.84 -15.28
CA VAL C 22 39.45 -36.61 -15.63
C VAL C 22 39.16 -38.03 -16.15
N MET C 23 38.29 -38.72 -15.43
CA MET C 23 37.88 -40.06 -15.81
C MET C 23 37.32 -40.08 -17.22
N ARG C 24 36.45 -39.12 -17.56
CA ARG C 24 35.82 -39.07 -18.89
C ARG C 24 36.80 -38.62 -19.97
N LEU C 25 37.68 -37.71 -19.60
CA LEU C 25 38.72 -37.24 -20.50
C LEU C 25 39.66 -38.40 -20.85
N LEU C 26 40.04 -39.20 -19.86
CA LEU C 26 40.94 -40.33 -20.05
C LEU C 26 40.27 -41.41 -20.90
N GLU C 27 39.01 -41.70 -20.59
CA GLU C 27 38.17 -42.61 -21.37
C GLU C 27 38.02 -42.19 -22.82
N ARG C 28 38.12 -40.90 -23.11
CA ARG C 28 37.96 -40.39 -24.47
C ARG C 28 39.31 -40.35 -25.19
N GLY C 29 40.38 -40.76 -24.53
CA GLY C 29 41.66 -40.85 -25.22
C GLY C 29 42.57 -39.68 -25.02
N TYR C 30 42.18 -38.73 -24.17
CA TYR C 30 43.06 -37.65 -23.79
C TYR C 30 44.23 -38.11 -22.89
N THR C 31 45.31 -37.35 -22.97
CA THR C 31 46.38 -37.39 -22.00
C THR C 31 46.08 -36.27 -21.01
N VAL C 32 46.04 -36.57 -19.71
CA VAL C 32 45.61 -35.59 -18.72
C VAL C 32 46.68 -35.23 -17.69
N ARG C 33 46.73 -33.93 -17.40
CA ARG C 33 47.55 -33.40 -16.34
C ARG C 33 46.65 -32.89 -15.24
N ALA C 34 46.57 -33.67 -14.15
CA ALA C 34 45.69 -33.35 -13.04
C ALA C 34 46.46 -32.52 -12.05
N THR C 35 45.92 -31.39 -11.64
CA THR C 35 46.58 -30.67 -10.55
C THR C 35 45.87 -30.92 -9.20
N VAL C 36 46.69 -30.91 -8.16
CA VAL C 36 46.25 -31.08 -6.78
C VAL C 36 47.12 -30.24 -5.88
N ARG C 37 46.57 -29.78 -4.77
CA ARG C 37 47.41 -29.04 -3.80
C ARG C 37 48.41 -29.93 -3.08
N ASP C 38 48.00 -31.17 -2.85
CA ASP C 38 48.74 -32.10 -2.04
C ASP C 38 48.67 -33.51 -2.61
N PRO C 39 49.68 -33.89 -3.39
CA PRO C 39 49.80 -35.21 -3.99
C PRO C 39 50.16 -36.38 -3.08
N THR C 40 50.51 -36.12 -1.82
CA THR C 40 50.73 -37.16 -0.84
C THR C 40 49.46 -37.53 -0.10
N ASN C 41 48.38 -36.79 -0.32
CA ASN C 41 47.09 -37.07 0.30
C ASN C 41 46.45 -38.30 -0.36
N VAL C 42 46.49 -39.42 0.33
CA VAL C 42 46.11 -40.70 -0.28
C VAL C 42 44.63 -40.62 -0.65
N LYS C 43 43.83 -39.96 0.20
CA LYS C 43 42.38 -39.93 0.01
C LYS C 43 41.93 -39.00 -1.14
N LYS C 44 42.81 -38.12 -1.60
CA LYS C 44 42.52 -37.32 -2.76
C LYS C 44 43.05 -37.93 -4.07
N VAL C 45 44.17 -38.66 -4.04
CA VAL C 45 44.82 -39.14 -5.28
C VAL C 45 44.52 -40.59 -5.66
N LYS C 46 44.12 -41.42 -4.70
CA LYS C 46 43.92 -42.83 -5.01
C LYS C 46 42.85 -43.02 -6.06
N HIS C 47 41.71 -42.32 -5.97
CA HIS C 47 40.64 -42.39 -6.99
C HIS C 47 41.12 -41.97 -8.38
N LEU C 48 42.10 -41.09 -8.42
CA LEU C 48 42.67 -40.66 -9.71
C LEU C 48 43.60 -41.71 -10.27
N LEU C 49 44.55 -42.15 -9.46
CA LEU C 49 45.53 -43.13 -9.93
C LEU C 49 44.89 -44.49 -10.32
N ASP C 50 43.70 -44.78 -9.80
CA ASP C 50 43.00 -46.00 -10.16
C ASP C 50 42.11 -45.86 -11.39
N LEU C 51 42.10 -44.70 -12.05
CA LEU C 51 41.31 -44.59 -13.27
C LEU C 51 41.94 -45.43 -14.38
N PRO C 52 41.11 -46.02 -15.25
CA PRO C 52 41.73 -46.73 -16.38
C PRO C 52 42.53 -45.78 -17.28
N LYS C 53 43.68 -46.27 -17.73
CA LYS C 53 44.71 -45.56 -18.50
C LYS C 53 45.47 -44.52 -17.69
N ALA C 54 45.22 -44.44 -16.38
CA ALA C 54 45.91 -43.47 -15.54
C ALA C 54 47.42 -43.67 -15.56
N GLU C 55 47.88 -44.93 -15.57
CA GLU C 55 49.32 -45.21 -15.54
C GLU C 55 50.06 -44.62 -16.74
N THR C 56 49.43 -44.67 -17.90
CA THR C 56 50.04 -44.18 -19.13
C THR C 56 49.66 -42.77 -19.46
N HIS C 57 48.42 -42.37 -19.17
CA HIS C 57 47.92 -41.09 -19.69
C HIS C 57 47.63 -39.99 -18.65
N LEU C 58 47.85 -40.29 -17.37
CA LEU C 58 47.69 -39.35 -16.25
C LEU C 58 49.01 -38.99 -15.57
N THR C 59 49.21 -37.69 -15.34
CA THR C 59 50.31 -37.19 -14.50
C THR C 59 49.76 -36.24 -13.45
N LEU C 60 50.42 -36.15 -12.30
CA LEU C 60 49.98 -35.26 -11.21
C LEU C 60 50.86 -34.04 -11.07
N TRP C 61 50.27 -32.90 -10.71
CA TRP C 61 51.09 -31.72 -10.51
C TRP C 61 50.62 -30.89 -9.35
N LYS C 62 51.56 -30.46 -8.51
CA LYS C 62 51.28 -29.76 -7.28
C LYS C 62 51.11 -28.28 -7.59
N ALA C 63 49.98 -27.70 -7.17
CA ALA C 63 49.69 -26.31 -7.43
C ALA C 63 48.59 -25.85 -6.50
N ASP C 64 48.60 -24.55 -6.24
CA ASP C 64 47.67 -23.89 -5.35
C ASP C 64 47.37 -22.50 -5.92
N LEU C 65 46.08 -22.17 -5.99
CA LEU C 65 45.62 -20.89 -6.51
C LEU C 65 46.20 -19.72 -5.74
N ALA C 66 46.53 -19.93 -4.48
CA ALA C 66 47.16 -18.91 -3.64
C ALA C 66 48.65 -18.65 -4.00
N ASP C 67 49.29 -19.50 -4.79
CA ASP C 67 50.69 -19.35 -5.15
C ASP C 67 50.86 -18.89 -6.60
N GLU C 68 51.48 -17.73 -6.81
CA GLU C 68 51.61 -17.11 -8.14
C GLU C 68 52.43 -17.94 -9.12
N GLY C 69 51.88 -18.21 -10.29
CA GLY C 69 52.58 -19.00 -11.30
C GLY C 69 52.67 -20.47 -11.02
N SER C 70 52.00 -20.95 -9.97
CA SER C 70 52.10 -22.36 -9.60
C SER C 70 51.56 -23.31 -10.64
N PHE C 71 50.66 -22.87 -11.50
CA PHE C 71 50.17 -23.72 -12.59
C PHE C 71 50.96 -23.67 -13.91
N ASP C 72 52.01 -22.83 -14.00
CA ASP C 72 52.80 -22.66 -15.24
C ASP C 72 53.29 -23.96 -15.85
N GLU C 73 54.02 -24.72 -15.05
CA GLU C 73 54.60 -26.01 -15.49
C GLU C 73 53.54 -27.00 -15.96
N ALA C 74 52.49 -27.27 -15.18
CA ALA C 74 51.40 -28.20 -15.59
C ALA C 74 50.76 -27.78 -16.90
N ILE C 75 50.60 -26.46 -17.08
CA ILE C 75 49.91 -25.92 -18.27
C ILE C 75 50.79 -25.94 -19.55
N LYS C 76 52.08 -25.59 -19.45
CA LYS C 76 52.94 -25.54 -20.64
C LYS C 76 52.87 -26.88 -21.33
N GLY C 77 52.59 -26.91 -22.63
CA GLY C 77 52.47 -28.14 -23.40
C GLY C 77 51.03 -28.55 -23.60
N CYS C 78 50.10 -27.99 -22.81
CA CYS C 78 48.69 -28.36 -22.99
C CYS C 78 48.03 -27.65 -24.17
N THR C 79 47.08 -28.35 -24.76
CA THR C 79 46.24 -27.83 -25.82
C THR C 79 44.88 -27.27 -25.30
N GLY C 80 44.52 -27.69 -24.08
CA GLY C 80 43.28 -27.29 -23.41
C GLY C 80 43.50 -27.31 -21.90
N VAL C 81 42.82 -26.41 -21.20
CA VAL C 81 42.78 -26.32 -19.75
C VAL C 81 41.33 -26.22 -19.23
N PHE C 82 41.00 -27.10 -18.29
CA PHE C 82 39.78 -27.04 -17.51
C PHE C 82 40.13 -26.58 -16.10
N HIS C 83 39.77 -25.34 -15.82
CA HIS C 83 39.96 -24.75 -14.51
C HIS C 83 38.67 -25.01 -13.69
N VAL C 84 38.73 -26.04 -12.85
CA VAL C 84 37.62 -26.50 -12.00
C VAL C 84 37.82 -26.16 -10.51
N ALA C 85 39.06 -26.05 -10.07
CA ALA C 85 39.37 -25.69 -8.67
C ALA C 85 38.90 -24.30 -8.19
N THR C 86 38.57 -24.21 -6.91
CA THR C 86 38.23 -22.95 -6.24
C THR C 86 38.40 -23.14 -4.72
N PRO C 87 38.91 -22.11 -4.03
CA PRO C 87 39.00 -22.22 -2.55
C PRO C 87 37.62 -22.38 -1.87
N MET C 88 37.13 -23.60 -1.66
CA MET C 88 35.82 -23.81 -1.00
C MET C 88 35.90 -24.92 0.05
N ASP C 89 37.05 -24.99 0.71
CA ASP C 89 37.31 -26.02 1.72
C ASP C 89 36.66 -25.74 3.08
N PHE C 90 36.90 -24.53 3.61
CA PHE C 90 36.56 -24.18 4.98
C PHE C 90 35.71 -22.94 5.07
N GLU C 91 34.89 -22.88 6.12
CA GLU C 91 34.30 -21.63 6.57
C GLU C 91 35.49 -20.76 6.95
N SER C 92 35.50 -19.51 6.48
CA SER C 92 36.60 -18.58 6.74
C SER C 92 36.16 -17.36 7.53
N LYS C 93 36.93 -17.05 8.56
CA LYS C 93 36.80 -15.79 9.28
C LYS C 93 37.35 -14.62 8.47
N ASP C 94 38.16 -14.92 7.44
CA ASP C 94 38.73 -13.90 6.56
C ASP C 94 38.46 -14.20 5.08
N PRO C 95 37.19 -14.05 4.65
CA PRO C 95 36.87 -14.37 3.29
C PRO C 95 37.62 -13.58 2.23
N GLU C 96 37.80 -12.28 2.42
CA GLU C 96 38.47 -11.48 1.40
C GLU C 96 39.83 -12.05 1.01
N ASN C 97 40.66 -12.37 1.98
CA ASN C 97 42.00 -12.89 1.69
C ASN C 97 42.07 -14.38 1.47
N GLU C 98 41.26 -15.15 2.18
CA GLU C 98 41.29 -16.59 2.01
C GLU C 98 40.41 -17.15 0.90
N VAL C 99 39.40 -16.41 0.46
CA VAL C 99 38.51 -16.90 -0.59
C VAL C 99 38.52 -15.98 -1.80
N ILE C 100 38.16 -14.72 -1.61
CA ILE C 100 37.88 -13.84 -2.74
C ILE C 100 39.17 -13.59 -3.51
N LYS C 101 40.20 -13.18 -2.80
CA LYS C 101 41.47 -12.83 -3.43
C LYS C 101 42.05 -13.93 -4.32
N PRO C 102 42.28 -15.12 -3.75
CA PRO C 102 42.89 -16.21 -4.49
C PRO C 102 42.01 -16.77 -5.59
N THR C 103 40.69 -16.70 -5.42
CA THR C 103 39.78 -17.03 -6.53
C THR C 103 40.07 -16.14 -7.74
N ILE C 104 40.06 -14.82 -7.56
CA ILE C 104 40.23 -13.88 -8.69
C ILE C 104 41.63 -13.97 -9.28
N GLU C 105 42.61 -13.80 -8.41
CA GLU C 105 44.02 -13.83 -8.77
C GLU C 105 44.49 -15.15 -9.35
N GLY C 106 43.99 -16.25 -8.79
CA GLY C 106 44.34 -17.58 -9.29
C GLY C 106 43.74 -17.88 -10.64
N MET C 107 42.54 -17.34 -10.86
CA MET C 107 41.91 -17.42 -12.18
C MET C 107 42.77 -16.70 -13.22
N LEU C 108 43.15 -15.48 -12.85
CA LEU C 108 43.90 -14.63 -13.76
C LEU C 108 45.25 -15.23 -14.02
N GLY C 109 45.89 -15.67 -12.94
CA GLY C 109 47.18 -16.34 -12.96
C GLY C 109 47.23 -17.55 -13.88
N ILE C 110 46.17 -18.35 -13.86
CA ILE C 110 46.01 -19.45 -14.82
C ILE C 110 45.83 -18.99 -16.27
N MET C 111 45.13 -17.88 -16.52
CA MET C 111 44.93 -17.35 -17.88
C MET C 111 46.28 -16.87 -18.42
N LYS C 112 47.01 -16.21 -17.52
CA LYS C 112 48.36 -15.78 -17.84
C LYS C 112 49.19 -17.02 -18.16
N SER C 113 49.19 -18.03 -17.28
CA SER C 113 49.88 -19.29 -17.58
C SER C 113 49.50 -19.82 -18.95
N CYS C 114 48.22 -19.75 -19.31
CA CYS C 114 47.80 -20.19 -20.63
C CYS C 114 48.43 -19.34 -21.76
N ALA C 115 48.51 -18.02 -21.55
CA ALA C 115 49.15 -17.09 -22.49
C ALA C 115 50.59 -17.51 -22.70
N ALA C 116 51.37 -17.43 -21.62
CA ALA C 116 52.77 -17.88 -21.56
C ALA C 116 53.05 -19.25 -22.18
N ALA C 117 52.08 -20.16 -22.19
CA ALA C 117 52.27 -21.55 -22.67
C ALA C 117 52.26 -21.71 -24.19
N LYS C 118 51.76 -20.70 -24.89
CA LYS C 118 51.70 -20.67 -26.37
C LYS C 118 50.85 -21.75 -27.07
N THR C 119 50.59 -22.88 -26.40
CA THR C 119 50.01 -24.09 -27.00
C THR C 119 48.52 -24.34 -26.72
N VAL C 120 47.95 -23.52 -25.83
CA VAL C 120 46.57 -23.69 -25.39
C VAL C 120 45.61 -23.09 -26.41
N ARG C 121 44.82 -23.91 -27.07
CA ARG C 121 43.83 -23.34 -27.97
C ARG C 121 42.56 -22.78 -27.29
N ARG C 122 42.12 -23.38 -26.17
CA ARG C 122 40.96 -22.89 -25.42
C ARG C 122 41.02 -23.22 -23.92
N LEU C 123 40.62 -22.26 -23.08
CA LEU C 123 40.51 -22.42 -21.64
C LEU C 123 39.04 -22.53 -21.32
N VAL C 124 38.65 -23.57 -20.58
CA VAL C 124 37.28 -23.76 -20.11
C VAL C 124 37.23 -23.54 -18.59
N PHE C 125 36.46 -22.55 -18.12
CA PHE C 125 36.27 -22.27 -16.71
C PHE C 125 34.88 -22.71 -16.26
N THR C 126 34.89 -23.51 -15.20
CA THR C 126 33.70 -23.88 -14.46
C THR C 126 33.39 -22.74 -13.50
N SER C 127 32.31 -22.06 -13.82
CA SER C 127 31.78 -21.02 -13.02
C SER C 127 30.74 -21.61 -12.06
N SER C 128 29.69 -20.86 -11.73
CA SER C 128 28.74 -21.24 -10.71
C SER C 128 27.41 -20.52 -10.96
N ALA C 129 26.30 -21.21 -10.67
CA ALA C 129 25.00 -20.59 -10.74
C ALA C 129 24.96 -19.39 -9.76
N GLY C 130 25.87 -19.36 -8.80
CA GLY C 130 25.96 -18.21 -7.88
C GLY C 130 26.51 -16.95 -8.54
N THR C 131 26.95 -17.02 -9.79
CA THR C 131 27.28 -15.80 -10.52
C THR C 131 26.11 -15.27 -11.34
N VAL C 132 24.95 -15.95 -11.28
CA VAL C 132 23.86 -15.67 -12.15
C VAL C 132 22.65 -15.18 -11.41
N ASN C 133 22.14 -15.90 -10.41
CA ASN C 133 20.82 -15.55 -9.87
C ASN C 133 20.79 -15.06 -8.43
N ILE C 134 21.93 -14.64 -7.92
CA ILE C 134 21.93 -14.15 -6.54
C ILE C 134 21.56 -12.66 -6.53
N GLN C 135 20.27 -12.45 -6.40
CA GLN C 135 19.70 -11.14 -6.29
C GLN C 135 18.41 -11.27 -5.49
N GLU C 136 17.91 -10.14 -5.00
CA GLU C 136 16.77 -10.19 -4.09
C GLU C 136 15.50 -10.68 -4.77
N HIS C 137 15.28 -10.26 -6.00
CA HIS C 137 14.11 -10.71 -6.72
C HIS C 137 14.54 -11.78 -7.73
N GLN C 138 13.81 -12.88 -7.75
CA GLN C 138 14.07 -13.97 -8.66
C GLN C 138 13.22 -13.85 -9.89
N LEU C 139 13.91 -13.76 -11.01
CA LEU C 139 13.33 -13.95 -12.31
C LEU C 139 12.83 -15.41 -12.50
N PRO C 140 11.78 -15.61 -13.32
CA PRO C 140 11.26 -16.94 -13.57
C PRO C 140 12.20 -17.85 -14.34
N VAL C 141 13.01 -17.28 -15.24
CA VAL C 141 14.00 -17.99 -16.04
C VAL C 141 15.29 -17.16 -16.09
N TYR C 142 16.44 -17.79 -15.90
CA TYR C 142 17.77 -17.16 -16.06
C TYR C 142 18.47 -17.69 -17.31
N ASP C 143 19.29 -16.85 -17.93
CA ASP C 143 20.07 -17.29 -19.07
C ASP C 143 21.39 -16.61 -18.92
N GLU C 144 22.26 -16.76 -19.90
CA GLU C 144 23.64 -16.28 -19.82
C GLU C 144 23.84 -14.78 -19.71
N SER C 145 22.81 -13.97 -19.96
CA SER C 145 22.95 -12.51 -19.82
C SER C 145 22.94 -12.04 -18.38
N CYS C 146 22.41 -12.91 -17.51
CA CYS C 146 22.21 -12.55 -16.11
C CYS C 146 23.44 -12.74 -15.25
N TRP C 147 23.60 -11.83 -14.28
CA TRP C 147 24.74 -11.78 -13.43
C TRP C 147 24.27 -11.46 -12.01
N SER C 148 24.90 -12.04 -10.99
CA SER C 148 24.50 -11.79 -9.61
C SER C 148 24.74 -10.33 -9.17
N ASP C 149 24.02 -9.96 -8.11
CA ASP C 149 24.01 -8.61 -7.58
C ASP C 149 25.01 -8.52 -6.40
N MET C 150 26.19 -7.97 -6.70
CA MET C 150 27.24 -7.88 -5.72
C MET C 150 26.89 -7.00 -4.53
N GLU C 151 26.11 -5.93 -4.72
CA GLU C 151 25.69 -5.11 -3.54
C GLU C 151 24.72 -5.90 -2.65
N PHE C 152 23.83 -6.65 -3.27
CA PHE C 152 22.92 -7.52 -2.52
C PHE C 152 23.70 -8.54 -1.68
N CYS C 153 24.63 -9.25 -2.32
CA CYS C 153 25.50 -10.20 -1.62
C CYS C 153 26.26 -9.65 -0.43
N ARG C 154 26.96 -8.55 -0.66
CA ARG C 154 27.70 -7.86 0.37
C ARG C 154 26.75 -7.28 1.44
N ALA C 155 25.58 -6.74 1.07
CA ALA C 155 24.60 -6.26 2.05
C ALA C 155 24.04 -7.36 2.95
N LYS C 156 23.64 -8.48 2.34
CA LYS C 156 22.94 -9.52 3.04
C LYS C 156 23.86 -10.51 3.73
N LYS C 157 24.99 -10.85 3.12
CA LYS C 157 25.94 -11.82 3.63
C LYS C 157 25.22 -13.12 3.96
N MET C 158 24.35 -13.56 3.06
CA MET C 158 23.69 -14.85 3.18
C MET C 158 24.77 -15.94 3.24
N THR C 159 24.36 -17.17 3.56
CA THR C 159 25.28 -18.31 3.52
C THR C 159 25.91 -18.43 2.14
N ALA C 160 27.21 -18.72 2.09
CA ALA C 160 28.01 -18.82 0.87
C ALA C 160 28.23 -17.50 0.09
N TRP C 161 27.91 -16.34 0.67
CA TRP C 161 28.03 -15.03 -0.01
C TRP C 161 29.41 -14.86 -0.62
N MET C 162 30.43 -15.35 0.07
CA MET C 162 31.79 -15.17 -0.38
C MET C 162 32.12 -16.00 -1.63
N TYR C 163 31.41 -17.10 -1.83
CA TYR C 163 31.62 -17.93 -3.02
C TYR C 163 30.83 -17.33 -4.18
N PHE C 164 29.68 -16.72 -3.89
CA PHE C 164 28.95 -16.05 -4.93
C PHE C 164 29.81 -14.89 -5.49
N VAL C 165 30.28 -14.05 -4.56
CA VAL C 165 31.17 -12.92 -4.88
C VAL C 165 32.47 -13.34 -5.57
N SER C 166 33.20 -14.29 -4.99
CA SER C 166 34.48 -14.73 -5.58
C SER C 166 34.36 -15.28 -7.00
N LYS C 167 33.31 -16.07 -7.27
CA LYS C 167 33.21 -16.63 -8.62
C LYS C 167 32.77 -15.55 -9.63
N THR C 168 31.89 -14.65 -9.16
CA THR C 168 31.32 -13.63 -10.03
C THR C 168 32.42 -12.67 -10.48
N LEU C 169 33.18 -12.19 -9.50
CA LEU C 169 34.29 -11.29 -9.77
C LEU C 169 35.42 -11.99 -10.54
N ALA C 170 35.68 -13.28 -10.26
CA ALA C 170 36.68 -14.02 -11.04
C ALA C 170 36.25 -14.17 -12.49
N GLU C 171 35.00 -14.55 -12.72
CA GLU C 171 34.57 -14.77 -14.09
C GLU C 171 34.55 -13.43 -14.85
N GLN C 172 34.14 -12.36 -14.17
CA GLN C 172 34.05 -11.03 -14.79
C GLN C 172 35.45 -10.52 -15.10
N ALA C 173 36.38 -10.70 -14.15
CA ALA C 173 37.80 -10.45 -14.42
C ALA C 173 38.38 -11.31 -15.56
N ALA C 174 38.02 -12.59 -15.61
CA ALA C 174 38.46 -13.48 -16.66
C ALA C 174 38.00 -12.99 -18.03
N TRP C 175 36.76 -12.52 -18.12
CA TRP C 175 36.20 -12.09 -19.41
C TRP C 175 36.94 -10.85 -19.90
N LYS C 176 37.20 -9.92 -18.99
CA LYS C 176 38.00 -8.72 -19.27
C LYS C 176 39.37 -9.10 -19.83
N TYR C 177 40.08 -9.96 -19.11
CA TYR C 177 41.39 -10.43 -19.53
C TYR C 177 41.37 -11.24 -20.83
N ALA C 178 40.34 -12.06 -21.03
CA ALA C 178 40.13 -12.82 -22.26
C ALA C 178 40.10 -11.95 -23.51
N LYS C 179 39.34 -10.86 -23.44
CA LYS C 179 39.19 -9.91 -24.55
C LYS C 179 40.48 -9.12 -24.83
N GLU C 180 41.14 -8.65 -23.77
CA GLU C 180 42.36 -7.85 -23.88
C GLU C 180 43.59 -8.60 -24.40
N ASN C 181 43.59 -9.93 -24.27
CA ASN C 181 44.72 -10.74 -24.66
C ASN C 181 44.36 -11.85 -25.66
N ASN C 182 43.21 -11.69 -26.31
CA ASN C 182 42.75 -12.60 -27.37
C ASN C 182 42.86 -14.10 -27.06
N ILE C 183 42.38 -14.48 -25.88
CA ILE C 183 42.34 -15.86 -25.40
C ILE C 183 40.98 -16.50 -25.74
N ASP C 184 40.99 -17.69 -26.33
CA ASP C 184 39.74 -18.39 -26.49
C ASP C 184 39.26 -18.99 -25.12
N PHE C 185 38.32 -18.28 -24.52
CA PHE C 185 37.73 -18.53 -23.21
C PHE C 185 36.24 -18.92 -23.30
N ILE C 186 35.88 -19.97 -22.56
CA ILE C 186 34.54 -20.44 -22.43
C ILE C 186 34.29 -20.58 -20.92
N THR C 187 33.12 -20.15 -20.47
CA THR C 187 32.66 -20.46 -19.11
C THR C 187 31.44 -21.39 -19.14
N ILE C 188 31.38 -22.30 -18.16
CA ILE C 188 30.27 -23.22 -17.98
C ILE C 188 29.70 -22.98 -16.58
N ILE C 189 28.39 -22.79 -16.49
CA ILE C 189 27.77 -22.38 -15.25
C ILE C 189 26.85 -23.51 -14.89
N PRO C 190 27.33 -24.37 -13.99
CA PRO C 190 26.46 -25.43 -13.54
C PRO C 190 25.51 -24.96 -12.49
N THR C 191 24.37 -25.64 -12.41
CA THR C 191 23.45 -25.49 -11.28
C THR C 191 23.84 -26.56 -10.24
N LEU C 192 23.00 -26.99 -9.30
CA LEU C 192 23.46 -27.96 -8.30
C LEU C 192 23.75 -29.30 -8.94
N VAL C 193 24.98 -29.77 -8.74
CA VAL C 193 25.49 -30.96 -9.41
C VAL C 193 25.27 -32.19 -8.55
N VAL C 194 24.57 -33.17 -9.14
CA VAL C 194 24.06 -34.30 -8.43
C VAL C 194 24.39 -35.54 -9.26
N GLY C 195 24.94 -36.54 -8.58
CA GLY C 195 25.12 -37.83 -9.20
C GLY C 195 26.04 -38.74 -8.42
N PRO C 196 26.42 -39.86 -9.04
CA PRO C 196 27.34 -40.77 -8.40
C PRO C 196 28.72 -40.11 -8.49
N PHE C 197 29.71 -40.68 -7.81
CA PHE C 197 31.00 -40.08 -7.76
C PHE C 197 32.11 -41.05 -7.39
N ILE C 198 33.36 -40.60 -7.51
CA ILE C 198 34.52 -41.47 -7.34
C ILE C 198 35.40 -41.14 -6.13
N MET C 199 35.35 -39.89 -5.67
CA MET C 199 36.01 -39.51 -4.42
C MET C 199 35.41 -40.27 -3.25
N SER C 200 36.16 -40.30 -2.17
CA SER C 200 35.81 -41.06 -0.97
C SER C 200 35.07 -40.21 0.06
N SER C 201 35.31 -38.90 0.09
CA SER C 201 34.54 -38.03 0.99
C SER C 201 33.24 -37.61 0.29
N MET C 202 32.36 -37.01 1.08
CA MET C 202 31.05 -36.53 0.66
C MET C 202 31.22 -35.26 -0.20
N PRO C 203 30.75 -35.28 -1.45
CA PRO C 203 30.80 -34.06 -2.29
C PRO C 203 30.00 -32.95 -1.63
N PRO C 204 30.60 -31.75 -1.51
CA PRO C 204 29.91 -30.61 -0.92
C PRO C 204 28.49 -30.40 -1.44
N SER C 205 28.29 -30.51 -2.75
CA SER C 205 26.98 -30.30 -3.37
C SER C 205 25.98 -31.42 -3.05
N LEU C 206 26.45 -32.59 -2.63
CA LEU C 206 25.55 -33.66 -2.15
C LEU C 206 25.07 -33.43 -0.73
N ILE C 207 25.84 -32.67 0.02
CA ILE C 207 25.41 -32.24 1.33
C ILE C 207 24.14 -31.40 1.12
N THR C 208 24.16 -30.54 0.13
CA THR C 208 23.05 -29.65 -0.17
C THR C 208 21.90 -30.44 -0.79
N ALA C 209 22.20 -31.17 -1.86
CA ALA C 209 21.23 -32.01 -2.60
C ALA C 209 20.48 -32.98 -1.69
N LEU C 210 21.19 -33.64 -0.78
CA LEU C 210 20.61 -34.70 0.04
C LEU C 210 20.09 -34.19 1.36
N SER C 211 20.04 -32.88 1.53
CA SER C 211 19.60 -32.29 2.80
C SER C 211 18.16 -32.63 3.22
N PRO C 212 17.22 -32.80 2.26
CA PRO C 212 15.90 -33.28 2.70
C PRO C 212 15.93 -34.65 3.43
N ILE C 213 16.91 -35.49 3.10
CA ILE C 213 17.10 -36.76 3.79
C ILE C 213 17.82 -36.58 5.12
N THR C 214 18.92 -35.82 5.13
CA THR C 214 19.74 -35.69 6.32
C THR C 214 19.15 -34.69 7.28
N GLY C 215 18.24 -33.85 6.79
CA GLY C 215 17.63 -32.83 7.61
C GLY C 215 18.56 -31.65 7.90
N ASN C 216 19.55 -31.37 7.03
CA ASN C 216 20.49 -30.26 7.21
C ASN C 216 19.81 -28.99 6.67
N GLU C 217 18.99 -28.35 7.50
CA GLU C 217 18.20 -27.16 7.13
C GLU C 217 19.02 -25.96 6.67
N ALA C 218 20.27 -25.90 7.08
CA ALA C 218 21.23 -24.89 6.60
C ALA C 218 21.42 -24.90 5.10
N HIS C 219 21.05 -26.00 4.42
CA HIS C 219 21.15 -26.07 2.98
C HIS C 219 19.87 -25.84 2.19
N TYR C 220 18.73 -25.78 2.86
CA TYR C 220 17.43 -25.69 2.17
C TYR C 220 17.25 -24.46 1.27
N SER C 221 17.84 -23.33 1.63
CA SER C 221 17.64 -22.08 0.88
C SER C 221 18.19 -22.14 -0.55
N ILE C 222 19.27 -22.88 -0.74
CA ILE C 222 19.77 -23.19 -2.07
C ILE C 222 18.80 -24.02 -2.94
N ILE C 223 18.00 -24.91 -2.35
CA ILE C 223 17.07 -25.79 -3.07
C ILE C 223 15.61 -25.47 -2.88
N ARG C 224 15.33 -24.34 -2.24
CA ARG C 224 13.99 -23.84 -2.06
C ARG C 224 13.32 -23.67 -3.43
N GLN C 225 14.06 -23.02 -4.32
CA GLN C 225 13.78 -23.00 -5.74
C GLN C 225 15.06 -23.51 -6.38
N GLY C 226 15.03 -24.77 -6.78
CA GLY C 226 16.23 -25.50 -7.14
C GLY C 226 16.36 -25.71 -8.61
N GLN C 227 17.63 -25.83 -9.02
CA GLN C 227 18.03 -26.19 -10.35
C GLN C 227 19.16 -27.23 -10.15
N PHE C 228 19.18 -28.21 -11.06
CA PHE C 228 20.02 -29.39 -11.03
C PHE C 228 20.57 -29.83 -12.37
N VAL C 229 21.76 -30.42 -12.27
CA VAL C 229 22.42 -31.08 -13.41
C VAL C 229 23.12 -32.37 -12.93
N HIS C 230 22.99 -33.44 -13.72
CA HIS C 230 23.69 -34.69 -13.46
C HIS C 230 25.18 -34.46 -13.66
N LEU C 231 26.02 -34.93 -12.71
CA LEU C 231 27.50 -34.82 -12.87
C LEU C 231 28.11 -35.24 -14.22
N ASP C 232 27.67 -36.38 -14.74
CA ASP C 232 28.20 -36.91 -16.00
C ASP C 232 27.72 -36.06 -17.19
N ASP C 233 26.45 -35.61 -17.18
CA ASP C 233 25.99 -34.56 -18.12
C ASP C 233 26.86 -33.32 -18.06
N LEU C 234 27.12 -32.83 -16.86
CA LEU C 234 27.99 -31.63 -16.76
C LEU C 234 29.38 -31.88 -17.37
N CYS C 235 29.96 -33.01 -17.02
CA CYS C 235 31.34 -33.26 -17.51
C CYS C 235 31.33 -33.45 -19.04
N ASN C 236 30.30 -34.11 -19.55
CA ASN C 236 30.14 -34.24 -21.00
C ASN C 236 30.03 -32.87 -21.64
N ALA C 237 29.25 -31.97 -21.04
CA ALA C 237 29.16 -30.60 -21.53
C ALA C 237 30.51 -29.90 -21.52
N HIS C 238 31.34 -30.15 -20.51
CA HIS C 238 32.68 -29.55 -20.51
C HIS C 238 33.51 -29.95 -21.72
N ILE C 239 33.45 -31.24 -22.02
CA ILE C 239 34.25 -31.81 -23.13
C ILE C 239 33.68 -31.27 -24.44
N TYR C 240 32.39 -31.53 -24.67
CA TYR C 240 31.65 -31.00 -25.79
C TYR C 240 32.01 -29.56 -26.12
N LEU C 241 32.03 -28.72 -25.09
CA LEU C 241 32.33 -27.29 -25.25
C LEU C 241 33.77 -26.99 -25.54
N PHE C 242 34.68 -27.80 -25.03
CA PHE C 242 36.11 -27.64 -25.32
C PHE C 242 36.36 -27.91 -26.80
N GLU C 243 35.75 -28.98 -27.29
CA GLU C 243 35.93 -29.47 -28.64
C GLU C 243 35.12 -28.70 -29.67
N ASN C 244 33.90 -28.30 -29.34
CA ASN C 244 33.01 -27.67 -30.32
C ASN C 244 33.52 -26.30 -30.77
N PRO C 245 33.98 -26.19 -32.03
CA PRO C 245 34.66 -24.94 -32.39
C PRO C 245 33.72 -23.72 -32.50
N LYS C 246 32.42 -23.97 -32.60
CA LYS C 246 31.40 -22.91 -32.60
C LYS C 246 31.04 -22.39 -31.19
N ALA C 247 31.58 -23.01 -30.14
CA ALA C 247 31.29 -22.54 -28.77
C ALA C 247 31.84 -21.13 -28.58
N GLU C 248 31.02 -20.23 -28.03
CA GLU C 248 31.49 -18.89 -27.63
C GLU C 248 30.84 -18.38 -26.36
N GLY C 249 31.58 -17.65 -25.53
CA GLY C 249 30.98 -17.06 -24.30
C GLY C 249 30.60 -18.02 -23.18
N ARG C 250 29.53 -17.68 -22.46
CA ARG C 250 29.08 -18.40 -21.29
C ARG C 250 28.06 -19.42 -21.69
N TYR C 251 28.00 -20.51 -20.90
CA TYR C 251 26.99 -21.52 -21.05
C TYR C 251 26.45 -22.06 -19.73
N ILE C 252 25.15 -21.90 -19.55
CA ILE C 252 24.40 -22.56 -18.51
C ILE C 252 24.28 -24.05 -18.80
N CYS C 253 24.56 -24.87 -17.78
CA CYS C 253 24.37 -26.32 -17.83
C CYS C 253 23.51 -26.73 -16.65
N SER C 254 22.21 -26.88 -16.92
CA SER C 254 21.16 -27.18 -15.94
C SER C 254 20.06 -27.91 -16.70
N SER C 255 19.64 -29.06 -16.19
CA SER C 255 18.64 -29.90 -16.85
C SER C 255 17.30 -29.95 -16.16
N HIS C 256 17.20 -29.59 -14.87
CA HIS C 256 15.94 -29.64 -14.14
C HIS C 256 15.81 -28.46 -13.17
N ASP C 257 14.57 -28.06 -12.90
CA ASP C 257 14.24 -27.13 -11.85
C ASP C 257 12.97 -27.61 -11.18
N CYS C 258 12.85 -27.35 -9.89
CA CYS C 258 11.65 -27.58 -9.12
C CYS C 258 11.88 -27.00 -7.73
N ILE C 259 10.78 -26.71 -7.07
CA ILE C 259 10.81 -26.27 -5.70
C ILE C 259 11.05 -27.46 -4.78
N ILE C 260 11.53 -27.13 -3.59
CA ILE C 260 11.89 -28.11 -2.60
C ILE C 260 10.77 -29.09 -2.30
N LEU C 261 9.52 -28.65 -2.40
CA LEU C 261 8.36 -29.55 -2.18
C LEU C 261 8.34 -30.65 -3.22
N ASP C 262 8.58 -30.27 -4.45
CA ASP C 262 8.65 -31.22 -5.54
C ASP C 262 9.84 -32.16 -5.41
N LEU C 263 10.98 -31.65 -4.94
CA LEU C 263 12.13 -32.51 -4.68
C LEU C 263 11.85 -33.53 -3.57
N ALA C 264 11.36 -33.05 -2.43
CA ALA C 264 11.05 -33.87 -1.28
C ALA C 264 10.02 -34.94 -1.65
N LYS C 265 9.00 -34.60 -2.44
CA LYS C 265 8.01 -35.60 -2.90
C LYS C 265 8.67 -36.79 -3.61
N MET C 266 9.46 -36.48 -4.64
CA MET C 266 10.21 -37.50 -5.34
C MET C 266 11.03 -38.34 -4.35
N LEU C 267 11.76 -37.70 -3.45
CA LEU C 267 12.66 -38.44 -2.56
C LEU C 267 11.88 -39.29 -1.52
N ARG C 268 10.73 -38.81 -1.07
CA ARG C 268 9.86 -39.63 -0.21
C ARG C 268 9.33 -40.87 -0.96
N GLU C 269 9.06 -40.72 -2.26
CA GLU C 269 8.55 -41.79 -3.10
C GLU C 269 9.61 -42.83 -3.32
N LYS C 270 10.80 -42.44 -3.72
CA LYS C 270 11.88 -43.43 -3.89
C LYS C 270 12.36 -44.03 -2.56
N TYR C 271 12.33 -43.27 -1.48
CA TYR C 271 13.05 -43.67 -0.27
C TYR C 271 12.20 -43.61 0.99
N PRO C 272 11.18 -44.48 1.05
CA PRO C 272 10.35 -44.56 2.23
C PRO C 272 11.13 -44.88 3.49
N GLU C 273 12.29 -45.53 3.36
CA GLU C 273 13.18 -45.79 4.52
C GLU C 273 13.82 -44.56 5.21
N TYR C 274 13.72 -43.38 4.60
CA TYR C 274 14.24 -42.18 5.25
C TYR C 274 13.10 -41.31 5.72
N ASN C 275 13.42 -40.42 6.64
CA ASN C 275 12.47 -39.51 7.21
C ASN C 275 12.59 -38.17 6.52
N ILE C 276 11.96 -38.08 5.35
CA ILE C 276 11.97 -36.87 4.56
C ILE C 276 10.73 -36.06 4.91
N PRO C 277 10.90 -34.80 5.38
CA PRO C 277 9.75 -33.97 5.73
C PRO C 277 8.79 -33.77 4.57
N THR C 278 7.52 -33.54 4.90
CA THR C 278 6.49 -33.26 3.91
C THR C 278 6.21 -31.74 3.77
N GLU C 279 6.73 -30.95 4.70
CA GLU C 279 6.55 -29.51 4.69
C GLU C 279 7.84 -28.79 5.01
N PHE C 280 7.91 -27.56 4.52
CA PHE C 280 9.08 -26.74 4.69
C PHE C 280 8.60 -25.36 5.05
N LYS C 281 9.08 -24.86 6.19
CA LYS C 281 8.69 -23.55 6.69
C LYS C 281 9.05 -22.50 5.65
N GLY C 282 8.06 -21.73 5.19
CA GLY C 282 8.29 -20.62 4.26
C GLY C 282 8.14 -20.97 2.80
N VAL C 283 7.63 -22.17 2.51
CA VAL C 283 7.47 -22.63 1.13
C VAL C 283 6.04 -23.15 0.96
N ASP C 284 5.26 -22.62 0.02
CA ASP C 284 3.97 -23.21 -0.33
C ASP C 284 3.94 -23.60 -1.81
N GLU C 285 2.94 -24.39 -2.16
CA GLU C 285 2.84 -25.02 -3.48
C GLU C 285 2.72 -24.03 -4.62
N ASN C 286 2.39 -22.78 -4.31
CA ASN C 286 2.26 -21.71 -5.30
C ASN C 286 3.58 -21.02 -5.58
N LEU C 287 4.63 -21.39 -4.85
CA LEU C 287 5.97 -20.85 -5.12
C LEU C 287 6.45 -21.16 -6.55
N LYS C 288 6.90 -20.12 -7.22
CA LYS C 288 7.44 -20.21 -8.55
C LYS C 288 8.72 -21.06 -8.56
N SER C 289 8.81 -21.99 -9.51
CA SER C 289 10.05 -22.65 -9.82
C SER C 289 10.81 -21.58 -10.58
N VAL C 290 12.13 -21.62 -10.46
CA VAL C 290 13.04 -20.74 -11.19
C VAL C 290 13.90 -21.67 -12.03
N CYS C 291 13.80 -21.48 -13.34
CA CYS C 291 14.53 -22.25 -14.32
C CYS C 291 15.80 -21.52 -14.77
N PHE C 292 16.87 -22.29 -14.94
CA PHE C 292 18.08 -21.84 -15.58
C PHE C 292 17.97 -22.49 -16.94
N SER C 293 18.06 -21.68 -17.99
CA SER C 293 17.79 -22.16 -19.32
C SER C 293 19.07 -22.61 -20.00
N SER C 294 19.11 -23.88 -20.42
CA SER C 294 20.27 -24.43 -21.12
C SER C 294 20.13 -24.40 -22.64
N LYS C 295 19.22 -23.53 -23.13
CA LYS C 295 18.92 -23.46 -24.57
C LYS C 295 20.12 -23.05 -25.39
N LYS C 296 20.92 -22.11 -24.90
CA LYS C 296 22.15 -21.79 -25.64
C LYS C 296 23.04 -23.05 -25.87
N LEU C 297 23.15 -23.91 -24.86
CA LEU C 297 23.96 -25.15 -24.96
C LEU C 297 23.28 -26.22 -25.84
N THR C 298 21.99 -26.44 -25.61
CA THR C 298 21.28 -27.43 -26.41
C THR C 298 21.13 -26.98 -27.87
N ASP C 299 21.03 -25.68 -28.12
CA ASP C 299 21.07 -25.16 -29.49
C ASP C 299 22.33 -25.52 -30.26
N LEU C 300 23.49 -25.58 -29.59
CA LEU C 300 24.72 -26.05 -30.26
C LEU C 300 24.64 -27.50 -30.71
N GLY C 301 23.82 -28.32 -30.04
CA GLY C 301 23.67 -29.74 -30.32
C GLY C 301 23.78 -30.66 -29.12
N PHE C 302 24.20 -30.13 -27.97
CA PHE C 302 24.34 -30.97 -26.77
C PHE C 302 23.04 -31.56 -26.33
N GLU C 303 23.07 -32.82 -25.91
CA GLU C 303 21.87 -33.46 -25.40
C GLU C 303 22.10 -33.98 -23.99
N PHE C 304 21.21 -33.60 -23.10
CA PHE C 304 21.23 -34.10 -21.74
C PHE C 304 20.73 -35.54 -21.77
N LYS C 305 21.37 -36.41 -21.00
CA LYS C 305 21.03 -37.82 -20.95
C LYS C 305 20.26 -38.21 -19.71
N TYR C 306 20.53 -37.53 -18.60
CA TYR C 306 19.99 -37.96 -17.31
C TYR C 306 18.79 -37.21 -16.82
N SER C 307 18.05 -37.87 -15.95
CA SER C 307 16.86 -37.31 -15.33
C SER C 307 17.16 -36.95 -13.87
N LEU C 308 16.22 -36.30 -13.21
CA LEU C 308 16.38 -35.89 -11.83
C LEU C 308 16.45 -37.13 -10.94
N GLU C 309 15.61 -38.11 -11.25
CA GLU C 309 15.57 -39.37 -10.52
C GLU C 309 16.93 -40.07 -10.61
N ASP C 310 17.48 -40.16 -11.81
CA ASP C 310 18.83 -40.66 -12.09
C ASP C 310 19.92 -40.01 -11.23
N MET C 311 19.96 -38.68 -11.24
CA MET C 311 20.87 -37.91 -10.40
C MET C 311 20.81 -38.33 -8.94
N PHE C 312 19.61 -38.31 -8.41
CA PHE C 312 19.43 -38.60 -6.99
C PHE C 312 19.66 -40.06 -6.59
N THR C 313 19.26 -40.99 -7.46
N THR C 313 19.26 -41.02 -7.45
CA THR C 313 19.50 -42.42 -7.22
CA THR C 313 19.54 -42.45 -7.15
C THR C 313 21.02 -42.69 -7.17
C THR C 313 21.05 -42.69 -7.16
N GLY C 314 21.76 -42.14 -8.14
CA GLY C 314 23.20 -42.29 -8.21
C GLY C 314 23.91 -41.68 -6.99
N ALA C 315 23.48 -40.48 -6.58
CA ALA C 315 24.04 -39.86 -5.38
C ALA C 315 23.78 -40.69 -4.15
N VAL C 316 22.54 -41.12 -3.94
CA VAL C 316 22.14 -41.90 -2.76
C VAL C 316 22.84 -43.27 -2.72
N ASP C 317 22.90 -43.98 -3.84
CA ASP C 317 23.54 -45.29 -3.84
C ASP C 317 25.04 -45.22 -3.59
N THR C 318 25.69 -44.18 -4.12
CA THR C 318 27.11 -44.03 -3.92
C THR C 318 27.39 -43.69 -2.47
N CYS C 319 26.62 -42.77 -1.89
CA CYS C 319 26.81 -42.38 -0.51
C CYS C 319 26.65 -43.61 0.38
N ARG C 320 25.57 -44.37 0.21
CA ARG C 320 25.36 -45.64 0.96
C ARG C 320 26.56 -46.60 0.84
N ALA C 321 26.87 -46.98 -0.38
CA ALA C 321 28.01 -47.83 -0.68
C ALA C 321 29.30 -47.36 -0.03
N LYS C 322 29.53 -46.05 0.05
CA LYS C 322 30.73 -45.54 0.70
C LYS C 322 30.49 -45.28 2.18
N GLY C 323 29.32 -45.60 2.71
CA GLY C 323 29.04 -45.41 4.12
C GLY C 323 28.95 -43.95 4.54
N LEU C 324 28.63 -43.08 3.58
CA LEU C 324 28.48 -41.65 3.83
C LEU C 324 27.06 -41.28 4.20
N LEU C 325 26.12 -42.11 3.94
CA LEU C 325 24.69 -42.05 4.33
C LEU C 325 24.30 -43.37 4.94
N PRO C 326 23.53 -43.41 6.01
CA PRO C 326 23.06 -44.71 6.45
C PRO C 326 22.08 -45.34 5.41
N PRO C 327 21.82 -46.66 5.54
CA PRO C 327 20.88 -47.30 4.63
C PRO C 327 19.45 -46.88 4.91
N SER C 328 19.14 -46.42 6.11
CA SER C 328 17.78 -46.06 6.45
C SER C 328 17.76 -45.28 7.77
N HIS C 329 16.58 -44.76 8.13
CA HIS C 329 16.32 -44.18 9.45
C HIS C 329 15.38 -45.07 10.32
N GLU C 330 15.19 -44.71 11.59
CA GLU C 330 14.32 -45.48 12.51
C GLU C 330 12.84 -45.07 12.42
N GLU D 6 16.29 9.93 43.08
CA GLU D 6 16.05 8.48 42.80
C GLU D 6 16.56 8.05 41.43
N THR D 7 16.58 6.74 41.20
CA THR D 7 17.16 6.13 40.01
C THR D 7 16.14 5.63 38.96
N VAL D 8 16.24 6.19 37.73
CA VAL D 8 15.33 5.90 36.60
C VAL D 8 16.10 5.48 35.34
N CYS D 9 15.48 4.64 34.52
CA CYS D 9 16.08 4.17 33.27
C CYS D 9 15.37 4.80 32.06
N VAL D 10 16.15 5.25 31.08
CA VAL D 10 15.67 5.91 29.86
C VAL D 10 16.21 5.04 28.71
N THR D 11 15.32 4.47 27.91
CA THR D 11 15.76 3.71 26.75
C THR D 11 15.87 4.67 25.56
N GLY D 12 16.72 4.34 24.59
CA GLY D 12 16.96 5.27 23.48
C GLY D 12 17.49 6.61 23.85
N ALA D 13 18.32 6.63 24.89
CA ALA D 13 18.94 7.86 25.40
C ALA D 13 19.77 8.58 24.35
N SER D 14 20.22 7.83 23.33
CA SER D 14 20.96 8.43 22.21
C SER D 14 20.11 9.32 21.30
N GLY D 15 18.78 9.15 21.28
CA GLY D 15 17.95 9.91 20.37
C GLY D 15 17.51 11.32 20.70
N PHE D 16 16.66 11.86 19.81
CA PHE D 16 16.16 13.22 19.87
C PHE D 16 15.44 13.51 21.19
N ILE D 17 14.46 12.67 21.51
CA ILE D 17 13.64 12.90 22.72
C ILE D 17 14.41 12.46 23.95
N GLY D 18 14.94 11.25 23.89
CA GLY D 18 15.57 10.59 25.01
C GLY D 18 16.77 11.32 25.59
N SER D 19 17.60 11.91 24.71
CA SER D 19 18.78 12.63 25.17
C SER D 19 18.29 13.87 25.88
N TRP D 20 17.26 14.51 25.38
CA TRP D 20 16.83 15.72 26.06
C TRP D 20 16.18 15.43 27.41
N LEU D 21 15.54 14.27 27.49
CA LEU D 21 14.85 13.82 28.68
C LEU D 21 15.89 13.49 29.74
N VAL D 22 16.93 12.78 29.30
CA VAL D 22 18.10 12.51 30.15
C VAL D 22 18.67 13.82 30.69
N MET D 23 18.85 14.83 29.84
CA MET D 23 19.27 16.12 30.28
C MET D 23 18.37 16.70 31.39
N ARG D 24 17.05 16.64 31.16
CA ARG D 24 16.09 17.23 32.09
C ARG D 24 16.06 16.44 33.41
N LEU D 25 16.07 15.12 33.30
CA LEU D 25 16.09 14.26 34.46
C LEU D 25 17.36 14.48 35.32
N LEU D 26 18.53 14.62 34.70
CA LEU D 26 19.77 14.95 35.44
C LEU D 26 19.69 16.28 36.14
N GLU D 27 19.30 17.32 35.40
CA GLU D 27 19.10 18.67 35.96
C GLU D 27 18.11 18.72 37.11
N ARG D 28 17.08 17.87 37.05
CA ARG D 28 16.04 17.84 38.05
C ARG D 28 16.53 17.15 39.34
N GLY D 29 17.62 16.40 39.23
CA GLY D 29 18.24 15.72 40.37
C GLY D 29 18.24 14.21 40.35
N TYR D 30 17.80 13.58 39.26
CA TYR D 30 17.79 12.14 39.17
C TYR D 30 19.15 11.49 38.87
N THR D 31 19.21 10.21 39.19
CA THR D 31 20.31 9.34 38.85
C THR D 31 19.75 8.56 37.65
N VAL D 32 20.47 8.66 36.53
CA VAL D 32 19.98 8.16 35.27
C VAL D 32 20.84 7.02 34.69
N ARG D 33 20.11 5.99 34.31
CA ARG D 33 20.64 4.86 33.57
C ARG D 33 20.15 4.95 32.12
N ALA D 34 21.07 5.22 31.19
CA ALA D 34 20.77 5.46 29.79
C ALA D 34 21.13 4.24 28.96
N THR D 35 20.21 3.74 28.14
CA THR D 35 20.52 2.57 27.38
C THR D 35 20.79 3.05 25.96
N VAL D 36 21.66 2.28 25.31
CA VAL D 36 22.10 2.51 23.95
C VAL D 36 22.41 1.17 23.33
N ARG D 37 22.27 1.08 22.02
CA ARG D 37 22.72 -0.13 21.37
C ARG D 37 24.24 -0.23 21.26
N ASP D 38 24.92 0.90 21.12
CA ASP D 38 26.37 0.89 20.80
C ASP D 38 27.08 1.97 21.58
N PRO D 39 27.59 1.59 22.75
CA PRO D 39 28.31 2.56 23.58
C PRO D 39 29.64 3.07 22.99
N THR D 40 30.17 2.41 21.96
CA THR D 40 31.37 2.87 21.28
C THR D 40 31.09 3.91 20.20
N ASN D 41 29.82 4.19 19.91
CA ASN D 41 29.46 5.20 18.94
C ASN D 41 29.67 6.56 19.59
N VAL D 42 30.73 7.22 19.15
CA VAL D 42 31.20 8.43 19.82
C VAL D 42 30.17 9.54 19.60
N LYS D 43 29.57 9.53 18.41
CA LYS D 43 28.55 10.46 17.99
C LYS D 43 27.14 10.24 18.60
N LYS D 44 26.88 9.07 19.19
CA LYS D 44 25.65 8.83 19.94
C LYS D 44 25.82 9.03 21.45
N VAL D 45 27.06 9.03 21.96
CA VAL D 45 27.26 9.08 23.42
C VAL D 45 28.02 10.30 23.96
N LYS D 46 28.66 11.07 23.09
CA LYS D 46 29.41 12.23 23.55
C LYS D 46 28.45 13.28 24.12
N HIS D 47 27.34 13.48 23.41
CA HIS D 47 26.31 14.43 23.78
C HIS D 47 25.72 14.11 25.15
N LEU D 48 25.71 12.82 25.48
CA LEU D 48 25.20 12.34 26.76
C LEU D 48 26.21 12.48 27.93
N LEU D 49 27.43 12.03 27.66
CA LEU D 49 28.54 12.19 28.59
C LEU D 49 28.89 13.65 28.87
N ASP D 50 28.57 14.57 27.96
CA ASP D 50 28.74 16.01 28.21
C ASP D 50 27.60 16.70 28.92
N LEU D 51 26.58 15.96 29.37
CA LEU D 51 25.51 16.53 30.14
C LEU D 51 26.01 16.86 31.55
N PRO D 52 25.58 17.99 32.11
CA PRO D 52 26.00 18.30 33.47
C PRO D 52 25.45 17.28 34.46
N LYS D 53 26.34 16.84 35.36
CA LYS D 53 26.11 15.79 36.36
C LYS D 53 26.33 14.38 35.79
N ALA D 54 26.62 14.30 34.48
CA ALA D 54 26.82 13.01 33.84
C ALA D 54 27.85 12.17 34.57
N GLU D 55 28.99 12.76 34.97
CA GLU D 55 30.04 11.97 35.64
C GLU D 55 29.57 11.27 36.91
N THR D 56 28.80 11.99 37.70
CA THR D 56 28.31 11.51 38.98
C THR D 56 26.99 10.74 38.85
N HIS D 57 26.09 11.22 37.99
CA HIS D 57 24.71 10.73 37.97
C HIS D 57 24.22 9.98 36.75
N LEU D 58 25.09 9.75 35.78
CA LEU D 58 24.73 9.02 34.56
C LEU D 58 25.53 7.75 34.37
N THR D 59 24.86 6.63 34.11
CA THR D 59 25.55 5.43 33.65
C THR D 59 24.98 5.03 32.29
N LEU D 60 25.77 4.27 31.55
CA LEU D 60 25.42 3.84 30.21
C LEU D 60 25.28 2.36 30.28
N TRP D 61 24.29 1.82 29.56
CA TRP D 61 24.03 0.40 29.56
C TRP D 61 23.78 -0.01 28.12
N LYS D 62 24.33 -1.13 27.70
CA LYS D 62 24.11 -1.62 26.36
C LYS D 62 22.87 -2.48 26.29
N ALA D 63 21.97 -2.18 25.35
CA ALA D 63 20.78 -3.00 25.17
C ALA D 63 20.15 -2.74 23.80
N ASP D 64 19.50 -3.79 23.30
CA ASP D 64 18.77 -3.80 22.06
C ASP D 64 17.40 -4.49 22.25
N LEU D 65 16.37 -3.91 21.69
CA LEU D 65 14.99 -4.37 21.81
C LEU D 65 14.82 -5.72 21.14
N ALA D 66 15.71 -6.04 20.20
CA ALA D 66 15.69 -7.34 19.54
C ALA D 66 16.31 -8.50 20.36
N ASP D 67 16.91 -8.22 21.51
CA ASP D 67 17.60 -9.22 22.33
C ASP D 67 16.85 -9.46 23.63
N GLU D 68 16.36 -10.69 23.81
CA GLU D 68 15.55 -11.05 24.98
C GLU D 68 16.20 -10.73 26.31
N GLY D 69 15.50 -10.00 27.17
CA GLY D 69 16.01 -9.71 28.50
C GLY D 69 17.17 -8.74 28.53
N SER D 70 17.59 -8.23 27.37
CA SER D 70 18.70 -7.30 27.31
C SER D 70 18.51 -6.09 28.24
N PHE D 71 17.28 -5.71 28.60
CA PHE D 71 17.12 -4.57 29.55
C PHE D 71 17.10 -4.90 31.04
N ASP D 72 17.14 -6.18 31.42
CA ASP D 72 16.93 -6.59 32.83
C ASP D 72 17.81 -5.82 33.79
N GLU D 73 19.10 -5.88 33.50
CA GLU D 73 20.14 -5.39 34.41
C GLU D 73 20.07 -3.90 34.58
N ALA D 74 19.83 -3.20 33.48
CA ALA D 74 19.66 -1.76 33.49
C ALA D 74 18.45 -1.38 34.32
N ILE D 75 17.40 -2.17 34.23
CA ILE D 75 16.15 -1.81 34.91
C ILE D 75 16.15 -2.15 36.43
N LYS D 76 16.74 -3.29 36.79
CA LYS D 76 16.84 -3.70 38.21
C LYS D 76 17.41 -2.56 39.02
N GLY D 77 16.71 -2.19 40.09
CA GLY D 77 17.12 -1.12 40.98
C GLY D 77 16.51 0.23 40.65
N CYS D 78 15.86 0.38 39.49
CA CYS D 78 15.24 1.68 39.19
C CYS D 78 13.88 1.81 39.84
N THR D 79 13.56 3.02 40.23
CA THR D 79 12.22 3.39 40.69
C THR D 79 11.24 3.68 39.50
N GLY D 80 11.80 3.94 38.33
CA GLY D 80 11.03 4.36 37.17
C GLY D 80 11.77 4.13 35.86
N VAL D 81 11.01 3.85 34.81
CA VAL D 81 11.56 3.60 33.51
C VAL D 81 10.78 4.43 32.49
N PHE D 82 11.55 4.99 31.57
CA PHE D 82 11.03 5.68 30.41
C PHE D 82 11.41 4.95 29.16
N HIS D 83 10.44 4.28 28.53
CA HIS D 83 10.69 3.57 27.31
C HIS D 83 10.49 4.47 26.09
N VAL D 84 11.60 5.06 25.63
CA VAL D 84 11.61 5.99 24.47
C VAL D 84 12.11 5.34 23.18
N ALA D 85 12.92 4.30 23.23
CA ALA D 85 13.41 3.68 21.99
C ALA D 85 12.34 3.02 21.12
N THR D 86 12.65 2.94 19.84
CA THR D 86 11.84 2.20 18.90
C THR D 86 12.71 1.95 17.69
N PRO D 87 12.58 0.79 17.06
CA PRO D 87 13.23 0.55 15.77
C PRO D 87 12.66 1.43 14.67
N MET D 88 13.47 2.35 14.14
CA MET D 88 12.98 3.33 13.16
C MET D 88 14.15 3.97 12.41
N SER D 92 13.27 -0.60 4.75
CA SER D 92 13.36 -1.97 5.28
C SER D 92 12.45 -2.88 4.47
N LYS D 93 13.03 -3.93 3.88
CA LYS D 93 12.29 -4.86 3.02
C LYS D 93 11.52 -5.94 3.79
N ASP D 94 11.72 -6.07 5.10
CA ASP D 94 10.97 -7.04 5.91
C ASP D 94 10.52 -6.39 7.21
N PRO D 95 9.50 -5.52 7.11
CA PRO D 95 9.02 -4.82 8.30
C PRO D 95 8.47 -5.72 9.40
N GLU D 96 7.82 -6.84 9.08
CA GLU D 96 7.22 -7.69 10.12
C GLU D 96 8.29 -8.15 11.11
N ASN D 97 9.43 -8.58 10.59
CA ASN D 97 10.52 -9.11 11.42
C ASN D 97 11.52 -8.06 11.85
N GLU D 98 11.75 -7.03 11.04
CA GLU D 98 12.73 -6.03 11.44
C GLU D 98 12.15 -4.89 12.25
N VAL D 99 10.84 -4.65 12.20
CA VAL D 99 10.25 -3.52 12.93
C VAL D 99 9.10 -3.91 13.84
N ILE D 100 8.09 -4.60 13.29
CA ILE D 100 6.87 -4.85 14.06
C ILE D 100 7.13 -5.82 15.24
N LYS D 101 7.74 -6.95 14.91
CA LYS D 101 8.12 -7.95 15.90
C LYS D 101 8.92 -7.29 17.06
N PRO D 102 10.12 -6.72 16.80
CA PRO D 102 10.87 -6.12 17.92
C PRO D 102 10.23 -4.97 18.67
N THR D 103 9.38 -4.18 18.01
CA THR D 103 8.67 -3.16 18.77
C THR D 103 7.74 -3.79 19.85
N ILE D 104 6.96 -4.78 19.44
CA ILE D 104 5.98 -5.41 20.36
C ILE D 104 6.71 -6.25 21.42
N GLU D 105 7.58 -7.15 21.00
CA GLU D 105 8.31 -8.02 21.92
C GLU D 105 9.23 -7.26 22.87
N GLY D 106 9.86 -6.21 22.34
CA GLY D 106 10.76 -5.39 23.13
C GLY D 106 10.04 -4.60 24.18
N MET D 107 8.92 -3.99 23.78
CA MET D 107 8.03 -3.36 24.75
C MET D 107 7.62 -4.38 25.83
N LEU D 108 7.23 -5.60 25.46
CA LEU D 108 6.79 -6.53 26.50
C LEU D 108 7.94 -7.02 27.38
N GLY D 109 9.09 -7.27 26.76
CA GLY D 109 10.33 -7.59 27.47
C GLY D 109 10.64 -6.54 28.53
N ILE D 110 10.56 -5.27 28.16
CA ILE D 110 10.78 -4.21 29.13
C ILE D 110 9.75 -4.24 30.25
N MET D 111 8.49 -4.53 29.93
CA MET D 111 7.47 -4.63 30.99
C MET D 111 7.80 -5.78 31.96
N LYS D 112 8.22 -6.92 31.41
CA LYS D 112 8.68 -8.03 32.24
C LYS D 112 9.91 -7.63 33.05
N SER D 113 10.90 -7.01 32.44
CA SER D 113 12.07 -6.54 33.21
C SER D 113 11.65 -5.64 34.36
N CYS D 114 10.59 -4.86 34.18
CA CYS D 114 10.07 -4.02 35.26
C CYS D 114 9.40 -4.88 36.34
N ALA D 115 8.67 -5.89 35.89
CA ALA D 115 7.99 -6.84 36.79
C ALA D 115 9.06 -7.53 37.65
N ALA D 116 10.05 -8.13 37.00
CA ALA D 116 11.22 -8.75 37.65
C ALA D 116 12.00 -7.86 38.62
N ALA D 117 12.11 -6.58 38.32
CA ALA D 117 12.94 -5.68 39.10
C ALA D 117 12.43 -5.39 40.51
N LYS D 118 11.13 -5.56 40.74
CA LYS D 118 10.49 -5.26 42.04
C LYS D 118 10.46 -3.80 42.50
N THR D 119 11.39 -2.99 42.01
CA THR D 119 11.56 -1.61 42.45
C THR D 119 10.83 -0.58 41.58
N VAL D 120 10.34 -1.02 40.43
CA VAL D 120 9.74 -0.09 39.51
C VAL D 120 8.32 0.23 39.94
N ARG D 121 8.09 1.45 40.39
CA ARG D 121 6.75 1.91 40.70
C ARG D 121 5.94 2.42 39.49
N ARG D 122 6.58 3.08 38.52
CA ARG D 122 5.90 3.48 37.26
C ARG D 122 6.78 3.36 36.00
N LEU D 123 6.18 2.82 34.94
CA LEU D 123 6.73 2.72 33.60
C LEU D 123 5.96 3.72 32.73
N VAL D 124 6.70 4.62 32.10
CA VAL D 124 6.18 5.53 31.07
C VAL D 124 6.61 5.09 29.65
N PHE D 125 5.63 4.97 28.76
CA PHE D 125 5.88 4.57 27.40
C PHE D 125 5.62 5.75 26.49
N THR D 126 6.66 6.14 25.77
CA THR D 126 6.52 7.16 24.78
C THR D 126 5.80 6.49 23.58
N SER D 127 4.52 6.79 23.39
CA SER D 127 3.80 6.27 22.22
C SER D 127 3.98 7.21 20.97
N SER D 128 2.95 7.35 20.14
CA SER D 128 3.03 8.02 18.87
C SER D 128 1.61 8.41 18.45
N ALA D 129 1.49 9.57 17.81
CA ALA D 129 0.24 10.01 17.20
C ALA D 129 -0.20 9.08 16.07
N GLY D 130 0.75 8.33 15.52
CA GLY D 130 0.52 7.21 14.59
C GLY D 130 -0.35 6.06 15.13
N THR D 131 -0.51 5.99 16.46
CA THR D 131 -1.46 5.10 17.11
C THR D 131 -2.90 5.60 17.34
N VAL D 132 -3.10 6.89 17.05
CA VAL D 132 -4.34 7.61 17.33
C VAL D 132 -5.12 7.95 16.05
N ASN D 133 -4.51 8.59 15.07
CA ASN D 133 -5.32 9.19 14.00
C ASN D 133 -5.08 8.57 12.66
N ILE D 134 -4.60 7.34 12.57
CA ILE D 134 -4.33 6.87 11.20
C ILE D 134 -5.57 6.10 10.74
N GLN D 135 -6.47 6.88 10.12
CA GLN D 135 -7.65 6.37 9.46
C GLN D 135 -7.96 7.25 8.26
N GLU D 136 -8.75 6.70 7.35
CA GLU D 136 -9.03 7.34 6.09
C GLU D 136 -9.76 8.68 6.26
N HIS D 137 -10.74 8.72 7.14
CA HIS D 137 -11.39 9.96 7.48
C HIS D 137 -10.87 10.52 8.78
N GLN D 138 -10.53 11.81 8.77
CA GLN D 138 -10.04 12.54 9.91
C GLN D 138 -11.17 13.17 10.63
N LEU D 139 -11.28 12.82 11.91
CA LEU D 139 -12.09 13.59 12.83
C LEU D 139 -11.51 15.00 13.01
N PRO D 140 -12.36 16.00 13.37
CA PRO D 140 -11.93 17.35 13.73
C PRO D 140 -11.00 17.41 14.94
N VAL D 141 -11.21 16.54 15.92
CA VAL D 141 -10.42 16.55 17.15
C VAL D 141 -10.23 15.12 17.60
N TYR D 142 -9.00 14.75 17.97
CA TYR D 142 -8.72 13.43 18.49
C TYR D 142 -8.46 13.53 19.98
N ASP D 143 -8.77 12.45 20.69
CA ASP D 143 -8.52 12.37 22.14
C ASP D 143 -8.05 10.98 22.41
N GLU D 144 -7.79 10.65 23.67
CA GLU D 144 -7.20 9.37 24.08
C GLU D 144 -8.03 8.14 23.80
N SER D 145 -9.33 8.29 23.54
CA SER D 145 -10.15 7.13 23.22
C SER D 145 -9.84 6.62 21.83
N CYS D 146 -9.19 7.42 20.98
CA CYS D 146 -9.08 7.07 19.56
C CYS D 146 -7.86 6.25 19.26
N TRP D 147 -8.02 5.30 18.35
CA TRP D 147 -7.01 4.35 18.00
C TRP D 147 -6.93 4.29 16.48
N SER D 148 -5.73 4.03 15.96
CA SER D 148 -5.51 3.92 14.52
C SER D 148 -6.22 2.69 13.93
N ASP D 149 -6.52 2.77 12.64
CA ASP D 149 -7.23 1.73 11.91
C ASP D 149 -6.18 0.83 11.24
N MET D 150 -5.92 -0.32 11.88
CA MET D 150 -4.94 -1.25 11.43
C MET D 150 -5.29 -1.87 10.10
N GLU D 151 -6.57 -2.03 9.82
CA GLU D 151 -6.99 -2.55 8.52
C GLU D 151 -6.62 -1.58 7.41
N PHE D 152 -6.89 -0.31 7.63
CA PHE D 152 -6.52 0.76 6.70
C PHE D 152 -5.02 0.84 6.47
N CYS D 153 -4.27 0.82 7.57
CA CYS D 153 -2.81 0.86 7.50
C CYS D 153 -2.21 -0.23 6.63
N ARG D 154 -2.63 -1.48 6.91
CA ARG D 154 -2.18 -2.63 6.15
C ARG D 154 -2.63 -2.70 4.69
N ALA D 155 -3.85 -2.27 4.39
CA ALA D 155 -4.32 -2.12 3.00
C ALA D 155 -3.51 -1.03 2.23
N LYS D 156 -3.56 0.17 2.78
CA LYS D 156 -3.00 1.34 2.11
C LYS D 156 -1.48 1.32 2.07
N LYS D 157 -0.80 0.78 3.08
CA LYS D 157 0.66 0.85 3.19
C LYS D 157 1.23 2.25 2.82
N MET D 158 0.62 3.33 3.30
CA MET D 158 1.20 4.67 3.20
C MET D 158 2.56 4.71 3.87
N THR D 159 3.30 5.80 3.60
CA THR D 159 4.60 5.95 4.19
C THR D 159 4.50 5.81 5.70
N ALA D 160 5.49 5.12 6.27
CA ALA D 160 5.58 4.85 7.72
C ALA D 160 4.49 3.92 8.30
N TRP D 161 3.71 3.23 7.45
CA TRP D 161 2.60 2.36 7.92
C TRP D 161 3.11 1.40 8.97
N MET D 162 4.34 0.93 8.79
CA MET D 162 4.92 -0.04 9.70
C MET D 162 5.19 0.53 11.11
N TYR D 163 5.47 1.83 11.20
CA TYR D 163 5.59 2.53 12.49
C TYR D 163 4.24 2.79 13.15
N PHE D 164 3.22 3.10 12.36
CA PHE D 164 1.87 3.22 12.90
C PHE D 164 1.43 1.87 13.48
N VAL D 165 1.61 0.81 12.69
CA VAL D 165 1.20 -0.54 13.10
C VAL D 165 1.99 -0.98 14.36
N SER D 166 3.32 -0.98 14.28
CA SER D 166 4.19 -1.40 15.35
C SER D 166 3.94 -0.65 16.65
N LYS D 167 3.79 0.66 16.65
CA LYS D 167 3.51 1.40 17.88
C LYS D 167 2.11 1.14 18.43
N THR D 168 1.15 0.95 17.52
CA THR D 168 -0.27 0.76 17.90
C THR D 168 -0.40 -0.59 18.61
N LEU D 169 0.09 -1.62 17.94
CA LEU D 169 0.10 -2.97 18.47
C LEU D 169 0.95 -3.21 19.72
N ALA D 170 2.01 -2.43 19.89
CA ALA D 170 2.81 -2.49 21.10
C ALA D 170 2.07 -1.80 22.25
N GLU D 171 1.49 -0.63 21.99
CA GLU D 171 0.79 0.07 23.05
C GLU D 171 -0.45 -0.74 23.50
N GLN D 172 -1.07 -1.45 22.56
CA GLN D 172 -2.22 -2.30 22.85
C GLN D 172 -1.76 -3.51 23.68
N ALA D 173 -0.73 -4.22 23.20
CA ALA D 173 -0.10 -5.32 23.95
C ALA D 173 0.34 -4.94 25.36
N ALA D 174 0.90 -3.75 25.52
CA ALA D 174 1.39 -3.30 26.82
C ALA D 174 0.26 -3.01 27.80
N TRP D 175 -0.83 -2.42 27.31
CA TRP D 175 -1.96 -2.13 28.17
C TRP D 175 -2.57 -3.43 28.69
N LYS D 176 -2.71 -4.42 27.83
CA LYS D 176 -3.15 -5.75 28.24
C LYS D 176 -2.24 -6.36 29.32
N TYR D 177 -0.93 -6.39 29.09
CA TYR D 177 0.01 -6.89 30.08
C TYR D 177 0.03 -6.05 31.34
N ALA D 178 -0.14 -4.73 31.27
CA ALA D 178 -0.20 -3.93 32.50
C ALA D 178 -1.44 -4.31 33.34
N LYS D 179 -2.54 -4.63 32.65
CA LYS D 179 -3.81 -4.98 33.31
C LYS D 179 -3.68 -6.32 33.99
N GLU D 180 -3.27 -7.32 33.21
CA GLU D 180 -3.06 -8.67 33.71
C GLU D 180 -2.08 -8.79 34.89
N ASN D 181 -0.94 -8.12 34.84
CA ASN D 181 0.07 -8.26 35.88
C ASN D 181 0.17 -7.03 36.75
N ASN D 182 -0.88 -6.20 36.74
CA ASN D 182 -0.90 -5.01 37.57
C ASN D 182 0.40 -4.15 37.62
N ILE D 183 0.88 -3.73 36.45
CA ILE D 183 2.00 -2.78 36.36
C ILE D 183 1.40 -1.38 36.24
N ASP D 184 1.80 -0.45 37.12
CA ASP D 184 1.48 0.96 36.95
C ASP D 184 2.18 1.48 35.66
N PHE D 185 1.37 1.64 34.62
CA PHE D 185 1.79 1.98 33.27
C PHE D 185 1.09 3.23 32.77
N ILE D 186 1.88 4.25 32.42
CA ILE D 186 1.39 5.44 31.74
C ILE D 186 1.95 5.46 30.29
N THR D 187 1.16 5.92 29.31
CA THR D 187 1.64 6.13 27.93
C THR D 187 1.44 7.58 27.60
N ILE D 188 2.39 8.16 26.85
CA ILE D 188 2.40 9.55 26.40
C ILE D 188 2.47 9.56 24.85
N ILE D 189 1.55 10.28 24.26
CA ILE D 189 1.36 10.28 22.82
C ILE D 189 1.73 11.65 22.30
N PRO D 190 2.99 11.89 21.92
CA PRO D 190 3.36 13.14 21.30
C PRO D 190 2.84 13.20 19.83
N THR D 191 2.51 14.40 19.36
CA THR D 191 2.31 14.71 17.94
C THR D 191 3.71 15.05 17.33
N LEU D 192 3.88 15.87 16.28
CA LEU D 192 5.27 16.02 15.76
C LEU D 192 6.14 16.86 16.71
N VAL D 193 7.25 16.32 17.17
CA VAL D 193 8.09 16.94 18.19
C VAL D 193 9.15 17.77 17.47
N VAL D 194 9.14 19.06 17.79
CA VAL D 194 9.96 20.11 17.14
C VAL D 194 10.66 20.92 18.25
N GLY D 195 11.92 21.23 18.03
CA GLY D 195 12.63 22.12 18.93
C GLY D 195 14.13 22.07 18.75
N PRO D 196 14.87 22.68 19.70
CA PRO D 196 16.32 22.52 19.70
C PRO D 196 16.62 21.08 20.14
N PHE D 197 17.88 20.72 20.14
CA PHE D 197 18.30 19.35 20.43
C PHE D 197 19.80 19.26 20.67
N ILE D 198 20.21 18.17 21.32
CA ILE D 198 21.59 18.02 21.80
C ILE D 198 22.43 17.10 20.94
N MET D 199 21.81 16.12 20.28
CA MET D 199 22.53 15.26 19.35
C MET D 199 23.16 16.07 18.22
N SER D 200 24.04 15.46 17.45
CA SER D 200 24.67 16.15 16.32
C SER D 200 24.15 15.73 14.96
N SER D 201 23.35 14.67 14.88
CA SER D 201 22.67 14.35 13.62
C SER D 201 21.25 14.91 13.63
N MET D 202 20.65 14.90 12.46
CA MET D 202 19.39 15.53 12.19
C MET D 202 18.27 14.68 12.79
N PRO D 203 17.49 15.23 13.74
CA PRO D 203 16.32 14.45 14.22
C PRO D 203 15.38 14.09 13.08
N PRO D 204 14.94 12.83 13.05
CA PRO D 204 13.92 12.38 12.08
C PRO D 204 12.72 13.28 11.95
N SER D 205 12.13 13.69 13.06
CA SER D 205 10.98 14.53 13.02
C SER D 205 11.25 15.96 12.58
N LEU D 206 12.48 16.46 12.67
CA LEU D 206 12.83 17.74 12.04
C LEU D 206 12.97 17.61 10.55
N ILE D 207 13.34 16.42 10.02
CA ILE D 207 13.27 16.15 8.59
C ILE D 207 11.83 16.46 8.14
N THR D 208 10.87 16.00 8.94
CA THR D 208 9.48 16.27 8.68
C THR D 208 9.07 17.70 8.95
N ALA D 209 9.31 18.22 10.16
CA ALA D 209 8.88 19.61 10.45
C ALA D 209 9.42 20.65 9.46
N LEU D 210 10.65 20.48 9.02
CA LEU D 210 11.34 21.51 8.24
C LEU D 210 11.21 21.26 6.73
N SER D 211 10.33 20.34 6.35
CA SER D 211 10.21 19.97 4.94
C SER D 211 9.70 21.15 4.09
N PRO D 212 8.85 22.03 4.66
CA PRO D 212 8.55 23.18 3.83
C PRO D 212 9.81 24.01 3.50
N ILE D 213 10.82 24.02 4.37
CA ILE D 213 12.09 24.71 4.07
C ILE D 213 12.92 23.90 3.06
N THR D 214 13.08 22.61 3.30
CA THR D 214 13.97 21.80 2.49
C THR D 214 13.33 21.27 1.21
N GLY D 215 12.03 21.44 1.06
CA GLY D 215 11.28 20.90 -0.07
C GLY D 215 11.17 19.39 -0.16
N ASN D 216 11.28 18.70 0.97
CA ASN D 216 11.17 17.25 1.02
C ASN D 216 9.68 16.86 1.06
N GLU D 217 9.11 16.69 -0.13
CA GLU D 217 7.69 16.54 -0.34
C GLU D 217 7.13 15.27 0.25
N ALA D 218 7.95 14.23 0.34
CA ALA D 218 7.57 12.95 0.96
C ALA D 218 7.09 13.10 2.39
N HIS D 219 7.46 14.19 3.04
CA HIS D 219 7.03 14.48 4.40
C HIS D 219 5.82 15.36 4.55
N TYR D 220 5.33 15.99 3.49
CA TYR D 220 4.14 16.85 3.63
C TYR D 220 2.87 16.18 4.18
N SER D 221 2.64 14.91 3.90
CA SER D 221 1.42 14.29 4.40
C SER D 221 1.28 14.31 5.90
N ILE D 222 2.38 14.20 6.65
CA ILE D 222 2.28 14.28 8.10
C ILE D 222 1.83 15.68 8.54
N ILE D 223 2.21 16.71 7.78
CA ILE D 223 1.97 18.05 8.22
C ILE D 223 0.86 18.78 7.45
N ARG D 224 0.25 18.15 6.45
CA ARG D 224 -0.86 18.77 5.73
C ARG D 224 -1.91 19.26 6.71
N GLN D 225 -2.24 18.40 7.66
CA GLN D 225 -3.08 18.68 8.81
C GLN D 225 -2.21 18.30 9.99
N GLY D 226 -1.34 19.24 10.39
CA GLY D 226 -0.36 18.96 11.40
C GLY D 226 -0.73 19.21 12.85
N GLN D 227 0.01 18.55 13.73
CA GLN D 227 -0.07 18.78 15.15
C GLN D 227 1.39 18.75 15.63
N PHE D 228 1.68 19.61 16.61
CA PHE D 228 3.03 19.90 17.11
C PHE D 228 3.12 20.03 18.62
N VAL D 229 4.32 19.74 19.10
CA VAL D 229 4.66 19.90 20.50
C VAL D 229 6.16 20.22 20.67
N HIS D 230 6.49 21.09 21.59
CA HIS D 230 7.90 21.47 21.79
C HIS D 230 8.57 20.33 22.53
N LEU D 231 9.79 19.95 22.10
CA LEU D 231 10.57 18.91 22.76
C LEU D 231 10.64 19.09 24.28
N ASP D 232 10.97 20.31 24.71
CA ASP D 232 11.15 20.55 26.13
C ASP D 232 9.82 20.43 26.91
N ASP D 233 8.72 20.99 26.37
CA ASP D 233 7.38 20.66 26.89
C ASP D 233 7.11 19.20 26.93
N LEU D 234 7.49 18.45 25.87
CA LEU D 234 7.17 17.02 25.89
C LEU D 234 7.98 16.30 26.98
N CYS D 235 9.29 16.51 27.08
CA CYS D 235 10.07 15.91 28.17
C CYS D 235 9.58 16.34 29.56
N ASN D 236 9.28 17.61 29.71
CA ASN D 236 8.64 18.06 30.95
C ASN D 236 7.37 17.28 31.28
N ALA D 237 6.58 16.89 30.27
CA ALA D 237 5.36 16.12 30.48
C ALA D 237 5.65 14.71 30.84
N HIS D 238 6.73 14.12 30.31
CA HIS D 238 7.11 12.76 30.67
C HIS D 238 7.36 12.62 32.19
N ILE D 239 8.07 13.62 32.71
CA ILE D 239 8.50 13.64 34.11
C ILE D 239 7.31 14.01 35.01
N TYR D 240 6.60 15.09 34.66
CA TYR D 240 5.27 15.35 35.24
C TYR D 240 4.45 14.09 35.43
N LEU D 241 4.34 13.26 34.39
CA LEU D 241 3.41 12.14 34.45
C LEU D 241 4.00 11.00 35.24
N PHE D 242 5.32 10.96 35.34
CA PHE D 242 5.98 9.90 36.10
C PHE D 242 5.77 10.23 37.59
N GLU D 243 5.92 11.50 37.93
CA GLU D 243 5.88 11.98 39.31
C GLU D 243 4.47 12.07 39.87
N ASN D 244 3.54 12.63 39.09
CA ASN D 244 2.15 12.87 39.50
C ASN D 244 1.38 11.58 39.82
N PRO D 245 1.14 11.29 41.11
CA PRO D 245 0.53 9.99 41.42
C PRO D 245 -0.92 9.86 40.95
N LYS D 246 -1.58 10.97 40.66
CA LYS D 246 -2.96 10.96 40.13
C LYS D 246 -3.05 10.61 38.65
N ALA D 247 -1.92 10.42 37.98
CA ALA D 247 -1.89 10.24 36.54
C ALA D 247 -2.33 8.83 36.21
N GLU D 248 -3.20 8.70 35.20
CA GLU D 248 -3.66 7.40 34.74
C GLU D 248 -4.01 7.34 33.24
N GLY D 249 -3.66 6.21 32.64
CA GLY D 249 -3.95 5.89 31.23
C GLY D 249 -3.04 6.55 30.21
N ARG D 250 -3.65 6.93 29.08
CA ARG D 250 -2.92 7.48 27.93
C ARG D 250 -3.06 8.97 28.06
N TYR D 251 -2.07 9.69 27.57
CA TYR D 251 -2.05 11.12 27.53
C TYR D 251 -1.45 11.64 26.24
N ILE D 252 -2.28 12.30 25.44
CA ILE D 252 -1.85 13.13 24.34
C ILE D 252 -1.13 14.35 24.90
N CYS D 253 -0.01 14.69 24.27
CA CYS D 253 0.78 15.86 24.58
C CYS D 253 1.06 16.50 23.24
N SER D 254 0.27 17.51 22.94
CA SER D 254 0.33 18.25 21.70
C SER D 254 -0.22 19.62 22.03
N SER D 255 0.44 20.69 21.53
CA SER D 255 0.11 22.07 21.92
C SER D 255 -0.42 22.94 20.79
N HIS D 256 -0.23 22.50 19.53
CA HIS D 256 -0.62 23.32 18.41
C HIS D 256 -1.06 22.44 17.24
N ASP D 257 -2.01 22.95 16.49
CA ASP D 257 -2.47 22.28 15.27
C ASP D 257 -2.75 23.34 14.22
N CYS D 258 -2.31 23.09 13.01
CA CYS D 258 -2.64 23.98 11.92
C CYS D 258 -2.31 23.22 10.63
N ILE D 259 -2.99 23.59 9.55
CA ILE D 259 -2.71 23.01 8.22
C ILE D 259 -1.37 23.54 7.72
N ILE D 260 -0.84 22.85 6.74
CA ILE D 260 0.47 23.17 6.18
C ILE D 260 0.59 24.59 5.66
N LEU D 261 -0.49 25.15 5.12
CA LEU D 261 -0.48 26.54 4.62
C LEU D 261 -0.14 27.52 5.73
N ASP D 262 -0.74 27.33 6.90
CA ASP D 262 -0.48 28.16 8.06
C ASP D 262 0.94 28.01 8.59
N LEU D 263 1.46 26.78 8.62
CA LEU D 263 2.83 26.54 9.06
C LEU D 263 3.78 27.27 8.13
N ALA D 264 3.61 27.04 6.83
CA ALA D 264 4.42 27.65 5.78
C ALA D 264 4.42 29.19 5.82
N LYS D 265 3.26 29.78 6.02
CA LYS D 265 3.10 31.22 6.19
C LYS D 265 4.01 31.66 7.33
N MET D 266 3.92 31.01 8.49
CA MET D 266 4.77 31.41 9.59
C MET D 266 6.25 31.39 9.18
N LEU D 267 6.66 30.33 8.49
CA LEU D 267 8.07 30.11 8.15
C LEU D 267 8.58 31.05 7.06
N ARG D 268 7.73 31.38 6.09
CA ARG D 268 8.07 32.38 5.09
C ARG D 268 8.26 33.71 5.78
N GLU D 269 7.34 34.03 6.71
CA GLU D 269 7.43 35.24 7.53
C GLU D 269 8.74 35.32 8.32
N LYS D 270 9.10 34.27 9.05
CA LYS D 270 10.36 34.31 9.81
C LYS D 270 11.63 34.17 8.98
N TYR D 271 11.57 33.48 7.85
CA TYR D 271 12.78 33.09 7.13
C TYR D 271 12.77 33.39 5.65
N PRO D 272 12.70 34.68 5.28
CA PRO D 272 12.72 35.06 3.87
C PRO D 272 13.92 34.55 3.08
N GLU D 273 15.03 34.26 3.76
CA GLU D 273 16.20 33.60 3.16
C GLU D 273 15.99 32.20 2.54
N TYR D 274 14.89 31.53 2.85
CA TYR D 274 14.61 30.22 2.28
C TYR D 274 13.47 30.32 1.29
N ASN D 275 13.56 29.48 0.26
CA ASN D 275 12.54 29.33 -0.75
C ASN D 275 11.46 28.40 -0.23
N ILE D 276 10.50 28.98 0.49
CA ILE D 276 9.41 28.22 1.10
C ILE D 276 8.17 28.41 0.23
N PRO D 277 7.56 27.30 -0.21
CA PRO D 277 6.42 27.42 -1.11
C PRO D 277 5.22 28.15 -0.52
N THR D 278 4.46 28.81 -1.39
CA THR D 278 3.23 29.50 -1.00
C THR D 278 1.97 28.68 -1.27
N GLU D 279 2.09 27.62 -2.08
CA GLU D 279 0.95 26.78 -2.42
C GLU D 279 1.34 25.34 -2.20
N PHE D 280 0.36 24.54 -1.78
CA PHE D 280 0.53 23.10 -1.59
C PHE D 280 -0.64 22.42 -2.26
N LYS D 281 -0.32 21.55 -3.21
CA LYS D 281 -1.36 20.86 -3.97
C LYS D 281 -2.30 20.09 -3.05
N GLY D 282 -3.59 20.22 -3.31
CA GLY D 282 -4.61 19.54 -2.52
C GLY D 282 -4.91 20.14 -1.15
N VAL D 283 -4.39 21.33 -0.89
CA VAL D 283 -4.58 22.02 0.36
C VAL D 283 -5.09 23.41 0.01
N ASP D 284 -6.21 23.82 0.62
CA ASP D 284 -6.64 25.22 0.56
C ASP D 284 -7.00 25.72 1.95
N GLU D 285 -7.38 26.98 2.03
CA GLU D 285 -7.73 27.61 3.30
C GLU D 285 -8.95 26.96 3.95
N ASN D 286 -9.78 26.26 3.16
CA ASN D 286 -10.96 25.56 3.67
C ASN D 286 -10.69 24.25 4.42
N LEU D 287 -9.48 23.73 4.28
CA LEU D 287 -9.08 22.50 4.93
C LEU D 287 -9.10 22.61 6.44
N LYS D 288 -9.89 21.73 7.03
CA LYS D 288 -10.00 21.60 8.47
C LYS D 288 -8.60 21.39 9.06
N SER D 289 -8.23 22.14 10.09
CA SER D 289 -7.08 21.70 10.92
C SER D 289 -7.62 20.54 11.73
N VAL D 290 -6.75 19.58 12.04
CA VAL D 290 -7.06 18.43 12.90
C VAL D 290 -6.26 18.56 14.22
N CYS D 291 -7.00 18.68 15.32
CA CYS D 291 -6.49 18.94 16.67
C CYS D 291 -6.33 17.69 17.50
N PHE D 292 -5.18 17.54 18.17
CA PHE D 292 -5.02 16.51 19.18
C PHE D 292 -5.24 17.23 20.49
N SER D 293 -6.26 16.79 21.24
CA SER D 293 -6.62 17.47 22.49
C SER D 293 -5.80 16.92 23.64
N SER D 294 -5.12 17.82 24.32
CA SER D 294 -4.33 17.52 25.49
C SER D 294 -5.07 17.96 26.74
N LYS D 295 -6.41 18.00 26.67
CA LYS D 295 -7.22 18.40 27.79
C LYS D 295 -7.01 17.48 28.95
N LYS D 296 -6.93 16.17 28.75
CA LYS D 296 -6.64 15.31 29.91
C LYS D 296 -5.33 15.69 30.66
N LEU D 297 -4.28 16.04 29.92
CA LEU D 297 -2.98 16.40 30.52
C LEU D 297 -3.09 17.71 31.27
N THR D 298 -3.62 18.72 30.59
CA THR D 298 -3.76 20.04 31.18
C THR D 298 -4.71 20.04 32.38
N ASP D 299 -5.72 19.17 32.36
CA ASP D 299 -6.66 19.08 33.48
C ASP D 299 -5.90 18.66 34.74
N LEU D 300 -4.99 17.70 34.63
CA LEU D 300 -4.10 17.35 35.74
C LEU D 300 -3.37 18.57 36.34
N GLY D 301 -3.10 19.61 35.56
CA GLY D 301 -2.37 20.79 36.03
C GLY D 301 -1.10 21.09 35.22
N PHE D 302 -0.75 20.21 34.29
CA PHE D 302 0.38 20.43 33.41
C PHE D 302 0.10 21.64 32.55
N GLU D 303 1.11 22.47 32.35
CA GLU D 303 1.01 23.65 31.48
C GLU D 303 2.15 23.64 30.48
N PHE D 304 1.86 23.99 29.24
CA PHE D 304 2.87 24.07 28.18
C PHE D 304 3.46 25.48 28.21
N LYS D 305 4.77 25.60 28.11
CA LYS D 305 5.43 26.92 28.06
C LYS D 305 5.66 27.52 26.68
N TYR D 306 5.70 26.68 25.65
CA TYR D 306 6.19 27.13 24.36
C TYR D 306 5.19 27.26 23.23
N SER D 307 5.46 28.21 22.32
CA SER D 307 4.62 28.47 21.18
C SER D 307 5.12 27.74 19.93
N LEU D 308 4.34 27.81 18.88
CA LEU D 308 4.75 27.12 17.65
C LEU D 308 6.01 27.78 17.06
N GLU D 309 6.07 29.11 17.17
CA GLU D 309 7.21 29.90 16.72
C GLU D 309 8.46 29.47 17.50
N ASP D 310 8.34 29.27 18.82
CA ASP D 310 9.45 28.82 19.68
C ASP D 310 10.03 27.49 19.18
N MET D 311 9.11 26.56 18.92
CA MET D 311 9.49 25.26 18.39
C MET D 311 10.42 25.40 17.21
N PHE D 312 9.90 26.08 16.21
CA PHE D 312 10.54 26.17 14.91
C PHE D 312 11.79 27.02 14.91
N THR D 313 11.79 28.10 15.69
N THR D 313 11.80 28.12 15.67
CA THR D 313 13.00 28.92 15.82
CA THR D 313 13.04 28.92 15.78
C THR D 313 14.14 28.10 16.44
C THR D 313 14.15 28.10 16.44
N GLY D 314 13.82 27.38 17.51
CA GLY D 314 14.78 26.44 18.11
C GLY D 314 15.30 25.36 17.17
N ALA D 315 14.41 24.72 16.39
CA ALA D 315 14.82 23.69 15.42
C ALA D 315 15.72 24.28 14.35
N VAL D 316 15.33 25.41 13.78
CA VAL D 316 16.10 26.01 12.68
C VAL D 316 17.49 26.49 13.18
N ASP D 317 17.53 27.18 14.32
CA ASP D 317 18.75 27.72 14.89
C ASP D 317 19.71 26.62 15.25
N THR D 318 19.21 25.53 15.82
CA THR D 318 20.10 24.41 16.07
C THR D 318 20.65 23.76 14.81
N CYS D 319 19.80 23.58 13.80
CA CYS D 319 20.24 22.92 12.58
C CYS D 319 21.31 23.76 11.88
N ARG D 320 21.12 25.06 11.91
CA ARG D 320 22.12 25.96 11.32
C ARG D 320 23.42 25.84 12.04
N ALA D 321 23.34 25.98 13.36
CA ALA D 321 24.49 25.90 14.24
C ALA D 321 25.28 24.62 13.99
N LYS D 322 24.59 23.50 13.84
CA LYS D 322 25.28 22.24 13.62
C LYS D 322 25.58 21.92 12.15
N GLY D 323 25.36 22.87 11.25
CA GLY D 323 25.56 22.67 9.82
C GLY D 323 24.62 21.68 9.15
N LEU D 324 23.47 21.38 9.77
CA LEU D 324 22.51 20.42 9.24
C LEU D 324 21.57 21.11 8.25
N LEU D 325 21.42 22.43 8.39
CA LEU D 325 20.71 23.28 7.45
C LEU D 325 21.62 24.41 6.99
N PRO D 326 21.54 24.82 5.72
CA PRO D 326 22.34 25.96 5.30
C PRO D 326 21.68 27.26 5.79
N PRO D 327 22.43 28.35 5.83
CA PRO D 327 21.84 29.60 6.30
C PRO D 327 20.76 30.20 5.39
N SER D 328 20.80 29.89 4.09
CA SER D 328 19.90 30.47 3.10
C SER D 328 19.93 29.64 1.84
N HIS D 329 18.95 29.84 0.96
CA HIS D 329 18.88 29.16 -0.36
C HIS D 329 19.35 29.96 -1.56
PA NAP E . -5.54 4.78 -29.36
O1A NAP E . -4.64 5.42 -30.31
O2A NAP E . -6.71 3.98 -29.74
O5B NAP E . -5.99 5.74 -28.16
C5B NAP E . -5.07 6.70 -27.67
C4B NAP E . -5.78 7.84 -26.95
O4B NAP E . -4.80 8.79 -26.62
C3B NAP E . -6.81 8.51 -27.85
O3B NAP E . -8.03 8.52 -27.15
C2B NAP E . -6.30 9.92 -27.98
O2B NAP E . -7.37 10.80 -27.84
C1B NAP E . -5.46 10.03 -26.72
N9A NAP E . -4.53 11.16 -26.81
C8A NAP E . -3.56 11.33 -27.75
N7A NAP E . -2.94 12.50 -27.53
C5A NAP E . -3.49 13.04 -26.44
C6A NAP E . -3.19 14.23 -25.80
N6A NAP E . -2.21 15.02 -26.26
N1A NAP E . -3.94 14.56 -24.71
C2A NAP E . -4.96 13.73 -24.28
N3A NAP E . -5.23 12.54 -24.92
C4A NAP E . -4.50 12.22 -26.00
O3 NAP E . -4.47 3.88 -28.54
PN NAP E . -4.70 2.56 -27.62
O1N NAP E . -4.06 1.50 -28.44
O2N NAP E . -6.09 2.49 -27.13
O5D NAP E . -3.64 2.98 -26.51
C5D NAP E . -4.10 3.16 -25.19
C4D NAP E . -2.90 3.21 -24.24
O4D NAP E . -2.49 1.91 -24.08
C3D NAP E . -1.62 3.98 -24.60
O3D NAP E . -1.15 4.60 -23.42
C2D NAP E . -0.60 2.93 -24.98
O2D NAP E . 0.75 3.24 -24.68
C1D NAP E . -1.10 1.78 -24.12
N1N NAP E . -0.85 0.45 -24.67
C2N NAP E . -1.49 0.03 -25.81
C3N NAP E . -1.22 -1.24 -26.32
C7N NAP E . -1.92 -1.79 -27.53
O7N NAP E . -1.31 -2.93 -28.07
N7N NAP E . -3.03 -1.25 -28.00
C4N NAP E . -0.34 -2.08 -25.68
C5N NAP E . 0.29 -1.64 -24.53
C6N NAP E . 0.03 -0.38 -24.03
P2B NAP E . -7.94 11.78 -28.99
O1X NAP E . -7.33 11.30 -30.27
O2X NAP E . -9.43 11.73 -28.71
O3X NAP E . -7.45 13.13 -28.55
C1 MYC F . 0.60 0.07 -30.83
C2 MYC F . 0.86 0.12 -29.46
C3 MYC F . 1.75 -0.83 -28.93
C4 MYC F . 2.31 -1.80 -29.75
C5 MYC F . 2.04 -1.86 -31.12
C6 MYC F . 1.15 -0.92 -31.63
C9 MYC F . 2.11 -0.83 -27.48
C10 MYC F . 3.00 -1.82 -27.03
C11 MYC F . 3.52 -2.76 -27.91
C14 MYC F . 4.45 -3.85 -27.50
C15 MYC F . 4.00 -5.17 -27.54
C16 MYC F . 4.87 -6.19 -27.18
C17 MYC F . 6.17 -5.91 -26.78
C18 MYC F . 6.63 -4.61 -26.76
C19 MYC F . 5.76 -3.56 -27.12
O12 MYC F . 3.17 -2.74 -29.23
O13 MYC F . 1.64 0.04 -26.72
O23 MYC F . 7.90 -4.36 -26.36
O24 MYC F . 7.06 -6.90 -26.43
O25 MYC F . 4.41 -7.46 -27.21
O27 MYC F . 3.39 -1.87 -25.74
O29 MYC F . 0.86 -0.95 -32.94
O30 MYC F . 0.28 1.10 -28.70
C1 MYC G . 5.54 -0.46 -35.19
C2 MYC G . 4.53 0.47 -34.92
C3 MYC G . 4.27 0.85 -33.58
C4 MYC G . 5.03 0.31 -32.55
C5 MYC G . 6.04 -0.60 -32.83
C6 MYC G . 6.29 -0.97 -34.15
C9 MYC G . 3.22 1.83 -33.17
C10 MYC G . 3.06 2.16 -31.83
C11 MYC G . 3.87 1.58 -30.84
C14 MYC G . 3.83 1.79 -29.35
C15 MYC G . 2.96 2.73 -28.82
C16 MYC G . 2.92 2.91 -27.43
C17 MYC G . 3.74 2.19 -26.59
C18 MYC G . 4.61 1.25 -27.08
C19 MYC G . 4.66 1.04 -28.48
O12 MYC G . 4.81 0.66 -31.24
O13 MYC G . 2.46 2.37 -34.03
O23 MYC G . 5.34 0.61 -26.12
O24 MYC G . 3.76 2.31 -25.26
O25 MYC G . 2.06 3.84 -26.95
O27 MYC G . 2.06 3.05 -31.62
O29 MYC G . 7.28 -1.88 -34.35
O30 MYC G . 3.79 0.96 -35.97
PA NAP H . -43.24 15.54 16.71
O1A NAP H . -43.52 14.62 17.85
O2A NAP H . -43.66 16.96 16.81
O5B NAP H . -43.44 14.90 15.24
C5B NAP H . -43.46 13.51 15.10
C4B NAP H . -44.45 13.12 13.99
O4B NAP H . -44.44 11.72 13.83
C3B NAP H . -45.83 13.52 14.44
O3B NAP H . -46.28 14.51 13.58
C2B NAP H . -46.65 12.24 14.40
O2B NAP H . -47.81 12.39 13.65
C1B NAP H . -45.75 11.31 13.62
N9A NAP H . -45.86 9.92 14.02
C8A NAP H . -45.65 9.29 15.21
N7A NAP H . -45.82 7.96 14.99
C5A NAP H . -46.12 7.76 13.69
C6A NAP H . -46.39 6.63 12.91
N6A NAP H . -46.41 5.39 13.40
N1A NAP H . -46.62 6.81 11.56
C2A NAP H . -46.61 8.05 10.99
N3A NAP H . -46.36 9.16 11.77
C4A NAP H . -46.11 8.99 13.08
O3 NAP H . -41.60 15.48 16.64
PN NAP H . -40.51 16.43 15.86
O1N NAP H . -39.73 17.10 16.90
O2N NAP H . -41.21 17.29 14.94
O5D NAP H . -39.56 15.26 15.32
C5D NAP H . -39.55 15.06 13.93
C4D NAP H . -38.37 14.21 13.51
O4D NAP H . -37.19 14.93 13.76
C3D NAP H . -38.21 12.88 14.23
O3D NAP H . -37.92 11.90 13.27
C2D NAP H . -37.01 13.00 15.15
O2D NAP H . -36.21 11.84 15.24
C1D NAP H . -36.28 14.11 14.43
N1N NAP H . -35.52 14.97 15.32
C2N NAP H . -36.13 15.94 16.04
C3N NAP H . -35.32 16.73 16.87
C7N NAP H . -35.89 17.71 17.80
O7N NAP H . -35.00 18.17 18.76
N7N NAP H . -37.15 18.15 17.74
C4N NAP H . -33.92 16.57 16.91
C5N NAP H . -33.34 15.56 16.12
C6N NAP H . -34.17 14.77 15.35
P2B NAP H . -49.29 12.29 14.26
O1X NAP H . -49.38 13.33 15.34
O2X NAP H . -50.04 12.51 12.94
O3X NAP H . -49.36 11.09 15.16
C1 MYC I . -36.90 15.16 21.54
C2 MYC I . -36.20 14.73 20.41
C3 MYC I . -34.81 14.71 20.43
C4 MYC I . -34.14 15.10 21.58
C5 MYC I . -34.84 15.52 22.70
C6 MYC I . -36.23 15.56 22.67
C9 MYC I . -33.98 14.22 19.27
C10 MYC I . -32.59 14.23 19.39
C11 MYC I . -32.01 14.68 20.57
C14 MYC I . -30.54 14.74 20.80
C15 MYC I . -29.99 16.02 20.89
C16 MYC I . -28.60 16.15 21.10
C17 MYC I . -27.78 15.03 21.24
C18 MYC I . -28.34 13.77 21.17
C19 MYC I . -29.72 13.63 20.96
O12 MYC I . -32.77 15.07 21.62
O13 MYC I . -34.56 13.83 18.21
O23 MYC I . -27.58 12.65 21.33
O24 MYC I . -26.44 15.16 21.45
O25 MYC I . -28.08 17.39 21.17
O27 MYC I . -31.77 13.81 18.38
O29 MYC I . -36.86 16.01 23.80
O30 MYC I . -36.81 14.31 19.28
C1 MYC J . -35.52 12.70 27.40
C2 MYC J . -36.62 12.69 26.53
C3 MYC J . -36.41 12.39 25.18
C4 MYC J . -35.14 12.10 24.71
C5 MYC J . -34.06 12.11 25.57
C6 MYC J . -34.23 12.41 26.92
C9 MYC J . -37.53 12.36 24.20
C10 MYC J . -37.29 12.05 22.88
C11 MYC J . -35.97 11.78 22.46
C14 MYC J . -35.58 11.42 21.06
C15 MYC J . -36.51 11.21 20.05
C16 MYC J . -36.09 10.87 18.78
C17 MYC J . -34.73 10.69 18.52
C18 MYC J . -33.80 10.87 19.50
C19 MYC J . -34.21 11.23 20.77
O12 MYC J . -34.94 11.81 23.38
O13 MYC J . -38.68 12.62 24.55
O23 MYC J . -32.50 10.68 19.13
O24 MYC J . -34.22 10.36 17.31
O25 MYC J . -37.02 10.68 17.80
O27 MYC J . -38.38 12.07 22.09
O29 MYC J . -33.11 12.39 27.71
O30 MYC J . -37.89 12.98 26.95
PA NAP K . 35.11 -29.92 -4.57
O1A NAP K . 35.31 -29.23 -3.30
O2A NAP K . 34.81 -31.37 -4.57
O5B NAP K . 36.42 -29.76 -5.51
C5B NAP K . 37.09 -28.52 -5.61
C4B NAP K . 38.61 -28.63 -5.70
O4B NAP K . 39.18 -27.35 -5.49
C3B NAP K . 39.18 -29.53 -4.60
O3B NAP K . 39.40 -30.84 -5.10
C2B NAP K . 40.43 -28.85 -4.15
O2B NAP K . 41.47 -29.75 -4.46
C1B NAP K . 40.49 -27.60 -5.03
N9A NAP K . 40.97 -26.50 -4.22
C8A NAP K . 40.53 -25.91 -3.06
N7A NAP K . 41.34 -24.90 -2.73
C5A NAP K . 42.28 -24.79 -3.69
C6A NAP K . 43.35 -23.93 -3.88
N6A NAP K . 43.67 -22.96 -3.04
N1A NAP K . 44.12 -24.15 -4.98
C2A NAP K . 43.87 -25.12 -5.90
N3A NAP K . 42.82 -25.96 -5.69
C4A NAP K . 42.06 -25.77 -4.63
O3 NAP K . 33.98 -29.14 -5.36
PN NAP K . 33.20 -29.42 -6.73
O1N NAP K . 31.77 -29.59 -6.40
O2N NAP K . 33.91 -30.47 -7.48
O5D NAP K . 33.34 -27.99 -7.40
C5D NAP K . 34.29 -27.72 -8.40
C4D NAP K . 33.94 -26.42 -9.12
O4D NAP K . 32.64 -26.45 -9.65
C3D NAP K . 34.06 -25.16 -8.27
O3D NAP K . 34.82 -24.26 -9.03
C2D NAP K . 32.63 -24.69 -8.10
O2D NAP K . 32.42 -23.29 -8.06
C1D NAP K . 31.95 -25.27 -9.32
N1N NAP K . 30.54 -25.65 -9.13
C2N NAP K . 30.17 -26.76 -8.43
C3N NAP K . 28.81 -27.08 -8.33
C7N NAP K . 28.31 -28.27 -7.53
O7N NAP K . 26.95 -28.39 -7.26
N7N NAP K . 29.22 -29.11 -7.11
C4N NAP K . 27.85 -26.25 -8.91
C5N NAP K . 28.24 -25.13 -9.61
C6N NAP K . 29.59 -24.86 -9.72
P2B NAP K . 42.67 -30.20 -3.48
O1X NAP K . 42.00 -30.15 -2.11
O2X NAP K . 43.35 -31.46 -4.01
O3X NAP K . 43.83 -29.24 -3.70
C1 MYC L . 28.35 -26.53 -3.36
C2 MYC L . 28.53 -25.77 -4.53
C3 MYC L . 27.46 -25.08 -5.08
C4 MYC L . 26.20 -25.16 -4.49
C5 MYC L . 26.05 -25.92 -3.34
C6 MYC L . 27.11 -26.58 -2.78
C9 MYC L . 27.64 -24.24 -6.29
C10 MYC L . 26.52 -23.60 -6.81
C11 MYC L . 25.29 -23.73 -6.17
C14 MYC L . 24.07 -23.03 -6.66
C15 MYC L . 23.07 -23.82 -7.20
C16 MYC L . 21.91 -23.26 -7.68
C17 MYC L . 21.74 -21.88 -7.64
C18 MYC L . 22.71 -21.04 -7.08
C19 MYC L . 23.89 -21.62 -6.58
O12 MYC L . 25.12 -24.49 -5.02
O13 MYC L . 28.82 -24.22 -6.79
O23 MYC L . 22.44 -19.71 -7.04
O24 MYC L . 20.58 -21.34 -8.10
O25 MYC L . 20.92 -24.07 -8.18
O27 MYC L . 26.60 -22.83 -7.95
O29 MYC L . 26.84 -27.29 -1.63
O30 MYC L . 29.74 -25.69 -5.14
C1 MYC M . 25.16 -23.76 1.94
C2 MYC M . 26.39 -24.32 1.71
C3 MYC M . 27.06 -24.00 0.52
C4 MYC M . 26.52 -23.10 -0.40
C5 MYC M . 25.30 -22.55 -0.16
C6 MYC M . 24.62 -22.88 1.02
C9 MYC M . 28.36 -24.57 0.19
C10 MYC M . 29.01 -24.19 -1.00
C11 MYC M . 28.38 -23.30 -1.86
C14 MYC M . 28.93 -22.78 -3.15
C15 MYC M . 30.25 -23.03 -3.51
C16 MYC M . 30.74 -22.49 -4.71
C17 MYC M . 29.91 -21.67 -5.47
C18 MYC M . 28.64 -21.42 -5.11
C19 MYC M . 28.11 -21.94 -3.93
O12 MYC M . 27.14 -22.77 -1.56
O13 MYC M . 28.91 -25.35 0.99
O23 MYC M . 28.06 -20.60 -6.04
O24 MYC M . 30.20 -21.07 -6.66
O25 MYC M . 32.02 -22.77 -5.08
O27 MYC M . 30.23 -24.77 -1.20
O29 MYC M . 23.41 -22.30 1.22
O30 MYC M . 26.90 -25.20 2.64
PA NAP N . 15.34 8.85 17.36
O1A NAP N . 15.40 8.15 16.05
O2A NAP N . 16.00 10.18 17.45
O5B NAP N . 15.59 8.00 18.71
C5B NAP N . 15.11 6.71 18.87
C4B NAP N . 16.08 5.81 19.57
O4B NAP N . 15.67 4.47 19.39
C3B NAP N . 17.45 5.93 18.91
O3B NAP N . 18.22 6.72 19.75
C2B NAP N . 17.96 4.52 18.75
O2B NAP N . 19.17 4.37 19.46
C1B NAP N . 16.85 3.73 19.42
N9A NAP N . 16.66 2.45 18.75
C8A NAP N . 16.39 2.18 17.43
N7A NAP N . 16.34 0.81 17.32
C5A NAP N . 16.58 0.26 18.55
C6A NAP N . 16.64 -1.02 19.02
N6A NAP N . 16.41 -2.02 18.17
N1A NAP N . 16.90 -1.25 20.36
C2A NAP N . 17.11 -0.23 21.24
N3A NAP N . 17.04 1.06 20.77
C4A NAP N . 16.78 1.29 19.46
O3 NAP N . 13.79 9.33 17.40
PN NAP N . 12.92 10.18 18.43
O1N NAP N . 12.28 11.27 17.67
O2N NAP N . 13.78 10.63 19.56
O5D NAP N . 11.84 9.08 18.86
C5D NAP N . 11.73 8.59 20.17
C4D NAP N . 10.36 7.95 20.39
O4D NAP N . 9.36 8.93 20.25
C3D NAP N . 9.95 6.77 19.51
O3D NAP N . 9.39 5.78 20.37
C2D NAP N . 8.94 7.39 18.57
O2D NAP N . 7.92 6.53 18.14
C1D NAP N . 8.30 8.47 19.44
N1N NAP N . 7.66 9.66 18.81
C2N NAP N . 8.49 10.61 18.25
C3N NAP N . 7.94 11.73 17.68
C7N NAP N . 8.80 12.78 17.12
O7N NAP N . 8.13 13.77 16.43
N7N NAP N . 10.10 12.73 17.29
C4N NAP N . 6.56 11.97 17.69
C5N NAP N . 5.76 11.04 18.34
C6N NAP N . 6.31 9.87 18.85
P2B NAP N . 20.60 3.94 18.88
O1X NAP N . 20.68 4.47 17.51
O2X NAP N . 21.52 4.29 20.06
O3X NAP N . 20.87 2.49 18.72
C1 MYC O . 9.35 10.93 13.07
C2 MYC O . 8.48 10.45 14.05
C3 MYC O . 7.12 10.76 14.00
C4 MYC O . 6.61 11.54 12.98
C5 MYC O . 7.46 12.03 11.99
C6 MYC O . 8.81 11.73 12.03
C9 MYC O . 6.14 10.25 15.02
C10 MYC O . 4.80 10.60 14.92
C11 MYC O . 4.37 11.41 13.87
C14 MYC O . 2.94 11.79 13.73
C15 MYC O . 2.61 13.10 13.98
C16 MYC O . 1.30 13.54 13.85
C17 MYC O . 0.29 12.66 13.49
C18 MYC O . 0.61 11.34 13.23
C19 MYC O . 1.93 10.89 13.34
O12 MYC O . 5.27 11.86 12.93
O13 MYC O . 6.57 9.51 15.96
O23 MYC O . -0.42 10.54 12.87
O24 MYC O . -1.00 13.05 13.40
O25 MYC O . 1.03 14.86 14.12
O27 MYC O . 3.91 10.17 15.83
O29 MYC O . 9.53 12.24 11.02
O30 MYC O . 8.94 9.65 15.04
C1 MYC P . 7.42 10.30 6.58
C2 MYC P . 8.47 9.87 7.35
C3 MYC P . 8.24 9.34 8.61
C4 MYC P . 6.96 9.22 9.08
C5 MYC P . 5.89 9.63 8.30
C6 MYC P . 6.12 10.16 7.04
C9 MYC P . 9.35 8.89 9.46
C10 MYC P . 9.07 8.33 10.71
C11 MYC P . 7.75 8.23 11.11
C14 MYC P . 7.18 7.68 12.39
C15 MYC P . 5.79 7.76 12.61
C16 MYC P . 5.28 7.25 13.80
C17 MYC P . 6.09 6.67 14.73
C18 MYC P . 7.43 6.58 14.52
C19 MYC P . 7.99 7.07 13.34
O12 MYC P . 6.77 8.72 10.31
O13 MYC P . 10.52 9.02 9.01
O23 MYC P . 8.26 6.01 15.44
O24 MYC P . 5.40 6.22 15.83
O25 MYC P . 3.99 7.25 14.21
O27 MYC P . 10.13 7.92 11.45
O29 MYC P . 5.06 10.54 6.30
O30 MYC P . 9.75 9.96 6.91
#